data_9J8O
#
_entry.id   9J8O
#
_cell.length_a   1.00
_cell.length_b   1.00
_cell.length_c   1.00
_cell.angle_alpha   90.00
_cell.angle_beta   90.00
_cell.angle_gamma   90.00
#
_symmetry.space_group_name_H-M   'P 1'
#
loop_
_entity.id
_entity.type
_entity.pdbx_description
1 polymer 'Histone H3.1'
2 polymer 'Histone H4'
3 polymer 'Histone H2A type 1-B/E'
4 polymer 'Histone H2B type 1-J'
5 polymer 'DNA (193-MER)'
6 polymer 'DNA (193-MER)'
7 polymer 'Barrier-to-autointegration factor'
8 polymer Lamin-A/C
9 polymer 'Histone H1.1'
#
loop_
_entity_poly.entity_id
_entity_poly.type
_entity_poly.pdbx_seq_one_letter_code
_entity_poly.pdbx_strand_id
1 'polypeptide(L)'
;GSHMARTKQTARKSTGGKAPRKQLATKAARKSAPATGGVKKPHRYRPGTVALREIRRYQKSTELLIRKLPFQRLVREIAQ
DFKTDLRFQSSAVMALQEACEAYLVGLFEDTNLCAIHAKRVTIMPKDIQLARRIRGERA
;
A,E,a,e
2 'polypeptide(L)'
;GSHMSGRGKGGKGLGKGGAKRHRKVLRDNIQGITKPAIRRLARRGGVKRISGLIYEETRGVLKVFLENVIRDAVTYTEHA
KRKTVTAMDVVYALKRQGRTLYGFGG
;
B,F,b,f
3 'polypeptide(L)'
;GSHMSGRGKQGGKARAKAKTRSSRAGLQFPVGRVHRLLRKGNYSERVGAGAPVYLAAVLEYLTAEILELAGNAARDNKKT
RIIPRHLQLAIRNDEELNKLLGRVTIAQGGVLPNIQAVLLPKKTESHHKAKGK
;
C,G,c,g
4 'polypeptide(L)'
;GSHMPEPAKSAPAPKKGSKKAVTKAQKKDGKKRKRSRKESYSIYVYKVLKQVHPDTGISSKAMGIMNSFVNDIFERIAGE
ASRLAHYNKRSTITSREIQTAVRLLLPGELAKHAVSEGTKAVTKYTSAK
;
D,H,d,h
5 'polydeoxyribonucleotide'
;(DA)(DT)(DC)(DG)(DG)(DA)(DC)(DC)(DC)(DT)(DA)(DT)(DC)(DG)(DC)(DG)(DA)(DG)(DC)(DC)
(DA)(DG)(DG)(DC)(DC)(DT)(DG)(DA)(DG)(DA)(DA)(DT)(DC)(DC)(DG)(DG)(DT)(DG)(DC)(DC)
(DG)(DA)(DG)(DG)(DC)(DC)(DG)(DC)(DT)(DC)(DA)(DA)(DT)(DT)(DG)(DG)(DT)(DC)(DG)(DT)
(DA)(DG)(DA)(DC)(DA)(DG)(DC)(DT)(DC)(DT)(DA)(DG)(DC)(DA)(DC)(DC)(DG)(DC)(DT)(DT)
(DA)(DA)(DA)(DC)(DG)(DC)(DA)(DC)(DG)(DT)(DA)(DC)(DG)(DC)(DG)(DC)(DT)(DG)(DT)(DC)
(DC)(DC)(DC)(DC)(DG)(DC)(DG)(DT)(DT)(DT)(DT)(DA)(DA)(DC)(DC)(DG)(DC)(DC)(DA)(DA)
(DG)(DG)(DG)(DG)(DA)(DT)(DT)(DA)(DC)(DT)(DC)(DC)(DC)(DT)(DA)(DG)(DT)(DC)(DT)(DC)
(DC)(DA)(DG)(DG)(DC)(DA)(DC)(DG)(DT)(DG)(DT)(DC)(DA)(DG)(DA)(DT)(DA)(DT)(DA)(DT)
(DA)(DC)(DA)(DT)(DC)(DC)(DA)(DG)(DG)(DC)(DC)(DT)(DT)(DG)(DT)(DG)(DT)(DC)(DG)(DC)
(DG)(DA)(DA)(DA)(DT)(DT)(DC)(DA)(DT)(DA)(DG)(DA)(DT)
;
I,i
6 'polydeoxyribonucleotide'
;(DA)(DT)(DC)(DT)(DA)(DT)(DG)(DA)(DA)(DT)(DT)(DT)(DC)(DG)(DC)(DG)(DA)(DC)(DA)(DC)
(DA)(DA)(DG)(DG)(DC)(DC)(DT)(DG)(DG)(DA)(DT)(DG)(DT)(DA)(DT)(DA)(DT)(DA)(DT)(DC)
(DT)(DG)(DA)(DC)(DA)(DC)(DG)(DT)(DG)(DC)(DC)(DT)(DG)(DG)(DA)(DG)(DA)(DC)(DT)(DA)
(DG)(DG)(DG)(DA)(DG)(DT)(DA)(DA)(DT)(DC)(DC)(DC)(DC)(DT)(DT)(DG)(DG)(DC)(DG)(DG)
(DT)(DT)(DA)(DA)(DA)(DA)(DC)(DG)(DC)(DG)(DG)(DG)(DG)(DG)(DA)(DC)(DA)(DG)(DC)(DG)
(DC)(DG)(DT)(DA)(DC)(DG)(DT)(DG)(DC)(DG)(DT)(DT)(DT)(DA)(DA)(DG)(DC)(DG)(DG)(DT)
(DG)(DC)(DT)(DA)(DG)(DA)(DG)(DC)(DT)(DG)(DT)(DC)(DT)(DA)(DC)(DG)(DA)(DC)(DC)(DA)
(DA)(DT)(DT)(DG)(DA)(DG)(DC)(DG)(DG)(DC)(DC)(DT)(DC)(DG)(DG)(DC)(DA)(DC)(DC)(DG)
(DG)(DA)(DT)(DT)(DC)(DT)(DC)(DA)(DG)(DG)(DC)(DC)(DT)(DG)(DG)(DC)(DT)(DC)(DG)(DC)
(DG)(DA)(DT)(DA)(DG)(DG)(DG)(DT)(DC)(DC)(DG)(DA)(DT)
;
J,j
7 'polypeptide(L)'
;GSHMMTTSQKHRDFVAEPMGEKPVGSLAGIGEVLGKKLEERGFDKAYVVLGQFLVLKKDEDLFREWLKDTCGANAKQSRD
CFGCLREWCDAFL
;
K,L,k,l
8 'polypeptide(L)'
;SHGGGSVTKKRKLESTESRSSFSQHARTSGRVAVEEVDEEGKFVRLRNKSNEDQSMGNWQIKRQNGDDPLLTYRFPPKFT
LKAGQVVTIWAAGAGATHSPPTDLVWKAQNTWGCGNSLRTALINSTGEEVAMRKLVRSVTVVEDDEDEDGDDLLHHHH
;
M,m
9 'polypeptide(L)'
;MSETVPPAPAASAAPEKPLAGKKAKKPAKAAAASKKKPAGPSVSELIVQAASSSKERGGVSLAALKKALAAAGYDVEKNN
SRIKLGIKSLVSKGTLVQTKGTGASGSFKLNKKASSVETKPGASKVATKTKATGASKKLKKATGASKKSVKTPKKAKKPA
ATRKSSKNPKKPKTVKPKKVAKSPAKAKAVKPKAAKARVTKPKTAKPKKAAPKKKLEVLFQ
;
N,n
#
# COMPACT_ATOMS: atom_id res chain seq x y z
N PRO A 42 15.53 -49.05 10.55
CA PRO A 42 14.83 -49.57 11.73
C PRO A 42 13.43 -50.04 11.39
N HIS A 43 12.55 -50.08 12.40
CA HIS A 43 11.15 -50.40 12.16
C HIS A 43 10.44 -49.23 11.50
N ARG A 44 9.45 -49.53 10.67
CA ARG A 44 8.71 -48.50 9.97
C ARG A 44 7.42 -49.11 9.43
N TYR A 45 6.27 -48.62 9.90
CA TYR A 45 5.02 -49.12 9.38
C TYR A 45 4.83 -48.71 7.93
N ARG A 46 4.32 -49.64 7.14
CA ARG A 46 4.03 -49.36 5.75
C ARG A 46 2.91 -48.33 5.66
N PRO A 47 2.85 -47.55 4.59
CA PRO A 47 1.79 -46.56 4.45
C PRO A 47 0.42 -47.22 4.51
N GLY A 48 -0.50 -46.62 5.27
CA GLY A 48 -1.83 -47.16 5.36
C GLY A 48 -2.23 -47.65 6.74
N THR A 49 -1.31 -48.27 7.47
CA THR A 49 -1.67 -48.83 8.78
C THR A 49 -1.83 -47.75 9.84
N VAL A 50 -0.95 -46.75 9.82
CA VAL A 50 -1.14 -45.62 10.72
C VAL A 50 -2.47 -44.93 10.43
N ALA A 51 -2.87 -44.91 9.15
CA ALA A 51 -4.16 -44.34 8.80
C ALA A 51 -5.30 -45.06 9.51
N LEU A 52 -5.27 -46.39 9.52
CA LEU A 52 -6.35 -47.13 10.15
C LEU A 52 -6.30 -47.01 11.66
N ARG A 53 -5.11 -46.97 12.25
CA ARG A 53 -5.03 -46.75 13.70
C ARG A 53 -5.61 -45.38 14.07
N GLU A 54 -5.28 -44.36 13.28
CA GLU A 54 -5.88 -43.05 13.50
C GLU A 54 -7.39 -43.09 13.34
N ILE A 55 -7.88 -43.79 12.31
CA ILE A 55 -9.31 -43.86 12.09
C ILE A 55 -10.01 -44.44 13.30
N ARG A 56 -9.51 -45.57 13.80
CA ARG A 56 -10.16 -46.19 14.95
C ARG A 56 -10.09 -45.29 16.18
N ARG A 57 -8.92 -44.68 16.44
CA ARG A 57 -8.79 -43.85 17.62
C ARG A 57 -9.73 -42.65 17.56
N TYR A 58 -9.81 -41.98 16.42
CA TYR A 58 -10.63 -40.78 16.32
C TYR A 58 -12.12 -41.09 16.23
N GLN A 59 -12.51 -42.24 15.72
CA GLN A 59 -13.92 -42.58 15.79
C GLN A 59 -14.32 -43.10 17.15
N LYS A 60 -13.36 -43.51 17.98
CA LYS A 60 -13.70 -43.96 19.32
C LYS A 60 -13.83 -42.81 20.32
N SER A 61 -13.16 -41.69 20.09
CA SER A 61 -13.17 -40.57 21.03
C SER A 61 -14.09 -39.47 20.54
N THR A 62 -14.40 -38.55 21.45
CA THR A 62 -15.41 -37.53 21.19
C THR A 62 -14.94 -36.10 21.40
N GLU A 63 -13.72 -35.88 21.86
CA GLU A 63 -13.27 -34.51 22.12
C GLU A 63 -13.10 -33.74 20.83
N LEU A 64 -13.05 -32.41 20.96
CA LEU A 64 -12.95 -31.54 19.80
C LEU A 64 -11.59 -31.66 19.13
N LEU A 65 -11.59 -31.67 17.81
CA LEU A 65 -10.40 -31.95 17.02
C LEU A 65 -9.71 -30.69 16.51
N ILE A 66 -10.27 -29.51 16.77
CA ILE A 66 -9.67 -28.26 16.37
C ILE A 66 -9.23 -27.51 17.62
N ARG A 67 -8.03 -26.94 17.58
CA ARG A 67 -7.54 -26.20 18.72
C ARG A 67 -8.44 -25.00 18.99
N LYS A 68 -8.69 -24.72 20.27
CA LYS A 68 -9.78 -23.81 20.62
C LYS A 68 -9.46 -22.37 20.25
N LEU A 69 -8.25 -21.90 20.58
CA LEU A 69 -7.94 -20.49 20.35
C LEU A 69 -7.95 -20.09 18.87
N PRO A 70 -7.35 -20.85 17.95
CA PRO A 70 -7.43 -20.43 16.54
C PRO A 70 -8.86 -20.30 16.05
N PHE A 71 -9.73 -21.23 16.44
CA PHE A 71 -11.12 -21.15 16.04
C PHE A 71 -11.79 -19.95 16.68
N GLN A 72 -11.47 -19.65 17.93
CA GLN A 72 -12.08 -18.50 18.58
C GLN A 72 -11.73 -17.22 17.83
N ARG A 73 -10.46 -17.09 17.43
CA ARG A 73 -10.07 -15.88 16.73
C ARG A 73 -10.67 -15.84 15.32
N LEU A 74 -10.84 -16.99 14.67
CA LEU A 74 -11.52 -17.00 13.39
C LEU A 74 -12.97 -16.55 13.50
N VAL A 75 -13.66 -17.02 14.54
CA VAL A 75 -15.04 -16.62 14.76
C VAL A 75 -15.12 -15.11 14.95
N ARG A 76 -14.23 -14.57 15.78
CA ARG A 76 -14.29 -13.13 16.03
C ARG A 76 -13.98 -12.35 14.76
N GLU A 77 -13.00 -12.80 13.98
CA GLU A 77 -12.69 -12.09 12.73
C GLU A 77 -13.88 -12.10 11.78
N ILE A 78 -14.54 -13.24 11.61
CA ILE A 78 -15.66 -13.28 10.69
C ILE A 78 -16.79 -12.39 11.17
N ALA A 79 -17.08 -12.42 12.47
CA ALA A 79 -18.16 -11.57 12.97
C ALA A 79 -17.80 -10.10 12.94
N GLN A 80 -16.52 -9.77 12.80
CA GLN A 80 -16.13 -8.37 12.75
C GLN A 80 -16.68 -7.64 11.54
N ASP A 81 -17.05 -8.34 10.48
CA ASP A 81 -17.53 -7.69 9.27
C ASP A 81 -19.01 -7.34 9.32
N PHE A 82 -19.75 -7.83 10.31
CA PHE A 82 -21.18 -7.55 10.42
C PHE A 82 -21.52 -6.61 11.55
N LYS A 83 -20.69 -6.58 12.59
CA LYS A 83 -20.82 -5.62 13.68
C LYS A 83 -19.43 -5.43 14.24
N THR A 84 -19.23 -4.32 14.94
CA THR A 84 -17.86 -3.95 15.29
C THR A 84 -17.44 -4.46 16.66
N ASP A 85 -18.34 -4.39 17.64
CA ASP A 85 -17.96 -4.61 19.03
C ASP A 85 -18.76 -5.74 19.69
N LEU A 86 -18.83 -6.89 19.02
CA LEU A 86 -19.57 -8.02 19.58
C LEU A 86 -18.69 -8.83 20.52
N ARG A 87 -19.27 -9.23 21.65
CA ARG A 87 -18.59 -10.07 22.62
C ARG A 87 -19.29 -11.41 22.68
N PHE A 88 -18.53 -12.49 22.52
CA PHE A 88 -19.08 -13.83 22.42
C PHE A 88 -19.02 -14.51 23.77
N GLN A 89 -20.14 -15.02 24.24
CA GLN A 89 -20.10 -15.90 25.39
C GLN A 89 -19.28 -17.13 25.05
N SER A 90 -18.63 -17.71 26.06
CA SER A 90 -17.81 -18.88 25.80
C SER A 90 -18.66 -20.03 25.25
N SER A 91 -19.84 -20.23 25.81
CA SER A 91 -20.70 -21.30 25.32
C SER A 91 -21.11 -21.07 23.88
N ALA A 92 -21.22 -19.82 23.45
CA ALA A 92 -21.53 -19.56 22.05
C ALA A 92 -20.41 -20.04 21.15
N VAL A 93 -19.17 -19.76 21.52
CA VAL A 93 -18.06 -20.24 20.71
C VAL A 93 -18.01 -21.75 20.70
N MET A 94 -18.33 -22.38 21.83
CA MET A 94 -18.39 -23.84 21.85
C MET A 94 -19.48 -24.36 20.92
N ALA A 95 -20.65 -23.72 20.92
CA ALA A 95 -21.72 -24.17 20.03
C ALA A 95 -21.29 -24.06 18.58
N LEU A 96 -20.67 -22.93 18.22
CA LEU A 96 -20.23 -22.77 16.86
C LEU A 96 -19.19 -23.82 16.50
N GLN A 97 -18.30 -24.14 17.43
CA GLN A 97 -17.27 -25.13 17.13
C GLN A 97 -17.85 -26.53 16.96
N GLU A 98 -18.81 -26.91 17.80
CA GLU A 98 -19.47 -28.21 17.64
C GLU A 98 -20.17 -28.28 16.29
N ALA A 99 -20.88 -27.21 15.91
CA ALA A 99 -21.56 -27.21 14.63
C ALA A 99 -20.58 -27.36 13.48
N CYS A 100 -19.48 -26.60 13.51
CA CYS A 100 -18.51 -26.68 12.41
C CYS A 100 -17.86 -28.05 12.34
N GLU A 101 -17.52 -28.63 13.49
CA GLU A 101 -16.92 -29.96 13.46
C GLU A 101 -17.87 -30.99 12.90
N ALA A 102 -19.12 -31.00 13.36
CA ALA A 102 -20.07 -32.00 12.86
C ALA A 102 -20.32 -31.81 11.38
N TYR A 103 -20.43 -30.56 10.93
CA TYR A 103 -20.65 -30.33 9.50
C TYR A 103 -19.47 -30.82 8.68
N LEU A 104 -18.24 -30.52 9.11
CA LEU A 104 -17.08 -30.96 8.34
C LEU A 104 -16.95 -32.47 8.33
N VAL A 105 -17.21 -33.12 9.45
CA VAL A 105 -17.14 -34.58 9.47
C VAL A 105 -18.18 -35.18 8.51
N GLY A 106 -19.40 -34.67 8.54
CA GLY A 106 -20.40 -35.17 7.59
C GLY A 106 -20.00 -34.92 6.15
N LEU A 107 -19.43 -33.75 5.88
CA LEU A 107 -18.99 -33.44 4.52
C LEU A 107 -17.89 -34.39 4.08
N PHE A 108 -16.98 -34.74 4.99
CA PHE A 108 -15.91 -35.65 4.61
C PHE A 108 -16.42 -37.07 4.45
N GLU A 109 -17.45 -37.47 5.17
CA GLU A 109 -18.06 -38.77 4.89
C GLU A 109 -18.62 -38.81 3.48
N ASP A 110 -19.37 -37.76 3.11
CA ASP A 110 -19.92 -37.73 1.76
C ASP A 110 -18.83 -37.66 0.71
N THR A 111 -17.76 -36.90 0.98
CA THR A 111 -16.65 -36.84 0.05
C THR A 111 -15.98 -38.20 -0.11
N ASN A 112 -15.82 -38.93 1.00
CA ASN A 112 -15.24 -40.26 0.91
C ASN A 112 -16.10 -41.18 0.06
N LEU A 113 -17.42 -41.07 0.20
CA LEU A 113 -18.31 -41.85 -0.67
C LEU A 113 -18.11 -41.46 -2.14
N CYS A 114 -18.00 -40.18 -2.43
CA CYS A 114 -17.77 -39.74 -3.80
C CYS A 114 -16.47 -40.31 -4.34
N ALA A 115 -15.42 -40.32 -3.51
CA ALA A 115 -14.13 -40.83 -3.96
C ALA A 115 -14.17 -42.33 -4.19
N ILE A 116 -14.72 -43.08 -3.25
CA ILE A 116 -14.78 -44.54 -3.40
C ILE A 116 -15.60 -44.91 -4.61
N HIS A 117 -16.68 -44.16 -4.86
CA HIS A 117 -17.51 -44.46 -6.02
C HIS A 117 -16.73 -44.37 -7.31
N ALA A 118 -15.75 -43.48 -7.38
CA ALA A 118 -14.99 -43.27 -8.61
C ALA A 118 -13.76 -44.14 -8.71
N LYS A 119 -13.72 -45.27 -8.01
CA LYS A 119 -12.60 -46.20 -8.07
C LYS A 119 -11.28 -45.57 -7.62
N ARG A 120 -11.32 -44.78 -6.56
CA ARG A 120 -10.14 -44.17 -5.99
C ARG A 120 -10.18 -44.33 -4.47
N VAL A 121 -9.11 -43.87 -3.81
CA VAL A 121 -9.04 -43.88 -2.36
C VAL A 121 -8.69 -42.48 -1.89
N THR A 122 -8.01 -41.72 -2.74
CA THR A 122 -7.62 -40.36 -2.42
C THR A 122 -8.72 -39.38 -2.82
N ILE A 123 -9.20 -38.62 -1.85
CA ILE A 123 -10.26 -37.65 -2.09
C ILE A 123 -9.64 -36.36 -2.62
N MET A 124 -10.34 -35.72 -3.53
CA MET A 124 -9.82 -34.59 -4.29
C MET A 124 -10.83 -33.45 -4.28
N PRO A 125 -10.38 -32.23 -4.59
CA PRO A 125 -11.32 -31.10 -4.57
C PRO A 125 -12.53 -31.29 -5.45
N LYS A 126 -12.42 -32.02 -6.56
CA LYS A 126 -13.62 -32.28 -7.34
C LYS A 126 -14.61 -33.15 -6.56
N ASP A 127 -14.11 -34.00 -5.67
CA ASP A 127 -15.01 -34.77 -4.81
C ASP A 127 -15.79 -33.85 -3.87
N ILE A 128 -15.11 -32.93 -3.21
CA ILE A 128 -15.80 -32.02 -2.30
C ILE A 128 -16.78 -31.15 -3.07
N GLN A 129 -16.39 -30.69 -4.25
CA GLN A 129 -17.29 -29.89 -5.07
C GLN A 129 -18.54 -30.69 -5.44
N LEU A 130 -18.38 -31.95 -5.84
CA LEU A 130 -19.54 -32.76 -6.18
C LEU A 130 -20.43 -32.98 -4.97
N ALA A 131 -19.85 -33.28 -3.82
CA ALA A 131 -20.67 -33.50 -2.63
C ALA A 131 -21.47 -32.27 -2.29
N ARG A 132 -20.84 -31.09 -2.32
CA ARG A 132 -21.58 -29.89 -1.99
C ARG A 132 -22.58 -29.53 -3.07
N ARG A 133 -22.36 -29.95 -4.30
CA ARG A 133 -23.36 -29.67 -5.33
C ARG A 133 -24.57 -30.57 -5.20
N ILE A 134 -24.35 -31.85 -4.90
CA ILE A 134 -25.49 -32.76 -4.78
C ILE A 134 -26.28 -32.46 -3.51
N ARG A 135 -25.59 -32.17 -2.40
CA ARG A 135 -26.30 -31.88 -1.17
C ARG A 135 -27.19 -30.66 -1.28
N GLY A 136 -26.95 -29.82 -2.27
CA GLY A 136 -27.73 -28.62 -2.47
C GLY A 136 -27.06 -27.33 -2.08
N GLU A 137 -25.81 -27.37 -1.63
CA GLU A 137 -25.10 -26.16 -1.27
C GLU A 137 -24.58 -25.47 -2.52
N ASN B 29 -7.02 -15.17 9.72
CA ASN B 29 -6.91 -16.16 10.78
C ASN B 29 -7.36 -17.52 10.31
N ILE B 30 -7.86 -17.58 9.08
CA ILE B 30 -8.32 -18.86 8.53
C ILE B 30 -7.16 -19.85 8.48
N GLN B 31 -5.93 -19.36 8.47
CA GLN B 31 -4.77 -20.24 8.55
C GLN B 31 -4.65 -20.94 9.90
N GLY B 32 -5.43 -20.52 10.90
CA GLY B 32 -5.43 -21.23 12.16
C GLY B 32 -6.04 -22.60 12.09
N ILE B 33 -6.85 -22.86 11.06
CA ILE B 33 -7.37 -24.21 10.82
C ILE B 33 -6.26 -24.98 10.14
N THR B 34 -5.37 -25.57 10.94
CA THR B 34 -4.11 -26.08 10.45
C THR B 34 -4.32 -27.32 9.59
N LYS B 35 -3.27 -27.71 8.89
CA LYS B 35 -3.31 -28.96 8.15
C LYS B 35 -3.53 -30.18 9.04
N PRO B 36 -2.88 -30.33 10.18
CA PRO B 36 -3.22 -31.46 11.06
C PRO B 36 -4.66 -31.46 11.54
N ALA B 37 -5.28 -30.30 11.74
CA ALA B 37 -6.67 -30.28 12.20
C ALA B 37 -7.59 -30.84 11.13
N ILE B 38 -7.42 -30.39 9.88
CA ILE B 38 -8.21 -30.94 8.79
C ILE B 38 -7.91 -32.42 8.61
N ARG B 39 -6.66 -32.80 8.82
CA ARG B 39 -6.30 -34.21 8.73
C ARG B 39 -7.07 -35.03 9.76
N ARG B 40 -7.13 -34.56 10.99
CA ARG B 40 -7.86 -35.27 12.03
C ARG B 40 -9.34 -35.33 11.70
N LEU B 41 -9.92 -34.23 11.23
CA LEU B 41 -11.34 -34.22 10.90
C LEU B 41 -11.65 -35.22 9.80
N ALA B 42 -10.83 -35.27 8.77
CA ALA B 42 -11.03 -36.25 7.71
C ALA B 42 -10.87 -37.66 8.23
N ARG B 43 -9.94 -37.88 9.17
CA ARG B 43 -9.78 -39.20 9.75
C ARG B 43 -11.05 -39.62 10.49
N ARG B 44 -11.67 -38.69 11.20
CA ARG B 44 -12.92 -39.04 11.86
C ARG B 44 -13.99 -39.42 10.86
N GLY B 45 -13.97 -38.82 9.69
CA GLY B 45 -14.98 -39.15 8.71
C GLY B 45 -14.77 -40.47 8.01
N GLY B 46 -13.67 -41.14 8.27
CA GLY B 46 -13.36 -42.39 7.61
C GLY B 46 -12.49 -42.28 6.39
N VAL B 47 -11.87 -41.13 6.16
CA VAL B 47 -11.03 -40.92 4.99
C VAL B 47 -9.68 -41.58 5.21
N LYS B 48 -9.16 -42.24 4.19
CA LYS B 48 -7.89 -42.96 4.30
C LYS B 48 -6.73 -42.20 3.68
N ARG B 49 -6.92 -41.57 2.52
CA ARG B 49 -5.85 -40.87 1.83
C ARG B 49 -6.36 -39.52 1.37
N ILE B 50 -5.64 -38.46 1.70
CA ILE B 50 -6.10 -37.09 1.47
C ILE B 50 -5.16 -36.42 0.48
N SER B 51 -5.72 -35.74 -0.50
CA SER B 51 -4.90 -35.04 -1.49
C SER B 51 -4.24 -33.82 -0.85
N GLY B 52 -3.59 -33.02 -1.67
CA GLY B 52 -2.86 -31.88 -1.17
C GLY B 52 -3.62 -30.58 -1.36
N LEU B 53 -4.46 -30.52 -2.39
CA LEU B 53 -5.24 -29.33 -2.63
C LEU B 53 -6.49 -29.28 -1.77
N ILE B 54 -6.75 -30.34 -1.01
CA ILE B 54 -7.95 -30.44 -0.19
C ILE B 54 -7.95 -29.36 0.88
N TYR B 55 -6.78 -29.02 1.41
CA TYR B 55 -6.72 -28.17 2.59
C TYR B 55 -7.25 -26.77 2.32
N GLU B 56 -6.83 -26.16 1.22
CA GLU B 56 -7.34 -24.83 0.91
C GLU B 56 -8.83 -24.86 0.62
N GLU B 57 -9.29 -25.89 -0.09
CA GLU B 57 -10.70 -26.00 -0.40
C GLU B 57 -11.52 -26.15 0.87
N THR B 58 -11.04 -26.95 1.81
CA THR B 58 -11.76 -27.12 3.07
C THR B 58 -11.77 -25.82 3.86
N ARG B 59 -10.66 -25.08 3.85
CA ARG B 59 -10.67 -23.79 4.53
C ARG B 59 -11.72 -22.87 3.93
N GLY B 60 -11.81 -22.85 2.60
CA GLY B 60 -12.82 -22.02 1.97
C GLY B 60 -14.23 -22.43 2.33
N VAL B 61 -14.49 -23.75 2.33
CA VAL B 61 -15.82 -24.25 2.66
C VAL B 61 -16.19 -23.91 4.10
N LEU B 62 -15.26 -24.10 5.01
CA LEU B 62 -15.51 -23.76 6.41
C LEU B 62 -15.76 -22.26 6.55
N LYS B 63 -15.02 -21.46 5.80
CA LYS B 63 -15.23 -20.01 5.86
C LYS B 63 -16.63 -19.65 5.43
N VAL B 64 -17.11 -20.27 4.34
CA VAL B 64 -18.46 -19.98 3.86
C VAL B 64 -19.49 -20.37 4.90
N PHE B 65 -19.36 -21.58 5.46
CA PHE B 65 -20.35 -22.05 6.43
C PHE B 65 -20.35 -21.18 7.67
N LEU B 66 -19.18 -20.83 8.18
CA LEU B 66 -19.12 -20.00 9.37
C LEU B 66 -19.70 -18.62 9.11
N GLU B 67 -19.45 -18.06 7.94
CA GLU B 67 -20.09 -16.80 7.58
C GLU B 67 -21.61 -16.96 7.66
N ASN B 68 -22.14 -18.02 7.05
CA ASN B 68 -23.58 -18.15 6.95
C ASN B 68 -24.22 -18.37 8.31
N VAL B 69 -23.51 -18.98 9.26
CA VAL B 69 -24.12 -19.16 10.58
C VAL B 69 -23.96 -17.91 11.43
N ILE B 70 -22.78 -17.31 11.43
CA ILE B 70 -22.56 -16.17 12.31
C ILE B 70 -23.36 -14.96 11.84
N ARG B 71 -23.63 -14.86 10.54
CA ARG B 71 -24.46 -13.76 10.09
C ARG B 71 -25.84 -13.82 10.71
N ASP B 72 -26.45 -14.99 10.72
CA ASP B 72 -27.78 -15.13 11.32
C ASP B 72 -27.71 -14.97 12.83
N ALA B 73 -26.64 -15.45 13.46
CA ALA B 73 -26.53 -15.25 14.90
C ALA B 73 -26.44 -13.77 15.25
N VAL B 74 -25.65 -13.02 14.49
CA VAL B 74 -25.50 -11.60 14.74
C VAL B 74 -26.79 -10.86 14.43
N THR B 75 -27.54 -11.31 13.42
CA THR B 75 -28.84 -10.71 13.16
C THR B 75 -29.79 -10.93 14.33
N TYR B 76 -29.80 -12.15 14.85
CA TYR B 76 -30.65 -12.42 16.01
C TYR B 76 -30.28 -11.52 17.17
N THR B 77 -28.98 -11.33 17.39
CA THR B 77 -28.55 -10.45 18.48
C THR B 77 -28.95 -9.01 18.23
N GLU B 78 -28.59 -8.46 17.07
CA GLU B 78 -28.89 -7.06 16.77
C GLU B 78 -30.38 -6.79 16.86
N HIS B 79 -31.22 -7.77 16.58
CA HIS B 79 -32.63 -7.55 16.82
C HIS B 79 -32.94 -7.39 18.29
N ALA B 80 -32.22 -8.10 19.16
CA ALA B 80 -32.50 -8.04 20.58
C ALA B 80 -31.80 -6.89 21.27
N LYS B 81 -31.13 -6.04 20.52
CA LYS B 81 -30.47 -4.85 21.05
C LYS B 81 -29.46 -5.20 22.12
N ARG B 82 -28.74 -6.30 21.93
CA ARG B 82 -27.67 -6.70 22.81
C ARG B 82 -26.34 -6.58 22.08
N LYS B 83 -25.26 -6.61 22.85
CA LYS B 83 -23.92 -6.60 22.30
C LYS B 83 -23.21 -7.93 22.46
N THR B 84 -23.84 -8.92 23.08
CA THR B 84 -23.23 -10.20 23.38
C THR B 84 -23.94 -11.31 22.61
N VAL B 85 -23.18 -12.06 21.83
CA VAL B 85 -23.75 -13.13 21.01
C VAL B 85 -23.87 -14.39 21.85
N THR B 86 -25.06 -14.63 22.39
CA THR B 86 -25.26 -15.69 23.38
C THR B 86 -25.18 -17.07 22.74
N ALA B 87 -25.52 -18.08 23.54
CA ALA B 87 -25.53 -19.44 23.01
C ALA B 87 -26.85 -19.75 22.32
N MET B 88 -27.95 -19.28 22.88
CA MET B 88 -29.25 -19.53 22.26
C MET B 88 -29.33 -18.90 20.87
N ASP B 89 -28.68 -17.77 20.66
CA ASP B 89 -28.68 -17.18 19.33
C ASP B 89 -28.01 -18.09 18.33
N VAL B 90 -26.87 -18.69 18.67
CA VAL B 90 -26.22 -19.58 17.72
C VAL B 90 -27.04 -20.84 17.54
N VAL B 91 -27.67 -21.35 18.61
CA VAL B 91 -28.51 -22.53 18.46
C VAL B 91 -29.65 -22.24 17.49
N TYR B 92 -30.26 -21.07 17.59
CA TYR B 92 -31.35 -20.72 16.68
C TYR B 92 -30.84 -20.51 15.27
N ALA B 93 -29.67 -19.90 15.12
CA ALA B 93 -29.14 -19.70 13.77
C ALA B 93 -28.88 -21.03 13.09
N LEU B 94 -28.40 -22.02 13.85
CA LEU B 94 -28.25 -23.35 13.29
C LEU B 94 -29.60 -23.98 13.01
N LYS B 95 -30.55 -23.84 13.93
CA LYS B 95 -31.87 -24.44 13.76
C LYS B 95 -32.55 -23.91 12.50
N ARG B 96 -32.23 -22.70 12.09
CA ARG B 96 -32.79 -22.16 10.85
C ARG B 96 -32.35 -22.98 9.64
N GLN B 97 -31.08 -23.35 9.60
CA GLN B 97 -30.53 -23.99 8.42
C GLN B 97 -30.77 -25.48 8.38
N GLY B 98 -31.51 -26.02 9.33
CA GLY B 98 -31.74 -27.44 9.34
C GLY B 98 -30.70 -28.26 10.05
N ARG B 99 -29.80 -27.63 10.79
CA ARG B 99 -28.83 -28.33 11.61
C ARG B 99 -29.18 -28.04 13.07
N THR B 100 -30.10 -28.79 13.62
CA THR B 100 -30.47 -28.65 15.01
C THR B 100 -29.27 -29.02 15.86
N LEU B 101 -29.13 -28.39 17.01
CA LEU B 101 -28.05 -28.71 17.93
C LEU B 101 -28.62 -28.94 19.32
N TYR B 102 -28.41 -30.14 19.85
CA TYR B 102 -28.82 -30.47 21.20
C TYR B 102 -27.65 -30.24 22.13
N GLY B 103 -27.91 -29.69 23.31
CA GLY B 103 -26.93 -29.64 24.37
C GLY B 103 -26.69 -28.27 24.96
N PHE B 104 -26.96 -27.19 24.23
CA PHE B 104 -26.65 -25.86 24.70
C PHE B 104 -27.89 -25.06 25.07
N GLY B 105 -29.07 -25.63 24.89
CA GLY B 105 -30.30 -25.03 25.37
C GLY B 105 -30.72 -25.72 26.65
N GLY B 106 -31.33 -24.95 27.55
CA GLY B 106 -31.61 -23.55 27.34
C GLY B 106 -32.86 -23.12 28.08
N ARG C 15 -66.59 10.36 8.79
CA ARG C 15 -67.45 10.98 7.79
C ARG C 15 -66.62 11.52 6.63
N ALA C 16 -65.30 11.57 6.82
CA ALA C 16 -64.41 12.10 5.80
C ALA C 16 -64.31 11.14 4.61
N LYS C 17 -63.78 11.65 3.51
CA LYS C 17 -63.51 10.80 2.35
C LYS C 17 -62.50 9.73 2.72
N ALA C 18 -62.80 8.49 2.35
CA ALA C 18 -62.03 7.33 2.80
C ALA C 18 -60.97 6.99 1.77
N LYS C 19 -59.73 6.90 2.22
CA LYS C 19 -58.60 6.50 1.39
C LYS C 19 -57.97 5.25 1.96
N THR C 20 -57.89 4.21 1.15
CA THR C 20 -57.38 2.93 1.62
C THR C 20 -55.91 3.04 2.00
N ARG C 21 -55.51 2.24 3.00
CA ARG C 21 -54.14 2.31 3.48
C ARG C 21 -53.14 1.95 2.39
N SER C 22 -53.54 1.12 1.42
CA SER C 22 -52.66 0.82 0.31
C SER C 22 -52.32 2.07 -0.47
N SER C 23 -53.25 3.04 -0.50
CA SER C 23 -52.95 4.32 -1.11
C SER C 23 -52.10 5.19 -0.20
N ARG C 24 -52.41 5.20 1.10
CA ARG C 24 -51.70 6.08 2.03
C ARG C 24 -50.22 5.73 2.08
N ALA C 25 -49.91 4.44 2.06
CA ALA C 25 -48.52 4.00 1.97
C ALA C 25 -47.99 3.99 0.55
N GLY C 26 -48.83 4.28 -0.44
CA GLY C 26 -48.37 4.28 -1.82
C GLY C 26 -47.96 2.94 -2.36
N LEU C 27 -48.71 1.90 -2.04
CA LEU C 27 -48.46 0.54 -2.52
C LEU C 27 -49.58 0.12 -3.44
N GLN C 28 -49.38 -1.04 -4.08
CA GLN C 28 -50.45 -1.70 -4.81
C GLN C 28 -51.06 -2.84 -4.01
N PHE C 29 -50.24 -3.55 -3.22
CA PHE C 29 -50.72 -4.67 -2.43
C PHE C 29 -51.63 -4.18 -1.31
N PRO C 30 -52.52 -5.04 -0.81
CA PRO C 30 -53.52 -4.58 0.16
C PRO C 30 -52.99 -4.65 1.58
N VAL C 31 -52.84 -3.50 2.22
CA VAL C 31 -52.37 -3.48 3.60
C VAL C 31 -53.44 -4.02 4.53
N GLY C 32 -54.70 -3.68 4.28
CA GLY C 32 -55.76 -4.16 5.16
C GLY C 32 -55.86 -5.66 5.17
N ARG C 33 -55.75 -6.29 4.01
CA ARG C 33 -55.85 -7.74 3.94
C ARG C 33 -54.70 -8.40 4.67
N VAL C 34 -53.49 -7.87 4.53
CA VAL C 34 -52.35 -8.46 5.21
C VAL C 34 -52.48 -8.30 6.72
N HIS C 35 -52.98 -7.16 7.17
CA HIS C 35 -53.21 -7.01 8.60
C HIS C 35 -54.24 -8.00 9.11
N ARG C 36 -55.31 -8.20 8.33
CA ARG C 36 -56.32 -9.17 8.72
C ARG C 36 -55.73 -10.57 8.80
N LEU C 37 -54.86 -10.92 7.84
CA LEU C 37 -54.25 -12.24 7.85
C LEU C 37 -53.32 -12.42 9.04
N LEU C 38 -52.54 -11.40 9.37
CA LEU C 38 -51.69 -11.50 10.56
C LEU C 38 -52.52 -11.65 11.81
N ARG C 39 -53.64 -10.95 11.90
CA ARG C 39 -54.49 -11.10 13.08
C ARG C 39 -55.14 -12.48 13.15
N LYS C 40 -55.67 -12.98 12.05
CA LYS C 40 -56.40 -14.24 12.05
C LYS C 40 -55.49 -15.46 11.97
N GLY C 41 -54.20 -15.27 11.80
CA GLY C 41 -53.31 -16.40 11.69
C GLY C 41 -52.64 -16.86 12.96
N ASN C 42 -52.91 -16.21 14.09
CA ASN C 42 -52.30 -16.56 15.37
C ASN C 42 -50.79 -16.56 15.32
N TYR C 43 -50.20 -15.62 14.59
CA TYR C 43 -48.76 -15.49 14.60
C TYR C 43 -48.28 -14.87 15.90
N SER C 44 -49.09 -14.02 16.52
CA SER C 44 -48.77 -13.45 17.82
C SER C 44 -50.02 -12.82 18.39
N GLU C 45 -49.94 -12.48 19.68
CA GLU C 45 -51.08 -11.89 20.37
C GLU C 45 -51.48 -10.55 19.77
N ARG C 46 -50.52 -9.69 19.47
CA ARG C 46 -50.78 -8.35 19.00
C ARG C 46 -49.98 -8.10 17.74
N VAL C 47 -50.47 -7.18 16.90
CA VAL C 47 -49.79 -6.84 15.67
C VAL C 47 -49.59 -5.33 15.62
N GLY C 48 -48.35 -4.91 15.44
CA GLY C 48 -48.04 -3.50 15.39
C GLY C 48 -48.62 -2.86 14.15
N ALA C 49 -48.78 -1.54 14.22
CA ALA C 49 -49.43 -0.82 13.14
C ALA C 49 -48.56 -0.77 11.90
N GLY C 50 -47.24 -0.86 12.06
CA GLY C 50 -46.38 -0.82 10.91
C GLY C 50 -46.08 -2.16 10.29
N ALA C 51 -46.44 -3.25 10.95
CA ALA C 51 -46.16 -4.57 10.41
C ALA C 51 -46.88 -4.87 9.11
N PRO C 52 -48.19 -4.68 8.98
CA PRO C 52 -48.81 -4.92 7.67
C PRO C 52 -48.23 -4.07 6.57
N VAL C 53 -47.92 -2.80 6.84
CA VAL C 53 -47.37 -1.94 5.80
C VAL C 53 -46.01 -2.43 5.34
N TYR C 54 -45.13 -2.74 6.29
CA TYR C 54 -43.81 -3.22 5.91
C TYR C 54 -43.90 -4.54 5.16
N LEU C 55 -44.74 -5.45 5.63
CA LEU C 55 -44.85 -6.74 4.98
C LEU C 55 -45.42 -6.61 3.58
N ALA C 56 -46.44 -5.77 3.39
CA ALA C 56 -47.02 -5.59 2.07
C ALA C 56 -46.02 -4.95 1.12
N ALA C 57 -45.22 -4.01 1.62
CA ALA C 57 -44.18 -3.43 0.77
C ALA C 57 -43.19 -4.49 0.33
N VAL C 58 -42.75 -5.35 1.24
CA VAL C 58 -41.81 -6.40 0.85
C VAL C 58 -42.43 -7.31 -0.19
N LEU C 59 -43.69 -7.71 0.02
CA LEU C 59 -44.34 -8.61 -0.92
C LEU C 59 -44.44 -7.98 -2.29
N GLU C 60 -44.83 -6.70 -2.35
CA GLU C 60 -44.93 -6.04 -3.64
C GLU C 60 -43.58 -5.99 -4.32
N TYR C 61 -42.51 -5.71 -3.58
CA TYR C 61 -41.21 -5.66 -4.23
C TYR C 61 -40.84 -7.01 -4.82
N LEU C 62 -41.07 -8.09 -4.08
CA LEU C 62 -40.68 -9.41 -4.58
C LEU C 62 -41.51 -9.80 -5.80
N THR C 63 -42.81 -9.55 -5.76
CA THR C 63 -43.64 -9.85 -6.91
C THR C 63 -43.22 -9.02 -8.12
N ALA C 64 -42.87 -7.75 -7.89
CA ALA C 64 -42.37 -6.94 -9.00
C ALA C 64 -41.10 -7.52 -9.58
N GLU C 65 -40.19 -7.98 -8.73
CA GLU C 65 -38.95 -8.57 -9.21
C GLU C 65 -39.23 -9.77 -10.11
N ILE C 66 -40.04 -10.70 -9.63
CA ILE C 66 -40.29 -11.92 -10.40
C ILE C 66 -41.03 -11.58 -11.68
N LEU C 67 -42.03 -10.71 -11.62
CA LEU C 67 -42.79 -10.40 -12.82
C LEU C 67 -41.92 -9.71 -13.86
N GLU C 68 -41.03 -8.81 -13.42
CA GLU C 68 -40.16 -8.15 -14.39
C GLU C 68 -39.22 -9.15 -15.05
N LEU C 69 -38.62 -10.05 -14.27
CA LEU C 69 -37.72 -11.03 -14.90
C LEU C 69 -38.47 -11.97 -15.83
N ALA C 70 -39.67 -12.41 -15.43
CA ALA C 70 -40.45 -13.29 -16.29
C ALA C 70 -40.89 -12.58 -17.57
N GLY C 71 -41.27 -11.31 -17.47
CA GLY C 71 -41.61 -10.56 -18.66
C GLY C 71 -40.42 -10.42 -19.59
N ASN C 72 -39.23 -10.19 -19.04
CA ASN C 72 -38.03 -10.17 -19.88
C ASN C 72 -37.84 -11.51 -20.58
N ALA C 73 -38.04 -12.61 -19.86
CA ALA C 73 -37.88 -13.92 -20.49
C ALA C 73 -38.89 -14.13 -21.60
N ALA C 74 -40.14 -13.71 -21.38
CA ALA C 74 -41.15 -13.85 -22.43
C ALA C 74 -40.83 -12.98 -23.63
N ARG C 75 -40.30 -11.78 -23.39
CA ARG C 75 -39.85 -10.94 -24.49
C ARG C 75 -38.74 -11.61 -25.27
N ASP C 76 -37.84 -12.30 -24.58
CA ASP C 76 -36.68 -12.90 -25.25
C ASP C 76 -37.11 -13.96 -26.26
N ASN C 77 -38.12 -14.75 -25.93
CA ASN C 77 -38.59 -15.79 -26.85
C ASN C 77 -39.95 -15.47 -27.47
N LYS C 78 -40.17 -14.20 -27.80
CA LYS C 78 -41.16 -13.78 -28.79
C LYS C 78 -42.61 -14.08 -28.42
N LYS C 79 -42.87 -14.50 -27.19
CA LYS C 79 -44.24 -14.64 -26.74
C LYS C 79 -44.63 -13.45 -25.87
N THR C 80 -45.87 -12.98 -26.03
CA THR C 80 -46.33 -11.80 -25.31
C THR C 80 -47.36 -12.12 -24.24
N ARG C 81 -47.19 -13.22 -23.51
CA ARG C 81 -48.07 -13.56 -22.41
C ARG C 81 -47.33 -14.55 -21.52
N ILE C 82 -47.26 -14.24 -20.24
CA ILE C 82 -46.42 -14.97 -19.30
C ILE C 82 -47.09 -16.29 -18.92
N ILE C 83 -46.36 -17.38 -19.09
CA ILE C 83 -46.84 -18.73 -18.77
C ILE C 83 -45.80 -19.43 -17.89
N PRO C 84 -46.16 -20.50 -17.19
CA PRO C 84 -45.26 -21.03 -16.15
C PRO C 84 -43.85 -21.35 -16.63
N ARG C 85 -43.68 -21.73 -17.88
CA ARG C 85 -42.32 -21.93 -18.39
C ARG C 85 -41.50 -20.66 -18.24
N HIS C 86 -42.11 -19.51 -18.49
CA HIS C 86 -41.42 -18.24 -18.33
C HIS C 86 -41.04 -18.00 -16.87
N LEU C 87 -41.94 -18.32 -15.94
CA LEU C 87 -41.65 -18.11 -14.53
C LEU C 87 -40.49 -18.99 -14.09
N GLN C 88 -40.47 -20.25 -14.52
CA GLN C 88 -39.32 -21.10 -14.19
C GLN C 88 -38.04 -20.54 -14.79
N LEU C 89 -38.10 -20.05 -16.03
CA LEU C 89 -36.91 -19.49 -16.67
C LEU C 89 -36.42 -18.26 -15.93
N ALA C 90 -37.33 -17.44 -15.42
CA ALA C 90 -36.91 -16.25 -14.69
C ALA C 90 -36.34 -16.61 -13.34
N ILE C 91 -36.93 -17.59 -12.67
CA ILE C 91 -36.47 -17.95 -11.33
C ILE C 91 -35.10 -18.61 -11.40
N ARG C 92 -34.91 -19.60 -12.27
CA ARG C 92 -33.70 -20.40 -12.18
C ARG C 92 -32.45 -19.66 -12.64
N ASN C 93 -32.58 -18.60 -13.43
CA ASN C 93 -31.41 -17.95 -14.01
C ASN C 93 -30.84 -16.83 -13.16
N ASP C 94 -31.55 -16.39 -12.13
CA ASP C 94 -31.11 -15.31 -11.27
C ASP C 94 -30.70 -15.90 -9.93
N GLU C 95 -29.46 -15.64 -9.53
CA GLU C 95 -28.89 -16.36 -8.39
C GLU C 95 -29.68 -16.12 -7.11
N GLU C 96 -30.06 -14.87 -6.85
CA GLU C 96 -30.72 -14.56 -5.60
C GLU C 96 -32.13 -15.13 -5.55
N LEU C 97 -32.91 -14.93 -6.62
CA LEU C 97 -34.24 -15.51 -6.67
C LEU C 97 -34.17 -17.03 -6.63
N ASN C 98 -33.16 -17.60 -7.28
CA ASN C 98 -33.00 -19.05 -7.23
C ASN C 98 -32.72 -19.53 -5.82
N LYS C 99 -31.86 -18.83 -5.09
CA LYS C 99 -31.56 -19.26 -3.73
C LYS C 99 -32.77 -19.12 -2.83
N LEU C 100 -33.57 -18.07 -3.03
CA LEU C 100 -34.76 -17.88 -2.22
C LEU C 100 -35.77 -19.00 -2.46
N LEU C 101 -35.89 -19.48 -3.69
CA LEU C 101 -36.87 -20.49 -4.07
C LEU C 101 -36.17 -21.77 -4.49
N GLY C 102 -35.20 -22.22 -3.69
CA GLY C 102 -34.41 -23.36 -4.07
C GLY C 102 -35.19 -24.66 -4.07
N ARG C 103 -36.07 -24.85 -3.09
CA ARG C 103 -36.76 -26.12 -2.91
C ARG C 103 -38.12 -26.16 -3.60
N VAL C 104 -38.49 -25.12 -4.33
CA VAL C 104 -39.84 -24.97 -4.83
C VAL C 104 -39.98 -25.67 -6.17
N THR C 105 -41.07 -26.40 -6.35
CA THR C 105 -41.39 -27.05 -7.61
C THR C 105 -42.48 -26.26 -8.31
N ILE C 106 -42.24 -25.89 -9.57
CA ILE C 106 -43.18 -25.12 -10.36
C ILE C 106 -43.93 -26.08 -11.27
N ALA C 107 -45.26 -26.05 -11.20
CA ALA C 107 -46.08 -26.87 -12.09
C ALA C 107 -45.91 -26.39 -13.53
N GLN C 108 -45.80 -27.34 -14.46
CA GLN C 108 -45.59 -27.04 -15.87
C GLN C 108 -44.33 -26.21 -16.08
N GLY C 109 -43.25 -26.58 -15.42
CA GLY C 109 -42.11 -25.71 -15.38
C GLY C 109 -40.96 -26.04 -16.29
N GLY C 110 -40.91 -27.27 -16.81
CA GLY C 110 -39.74 -27.61 -17.60
C GLY C 110 -38.49 -27.60 -16.74
N VAL C 111 -37.35 -27.53 -17.40
CA VAL C 111 -36.07 -27.36 -16.74
C VAL C 111 -35.22 -26.39 -17.54
N LEU C 112 -34.16 -25.93 -16.93
CA LEU C 112 -33.21 -25.02 -17.56
C LEU C 112 -32.40 -25.79 -18.60
N PRO C 113 -32.37 -25.33 -19.85
CA PRO C 113 -31.56 -26.02 -20.85
C PRO C 113 -30.08 -26.04 -20.49
N ASN C 114 -29.55 -27.23 -20.23
CA ASN C 114 -28.15 -27.39 -19.89
C ASN C 114 -27.71 -28.81 -20.18
N ILE C 115 -26.59 -28.96 -20.87
CA ILE C 115 -25.99 -30.26 -21.16
C ILE C 115 -24.53 -30.21 -20.74
N GLN C 116 -24.07 -31.25 -20.05
CA GLN C 116 -22.71 -31.27 -19.56
C GLN C 116 -21.71 -31.26 -20.70
N ALA C 117 -20.53 -30.70 -20.44
CA ALA C 117 -19.53 -30.58 -21.50
C ALA C 117 -19.03 -31.94 -21.96
N VAL C 118 -18.74 -32.84 -21.02
CA VAL C 118 -18.12 -34.11 -21.40
C VAL C 118 -19.08 -34.95 -22.23
N LEU C 119 -20.39 -34.73 -22.08
CA LEU C 119 -21.34 -35.42 -22.95
C LEU C 119 -21.21 -34.95 -24.39
N LEU C 120 -21.00 -33.66 -24.60
CA LEU C 120 -20.87 -33.13 -25.95
C LEU C 120 -19.66 -33.77 -26.63
N PRO C 121 -19.73 -33.95 -27.96
CA PRO C 121 -18.63 -34.62 -28.66
C PRO C 121 -17.32 -33.90 -28.49
N LYS C 122 -16.24 -34.67 -28.34
CA LYS C 122 -14.91 -34.12 -28.14
C LYS C 122 -14.40 -33.41 -29.40
N ARG D 35 -71.19 -17.91 -4.26
CA ARG D 35 -71.81 -18.12 -2.95
C ARG D 35 -70.81 -17.80 -1.84
N SER D 36 -69.87 -18.70 -1.63
CA SER D 36 -68.82 -18.54 -0.62
C SER D 36 -67.60 -17.90 -1.27
N ARG D 37 -67.26 -16.68 -0.82
CA ARG D 37 -66.23 -15.90 -1.48
C ARG D 37 -64.85 -16.53 -1.28
N LYS D 38 -64.06 -16.50 -2.35
CA LYS D 38 -62.69 -17.01 -2.35
C LYS D 38 -61.73 -15.85 -2.54
N GLU D 39 -60.74 -15.75 -1.67
CA GLU D 39 -59.86 -14.60 -1.65
C GLU D 39 -58.51 -14.92 -2.26
N SER D 40 -57.96 -13.96 -3.00
CA SER D 40 -56.73 -14.18 -3.73
C SER D 40 -56.09 -12.84 -4.04
N TYR D 41 -54.87 -12.90 -4.57
CA TYR D 41 -54.11 -11.72 -4.95
C TYR D 41 -54.04 -11.55 -6.46
N SER D 42 -55.09 -11.94 -7.18
CA SER D 42 -55.02 -11.90 -8.64
C SER D 42 -54.90 -10.47 -9.14
N ILE D 43 -55.79 -9.59 -8.70
CA ILE D 43 -55.81 -8.24 -9.24
C ILE D 43 -54.55 -7.49 -8.87
N TYR D 44 -53.99 -7.75 -7.69
CA TYR D 44 -52.78 -7.05 -7.28
C TYR D 44 -51.58 -7.48 -8.10
N VAL D 45 -51.46 -8.78 -8.38
CA VAL D 45 -50.41 -9.22 -9.27
C VAL D 45 -50.58 -8.57 -10.63
N TYR D 46 -51.83 -8.45 -11.09
CA TYR D 46 -52.05 -7.85 -12.39
C TYR D 46 -51.64 -6.37 -12.40
N LYS D 47 -51.96 -5.65 -11.33
CA LYS D 47 -51.61 -4.23 -11.28
C LYS D 47 -50.10 -4.05 -11.26
N VAL D 48 -49.39 -4.86 -10.48
CA VAL D 48 -47.93 -4.75 -10.48
C VAL D 48 -47.37 -5.06 -11.85
N LEU D 49 -47.91 -6.09 -12.51
CA LEU D 49 -47.43 -6.42 -13.84
C LEU D 49 -47.64 -5.27 -14.81
N LYS D 50 -48.82 -4.65 -14.78
CA LYS D 50 -49.05 -3.50 -15.64
C LYS D 50 -48.14 -2.35 -15.31
N GLN D 51 -47.69 -2.25 -14.05
CA GLN D 51 -46.72 -1.23 -13.71
C GLN D 51 -45.37 -1.49 -14.36
N VAL D 52 -44.92 -2.75 -14.35
CA VAL D 52 -43.55 -3.00 -14.83
C VAL D 52 -43.50 -3.21 -16.34
N HIS D 53 -44.44 -3.97 -16.91
CA HIS D 53 -44.47 -4.23 -18.34
C HIS D 53 -45.83 -3.83 -18.89
N PRO D 54 -45.93 -2.65 -19.52
CA PRO D 54 -47.25 -2.14 -19.89
C PRO D 54 -48.02 -3.02 -20.86
N ASP D 55 -47.34 -3.83 -21.67
CA ASP D 55 -48.04 -4.59 -22.71
C ASP D 55 -47.76 -6.07 -22.64
N THR D 56 -47.86 -6.67 -21.46
CA THR D 56 -47.74 -8.11 -21.32
C THR D 56 -48.85 -8.62 -20.42
N GLY D 57 -49.60 -9.60 -20.92
CA GLY D 57 -50.63 -10.25 -20.14
C GLY D 57 -50.11 -11.54 -19.54
N ILE D 58 -50.88 -12.05 -18.58
CA ILE D 58 -50.45 -13.20 -17.81
C ILE D 58 -51.57 -14.23 -17.78
N SER D 59 -51.25 -15.46 -18.15
CA SER D 59 -52.25 -16.50 -18.25
C SER D 59 -52.81 -16.82 -16.87
N SER D 60 -53.91 -17.57 -16.83
CA SER D 60 -54.52 -17.87 -15.54
C SER D 60 -53.64 -18.80 -14.72
N LYS D 61 -52.92 -19.72 -15.38
CA LYS D 61 -52.06 -20.63 -14.64
C LYS D 61 -50.90 -19.89 -13.98
N ALA D 62 -50.27 -18.96 -14.70
CA ALA D 62 -49.23 -18.18 -14.07
C ALA D 62 -49.80 -17.34 -12.94
N MET D 63 -51.07 -16.97 -13.04
CA MET D 63 -51.70 -16.28 -11.92
C MET D 63 -51.83 -17.21 -10.72
N GLY D 64 -52.15 -18.48 -10.97
CA GLY D 64 -52.15 -19.44 -9.88
C GLY D 64 -50.79 -19.58 -9.24
N ILE D 65 -49.75 -19.60 -10.06
CA ILE D 65 -48.39 -19.71 -9.51
C ILE D 65 -48.04 -18.48 -8.68
N MET D 66 -48.39 -17.28 -9.17
CA MET D 66 -48.06 -16.09 -8.40
C MET D 66 -48.85 -16.01 -7.11
N ASN D 67 -50.11 -16.45 -7.13
CA ASN D 67 -50.87 -16.55 -5.88
C ASN D 67 -50.17 -17.47 -4.90
N SER D 68 -49.74 -18.65 -5.36
CA SER D 68 -49.07 -19.56 -4.45
C SER D 68 -47.78 -18.95 -3.93
N PHE D 69 -47.03 -18.26 -4.78
CA PHE D 69 -45.76 -17.68 -4.34
C PHE D 69 -45.97 -16.59 -3.30
N VAL D 70 -46.97 -15.74 -3.52
CA VAL D 70 -47.26 -14.69 -2.54
C VAL D 70 -47.65 -15.30 -1.20
N ASN D 71 -48.51 -16.32 -1.22
CA ASN D 71 -48.87 -16.97 0.05
C ASN D 71 -47.67 -17.61 0.70
N ASP D 72 -46.79 -18.20 -0.09
CA ASP D 72 -45.62 -18.88 0.46
C ASP D 72 -44.71 -17.89 1.18
N ILE D 73 -44.36 -16.79 0.52
CA ILE D 73 -43.47 -15.83 1.14
C ILE D 73 -44.13 -15.18 2.34
N PHE D 74 -45.43 -14.92 2.25
CA PHE D 74 -46.14 -14.33 3.39
C PHE D 74 -46.05 -15.23 4.60
N GLU D 75 -46.28 -16.52 4.44
CA GLU D 75 -46.25 -17.41 5.59
C GLU D 75 -44.84 -17.58 6.13
N ARG D 76 -43.83 -17.66 5.24
CA ARG D 76 -42.46 -17.74 5.72
C ARG D 76 -42.13 -16.55 6.62
N ILE D 77 -42.37 -15.34 6.12
CA ILE D 77 -41.99 -14.15 6.87
C ILE D 77 -42.80 -14.02 8.15
N ALA D 78 -44.10 -14.28 8.10
CA ALA D 78 -44.90 -14.14 9.30
C ALA D 78 -44.50 -15.17 10.36
N GLY D 79 -44.20 -16.40 9.95
CA GLY D 79 -43.76 -17.39 10.92
C GLY D 79 -42.43 -17.02 11.54
N GLU D 80 -41.48 -16.53 10.74
CA GLU D 80 -40.21 -16.14 11.30
C GLU D 80 -40.37 -14.96 12.24
N ALA D 81 -41.24 -14.01 11.91
CA ALA D 81 -41.49 -12.89 12.81
C ALA D 81 -42.12 -13.38 14.10
N SER D 82 -42.99 -14.38 14.01
CA SER D 82 -43.57 -14.93 15.23
C SER D 82 -42.52 -15.54 16.13
N ARG D 83 -41.60 -16.32 15.55
CA ARG D 83 -40.55 -16.91 16.38
C ARG D 83 -39.65 -15.85 16.97
N LEU D 84 -39.38 -14.78 16.22
CA LEU D 84 -38.56 -13.71 16.77
C LEU D 84 -39.26 -12.98 17.90
N ALA D 85 -40.56 -12.73 17.77
CA ALA D 85 -41.27 -12.06 18.85
C ALA D 85 -41.40 -12.98 20.06
N HIS D 86 -41.39 -14.28 19.84
CA HIS D 86 -41.51 -15.21 20.96
C HIS D 86 -40.18 -15.40 21.68
N TYR D 87 -39.04 -15.37 20.97
CA TYR D 87 -37.76 -15.54 21.65
C TYR D 87 -37.49 -14.42 22.63
N ASN D 88 -37.81 -13.18 22.25
CA ASN D 88 -37.53 -12.03 23.10
C ASN D 88 -38.63 -11.77 24.11
N LYS D 89 -39.51 -12.74 24.35
CA LYS D 89 -40.57 -12.64 25.34
C LYS D 89 -41.52 -11.48 25.07
N ARG D 90 -41.48 -10.92 23.87
CA ARG D 90 -42.44 -9.91 23.48
C ARG D 90 -43.74 -10.59 23.08
N SER D 91 -44.79 -9.79 22.94
CA SER D 91 -46.06 -10.28 22.45
C SER D 91 -46.64 -9.36 21.39
N THR D 92 -45.85 -8.99 20.39
CA THR D 92 -46.25 -8.06 19.35
C THR D 92 -45.37 -8.27 18.13
N ILE D 93 -45.95 -8.14 16.94
CA ILE D 93 -45.19 -8.12 15.70
C ILE D 93 -45.17 -6.67 15.25
N THR D 94 -44.10 -5.96 15.56
CA THR D 94 -43.93 -4.60 15.08
C THR D 94 -43.18 -4.65 13.76
N SER D 95 -42.96 -3.49 13.15
CA SER D 95 -42.21 -3.48 11.90
C SER D 95 -40.79 -3.95 12.09
N ARG D 96 -40.25 -3.84 13.29
CA ARG D 96 -38.90 -4.30 13.52
C ARG D 96 -38.78 -5.81 13.30
N GLU D 97 -39.75 -6.58 13.79
CA GLU D 97 -39.69 -8.02 13.59
C GLU D 97 -39.79 -8.37 12.12
N ILE D 98 -40.65 -7.68 11.37
CA ILE D 98 -40.76 -7.97 9.95
C ILE D 98 -39.45 -7.65 9.25
N GLN D 99 -38.81 -6.55 9.64
CA GLN D 99 -37.54 -6.20 9.02
C GLN D 99 -36.48 -7.24 9.30
N THR D 100 -36.40 -7.71 10.54
CA THR D 100 -35.37 -8.69 10.86
C THR D 100 -35.67 -10.03 10.21
N ALA D 101 -36.95 -10.41 10.14
CA ALA D 101 -37.29 -11.63 9.44
C ALA D 101 -36.91 -11.56 7.96
N VAL D 102 -37.15 -10.42 7.34
CA VAL D 102 -36.72 -10.25 5.95
C VAL D 102 -35.22 -10.35 5.85
N ARG D 103 -34.50 -9.74 6.78
CA ARG D 103 -33.04 -9.87 6.75
C ARG D 103 -32.61 -11.31 6.83
N LEU D 104 -33.34 -12.11 7.60
CA LEU D 104 -32.97 -13.52 7.75
C LEU D 104 -33.26 -14.31 6.48
N LEU D 105 -34.42 -14.10 5.86
CA LEU D 105 -34.78 -14.98 4.76
C LEU D 105 -34.13 -14.59 3.44
N LEU D 106 -34.44 -13.41 2.93
CA LEU D 106 -34.03 -13.03 1.57
C LEU D 106 -32.52 -12.87 1.49
N PRO D 107 -31.88 -13.53 0.54
CA PRO D 107 -30.41 -13.60 0.53
C PRO D 107 -29.74 -12.50 -0.28
N GLY D 108 -28.87 -11.73 0.37
CA GLY D 108 -28.01 -10.80 -0.34
C GLY D 108 -28.69 -9.52 -0.81
N GLU D 109 -28.60 -9.22 -2.10
CA GLU D 109 -29.10 -7.95 -2.61
C GLU D 109 -30.60 -7.81 -2.40
N LEU D 110 -31.33 -8.90 -2.53
CA LEU D 110 -32.77 -8.85 -2.26
C LEU D 110 -33.05 -8.29 -0.87
N ALA D 111 -32.23 -8.68 0.12
CA ALA D 111 -32.48 -8.21 1.47
C ALA D 111 -32.37 -6.70 1.56
N LYS D 112 -31.31 -6.12 1.00
CA LYS D 112 -31.12 -4.69 1.11
C LYS D 112 -32.18 -3.93 0.33
N HIS D 113 -32.49 -4.39 -0.89
CA HIS D 113 -33.51 -3.70 -1.66
C HIS D 113 -34.87 -3.76 -0.97
N ALA D 114 -35.25 -4.94 -0.47
CA ALA D 114 -36.55 -5.08 0.18
C ALA D 114 -36.62 -4.27 1.46
N VAL D 115 -35.53 -4.24 2.23
CA VAL D 115 -35.52 -3.44 3.45
C VAL D 115 -35.67 -1.97 3.12
N SER D 116 -35.00 -1.51 2.06
CA SER D 116 -35.16 -0.12 1.65
C SER D 116 -36.60 0.18 1.25
N GLU D 117 -37.22 -0.72 0.49
CA GLU D 117 -38.60 -0.52 0.07
C GLU D 117 -39.54 -0.49 1.27
N GLY D 118 -39.34 -1.40 2.22
CA GLY D 118 -40.17 -1.40 3.40
C GLY D 118 -40.02 -0.13 4.21
N THR D 119 -38.79 0.34 4.39
CA THR D 119 -38.59 1.55 5.17
C THR D 119 -39.22 2.75 4.48
N LYS D 120 -39.10 2.82 3.16
CA LYS D 120 -39.73 3.91 2.42
C LYS D 120 -41.24 3.87 2.58
N ALA D 121 -41.83 2.68 2.52
CA ALA D 121 -43.28 2.57 2.70
C ALA D 121 -43.69 2.98 4.10
N VAL D 122 -42.95 2.56 5.11
CA VAL D 122 -43.32 2.91 6.47
C VAL D 122 -43.23 4.41 6.69
N THR D 123 -42.18 5.05 6.19
CA THR D 123 -42.06 6.50 6.36
C THR D 123 -43.17 7.22 5.61
N LYS D 124 -43.47 6.79 4.38
CA LYS D 124 -44.52 7.45 3.61
C LYS D 124 -45.87 7.26 4.28
N TYR D 125 -46.05 6.17 5.03
CA TYR D 125 -47.28 5.96 5.79
C TYR D 125 -47.32 6.87 7.02
N THR D 126 -46.18 7.03 7.69
CA THR D 126 -46.13 7.75 8.94
C THR D 126 -45.96 9.26 8.76
N SER D 127 -45.67 9.73 7.56
CA SER D 127 -45.47 11.17 7.37
C SER D 127 -46.78 11.89 7.07
N ALA D 128 -47.88 11.17 6.93
CA ALA D 128 -49.17 11.80 6.63
C ALA D 128 -50.06 11.81 7.87
N LYS E 41 -25.74 -45.99 -47.77
CA LYS E 41 -26.86 -45.42 -48.52
C LYS E 41 -28.13 -45.24 -47.68
N PRO E 42 -28.49 -46.21 -46.83
CA PRO E 42 -29.54 -45.94 -45.85
C PRO E 42 -29.10 -44.84 -44.90
N HIS E 43 -30.03 -43.93 -44.59
CA HIS E 43 -29.72 -42.85 -43.68
C HIS E 43 -29.90 -43.35 -42.25
N ARG E 44 -28.78 -43.56 -41.56
CA ARG E 44 -28.80 -44.06 -40.19
C ARG E 44 -27.83 -43.23 -39.38
N TYR E 45 -28.35 -42.45 -38.44
CA TYR E 45 -27.50 -41.59 -37.65
C TYR E 45 -26.58 -42.41 -36.76
N ARG E 46 -25.44 -41.82 -36.45
CA ARG E 46 -24.52 -42.45 -35.53
C ARG E 46 -25.18 -42.59 -34.16
N PRO E 47 -24.91 -43.66 -33.43
CA PRO E 47 -25.49 -43.76 -32.09
C PRO E 47 -25.00 -42.64 -31.19
N GLY E 48 -25.90 -41.74 -30.81
CA GLY E 48 -25.54 -40.60 -30.01
C GLY E 48 -26.17 -39.31 -30.47
N THR E 49 -26.41 -39.17 -31.78
CA THR E 49 -27.03 -37.94 -32.29
C THR E 49 -28.51 -37.89 -31.94
N VAL E 50 -29.20 -39.02 -32.06
CA VAL E 50 -30.61 -39.04 -31.68
C VAL E 50 -30.76 -38.76 -30.20
N ALA E 51 -29.80 -39.20 -29.39
CA ALA E 51 -29.84 -38.89 -27.96
C ALA E 51 -29.78 -37.39 -27.72
N LEU E 52 -28.88 -36.70 -28.40
CA LEU E 52 -28.80 -35.25 -28.22
C LEU E 52 -30.05 -34.56 -28.73
N ARG E 53 -30.60 -35.01 -29.86
CA ARG E 53 -31.83 -34.41 -30.34
C ARG E 53 -32.97 -34.60 -29.34
N GLU E 54 -33.08 -35.78 -28.76
CA GLU E 54 -34.11 -36.00 -27.75
C GLU E 54 -33.87 -35.14 -26.52
N ILE E 55 -32.61 -34.99 -26.11
CA ILE E 55 -32.30 -34.13 -24.96
C ILE E 55 -32.79 -32.71 -25.21
N ARG E 56 -32.44 -32.15 -26.37
CA ARG E 56 -32.86 -30.78 -26.66
C ARG E 56 -34.37 -30.68 -26.78
N ARG E 57 -34.99 -31.64 -27.46
CA ARG E 57 -36.43 -31.58 -27.66
C ARG E 57 -37.16 -31.61 -26.34
N TYR E 58 -36.74 -32.47 -25.41
CA TYR E 58 -37.47 -32.56 -24.16
C TYR E 58 -37.14 -31.44 -23.20
N GLN E 59 -35.89 -31.00 -23.10
CA GLN E 59 -35.61 -29.86 -22.24
C GLN E 59 -36.29 -28.60 -22.74
N LYS E 60 -36.63 -28.52 -24.02
CA LYS E 60 -37.40 -27.38 -24.52
C LYS E 60 -38.89 -27.50 -24.23
N SER E 61 -39.40 -28.70 -23.95
CA SER E 61 -40.82 -28.92 -23.76
C SER E 61 -41.19 -28.87 -22.28
N THR E 62 -42.50 -28.94 -22.01
CA THR E 62 -43.01 -28.84 -20.65
C THR E 62 -44.08 -29.87 -20.31
N GLU E 63 -44.54 -30.66 -21.28
CA GLU E 63 -45.65 -31.56 -21.03
C GLU E 63 -45.23 -32.71 -20.12
N LEU E 64 -46.23 -33.38 -19.56
CA LEU E 64 -45.98 -34.51 -18.67
C LEU E 64 -45.48 -35.69 -19.48
N LEU E 65 -44.46 -36.38 -18.96
CA LEU E 65 -43.80 -37.44 -19.71
C LEU E 65 -44.31 -38.83 -19.39
N ILE E 66 -45.14 -38.98 -18.37
CA ILE E 66 -45.70 -40.28 -18.01
C ILE E 66 -47.18 -40.29 -18.35
N ARG E 67 -47.62 -41.35 -18.99
CA ARG E 67 -49.03 -41.44 -19.38
C ARG E 67 -49.92 -41.39 -18.16
N LYS E 68 -51.07 -40.73 -18.30
CA LYS E 68 -51.87 -40.39 -17.13
C LYS E 68 -52.55 -41.61 -16.53
N LEU E 69 -53.16 -42.47 -17.35
CA LEU E 69 -53.93 -43.58 -16.80
C LEU E 69 -53.09 -44.59 -16.04
N PRO E 70 -51.93 -45.05 -16.53
CA PRO E 70 -51.12 -45.96 -15.71
C PRO E 70 -50.73 -45.34 -14.39
N PHE E 71 -50.44 -44.04 -14.38
CA PHE E 71 -50.10 -43.38 -13.14
C PHE E 71 -51.28 -43.31 -12.19
N GLN E 72 -52.48 -43.06 -12.71
CA GLN E 72 -53.64 -43.02 -11.84
C GLN E 72 -53.90 -44.38 -11.23
N ARG E 73 -53.74 -45.44 -12.02
CA ARG E 73 -53.91 -46.77 -11.46
C ARG E 73 -52.84 -47.07 -10.42
N LEU E 74 -51.61 -46.61 -10.65
CA LEU E 74 -50.56 -46.81 -9.66
C LEU E 74 -50.88 -46.10 -8.35
N VAL E 75 -51.34 -44.85 -8.44
CA VAL E 75 -51.66 -44.08 -7.24
C VAL E 75 -52.78 -44.75 -6.48
N ARG E 76 -53.82 -45.21 -7.18
CA ARG E 76 -54.92 -45.87 -6.47
C ARG E 76 -54.46 -47.17 -5.83
N GLU E 77 -53.59 -47.92 -6.52
CA GLU E 77 -53.08 -49.16 -5.93
C GLU E 77 -52.34 -48.87 -4.63
N ILE E 78 -51.46 -47.87 -4.66
CA ILE E 78 -50.68 -47.57 -3.46
C ILE E 78 -51.59 -47.08 -2.35
N ALA E 79 -52.57 -46.23 -2.68
CA ALA E 79 -53.43 -45.66 -1.65
C ALA E 79 -54.32 -46.71 -1.01
N GLN E 80 -54.69 -47.74 -1.75
CA GLN E 80 -55.60 -48.73 -1.16
C GLN E 80 -54.89 -49.59 -0.12
N ASP E 81 -53.57 -49.51 -0.03
CA ASP E 81 -52.87 -50.23 1.02
C ASP E 81 -53.07 -49.60 2.40
N PHE E 82 -53.48 -48.33 2.46
CA PHE E 82 -53.61 -47.64 3.74
C PHE E 82 -55.05 -47.62 4.23
N LYS E 83 -55.96 -47.04 3.47
CA LYS E 83 -57.38 -47.08 3.79
C LYS E 83 -58.13 -47.47 2.53
N THR E 84 -59.01 -48.45 2.66
CA THR E 84 -59.73 -48.96 1.50
C THR E 84 -60.81 -47.97 1.07
N ASP E 85 -61.09 -47.97 -0.23
CA ASP E 85 -62.17 -47.17 -0.80
C ASP E 85 -61.98 -45.69 -0.53
N LEU E 86 -60.89 -45.14 -1.06
CA LEU E 86 -60.69 -43.70 -1.09
C LEU E 86 -61.07 -43.17 -2.46
N ARG E 87 -61.47 -41.92 -2.49
CA ARG E 87 -61.78 -41.24 -3.73
C ARG E 87 -60.78 -40.12 -3.95
N PHE E 88 -60.26 -40.04 -5.16
CA PHE E 88 -59.25 -39.04 -5.49
C PHE E 88 -59.89 -37.97 -6.35
N GLN E 89 -59.68 -36.71 -6.00
CA GLN E 89 -59.96 -35.67 -6.96
C GLN E 89 -59.00 -35.80 -8.12
N SER E 90 -59.44 -35.36 -9.31
CA SER E 90 -58.56 -35.42 -10.46
C SER E 90 -57.34 -34.54 -10.29
N SER E 91 -57.55 -33.31 -9.80
CA SER E 91 -56.42 -32.40 -9.63
C SER E 91 -55.41 -32.95 -8.63
N ALA E 92 -55.86 -33.76 -7.66
CA ALA E 92 -54.92 -34.39 -6.75
C ALA E 92 -53.98 -35.32 -7.50
N VAL E 93 -54.52 -36.12 -8.41
CA VAL E 93 -53.67 -37.01 -9.18
C VAL E 93 -52.72 -36.21 -10.05
N MET E 94 -53.18 -35.09 -10.62
CA MET E 94 -52.27 -34.27 -11.41
C MET E 94 -51.15 -33.70 -10.53
N ALA E 95 -51.47 -33.28 -9.32
CA ALA E 95 -50.44 -32.77 -8.42
C ALA E 95 -49.41 -33.84 -8.08
N LEU E 96 -49.88 -35.04 -7.80
CA LEU E 96 -48.96 -36.13 -7.52
C LEU E 96 -48.06 -36.40 -8.71
N GLN E 97 -48.62 -36.37 -9.91
CA GLN E 97 -47.81 -36.63 -11.09
C GLN E 97 -46.77 -35.55 -11.31
N GLU E 98 -47.14 -34.28 -11.14
CA GLU E 98 -46.15 -33.21 -11.28
C GLU E 98 -45.03 -33.36 -10.28
N ALA E 99 -45.38 -33.67 -9.03
CA ALA E 99 -44.35 -33.82 -8.01
C ALA E 99 -43.42 -34.98 -8.33
N CYS E 100 -43.98 -36.13 -8.74
CA CYS E 100 -43.14 -37.29 -9.02
C CYS E 100 -42.25 -37.04 -10.22
N GLU E 101 -42.77 -36.42 -11.28
CA GLU E 101 -41.92 -36.15 -12.43
C GLU E 101 -40.80 -35.18 -12.08
N ALA E 102 -41.09 -34.12 -11.33
CA ALA E 102 -40.03 -33.20 -10.96
C ALA E 102 -39.00 -33.89 -10.07
N TYR E 103 -39.46 -34.75 -9.17
CA TYR E 103 -38.52 -35.46 -8.31
C TYR E 103 -37.60 -36.36 -9.13
N LEU E 104 -38.16 -37.12 -10.07
CA LEU E 104 -37.33 -38.02 -10.86
C LEU E 104 -36.38 -37.24 -11.76
N VAL E 105 -36.82 -36.10 -12.29
CA VAL E 105 -35.90 -35.30 -13.10
C VAL E 105 -34.74 -34.80 -12.25
N GLY E 106 -35.02 -34.34 -11.04
CA GLY E 106 -33.91 -33.93 -10.17
C GLY E 106 -32.98 -35.08 -9.86
N LEU E 107 -33.56 -36.25 -9.58
CA LEU E 107 -32.74 -37.43 -9.30
C LEU E 107 -31.84 -37.77 -10.47
N PHE E 108 -32.36 -37.65 -11.69
CA PHE E 108 -31.56 -38.00 -12.85
C PHE E 108 -30.52 -36.94 -13.16
N GLU E 109 -30.78 -35.67 -12.85
CA GLU E 109 -29.71 -34.68 -12.95
C GLU E 109 -28.56 -35.04 -12.03
N ASP E 110 -28.86 -35.33 -10.76
CA ASP E 110 -27.80 -35.66 -9.82
C ASP E 110 -27.12 -36.97 -10.20
N THR E 111 -27.89 -37.92 -10.74
CA THR E 111 -27.31 -39.19 -11.17
C THR E 111 -26.37 -39.00 -12.34
N ASN E 112 -26.73 -38.17 -13.31
CA ASN E 112 -25.84 -37.88 -14.42
C ASN E 112 -24.57 -37.21 -13.92
N LEU E 113 -24.70 -36.31 -12.95
CA LEU E 113 -23.50 -35.72 -12.36
C LEU E 113 -22.61 -36.78 -11.74
N CYS E 114 -23.21 -37.72 -10.99
CA CYS E 114 -22.40 -38.77 -10.39
C CYS E 114 -21.72 -39.63 -11.44
N ALA E 115 -22.44 -40.00 -12.49
CA ALA E 115 -21.87 -40.88 -13.51
C ALA E 115 -20.75 -40.20 -14.27
N ILE E 116 -20.94 -38.94 -14.64
CA ILE E 116 -19.87 -38.19 -15.31
C ILE E 116 -18.67 -38.05 -14.38
N HIS E 117 -18.92 -37.90 -13.08
CA HIS E 117 -17.82 -37.79 -12.14
C HIS E 117 -16.95 -39.03 -12.16
N ALA E 118 -17.52 -40.17 -12.50
CA ALA E 118 -16.75 -41.41 -12.57
C ALA E 118 -16.18 -41.68 -13.95
N LYS E 119 -16.06 -40.67 -14.79
CA LYS E 119 -15.51 -40.82 -16.15
C LYS E 119 -16.28 -41.89 -16.94
N ARG E 120 -17.59 -41.82 -16.85
CA ARG E 120 -18.48 -42.67 -17.64
C ARG E 120 -19.58 -41.80 -18.23
N VAL E 121 -20.36 -42.37 -19.13
CA VAL E 121 -21.42 -41.62 -19.78
C VAL E 121 -22.76 -42.28 -19.48
N THR E 122 -22.72 -43.56 -19.14
CA THR E 122 -23.93 -44.30 -18.86
C THR E 122 -24.22 -44.35 -17.37
N ILE E 123 -25.43 -43.93 -17.00
CA ILE E 123 -25.86 -43.95 -15.61
C ILE E 123 -26.27 -45.35 -15.23
N MET E 124 -25.99 -45.73 -13.99
CA MET E 124 -26.14 -47.10 -13.52
C MET E 124 -26.80 -47.12 -12.15
N PRO E 125 -27.28 -48.28 -11.72
CA PRO E 125 -27.92 -48.35 -10.39
C PRO E 125 -27.05 -47.84 -9.26
N LYS E 126 -25.74 -48.07 -9.29
CA LYS E 126 -24.92 -47.54 -8.22
C LYS E 126 -24.89 -46.02 -8.24
N ASP E 127 -25.01 -45.39 -9.42
CA ASP E 127 -25.08 -43.94 -9.47
C ASP E 127 -26.32 -43.41 -8.77
N ILE E 128 -27.47 -44.01 -9.07
CA ILE E 128 -28.71 -43.59 -8.41
C ILE E 128 -28.61 -43.81 -6.91
N GLN E 129 -28.05 -44.94 -6.49
CA GLN E 129 -27.93 -45.20 -5.06
C GLN E 129 -27.01 -44.18 -4.40
N LEU E 130 -25.92 -43.81 -5.05
CA LEU E 130 -25.02 -42.83 -4.47
C LEU E 130 -25.69 -41.46 -4.34
N ALA E 131 -26.40 -41.03 -5.39
CA ALA E 131 -27.09 -39.75 -5.30
C ALA E 131 -28.12 -39.75 -4.20
N ARG E 132 -28.89 -40.84 -4.09
CA ARG E 132 -29.89 -40.92 -3.04
C ARG E 132 -29.25 -40.97 -1.67
N ARG E 133 -28.05 -41.52 -1.55
CA ARG E 133 -27.40 -41.59 -0.24
C ARG E 133 -26.83 -40.24 0.15
N ILE E 134 -26.28 -39.50 -0.81
CA ILE E 134 -25.72 -38.19 -0.48
C ILE E 134 -26.83 -37.19 -0.17
N ARG E 135 -27.92 -37.23 -0.92
CA ARG E 135 -29.00 -36.29 -0.65
C ARG E 135 -29.53 -36.43 0.76
N GLY E 136 -29.41 -37.61 1.36
CA GLY E 136 -29.96 -37.89 2.66
C GLY E 136 -31.24 -38.68 2.64
N GLU E 137 -31.67 -39.17 1.49
CA GLU E 137 -32.93 -39.90 1.41
C GLU E 137 -32.77 -41.35 1.86
N ARG E 138 -31.55 -41.82 2.01
CA ARG E 138 -31.33 -43.19 2.44
C ARG E 138 -29.95 -43.35 3.10
N LYS F 24 -62.65 -52.96 -9.17
CA LYS F 24 -61.69 -54.03 -9.30
C LYS F 24 -60.45 -53.76 -8.44
N VAL F 25 -59.95 -54.81 -7.80
CA VAL F 25 -58.71 -54.73 -7.04
C VAL F 25 -57.53 -54.78 -7.99
N LEU F 26 -56.57 -53.87 -7.78
CA LEU F 26 -55.47 -53.63 -8.71
C LEU F 26 -54.18 -54.19 -8.13
N ARG F 27 -53.43 -54.92 -8.94
CA ARG F 27 -52.16 -55.50 -8.54
C ARG F 27 -51.12 -55.27 -9.63
N ASP F 28 -49.88 -55.02 -9.22
CA ASP F 28 -48.75 -54.90 -10.13
C ASP F 28 -49.00 -53.85 -11.20
N ASN F 29 -49.35 -52.64 -10.78
CA ASN F 29 -49.46 -51.54 -11.72
C ASN F 29 -48.18 -50.76 -11.89
N ILE F 30 -47.17 -51.02 -11.07
CA ILE F 30 -45.92 -50.29 -11.18
C ILE F 30 -45.27 -50.54 -12.53
N GLN F 31 -45.56 -51.69 -13.15
CA GLN F 31 -45.10 -51.93 -14.50
C GLN F 31 -45.72 -50.98 -15.52
N GLY F 32 -46.76 -50.26 -15.12
CA GLY F 32 -47.33 -49.25 -16.01
C GLY F 32 -46.41 -48.08 -16.27
N ILE F 33 -45.43 -47.84 -15.41
CA ILE F 33 -44.42 -46.83 -15.65
C ILE F 33 -43.42 -47.49 -16.61
N THR F 34 -43.69 -47.32 -17.90
CA THR F 34 -43.03 -48.11 -18.92
C THR F 34 -41.56 -47.75 -19.05
N LYS F 35 -40.85 -48.56 -19.82
CA LYS F 35 -39.45 -48.25 -20.13
C LYS F 35 -39.29 -46.97 -20.94
N PRO F 36 -40.02 -46.71 -22.02
CA PRO F 36 -39.83 -45.45 -22.73
C PRO F 36 -40.15 -44.22 -21.90
N ALA F 37 -41.10 -44.29 -20.98
CA ALA F 37 -41.38 -43.13 -20.14
C ALA F 37 -40.21 -42.81 -19.23
N ILE F 38 -39.61 -43.84 -18.63
CA ILE F 38 -38.40 -43.62 -17.83
C ILE F 38 -37.31 -43.05 -18.70
N ARG F 39 -37.20 -43.53 -19.94
CA ARG F 39 -36.21 -42.99 -20.84
C ARG F 39 -36.43 -41.51 -21.10
N ARG F 40 -37.68 -41.11 -21.32
CA ARG F 40 -37.98 -39.70 -21.56
C ARG F 40 -37.65 -38.85 -20.35
N LEU F 41 -38.03 -39.32 -19.16
CA LEU F 41 -37.70 -38.58 -17.94
C LEU F 41 -36.21 -38.39 -17.81
N ALA F 42 -35.44 -39.44 -18.08
CA ALA F 42 -33.99 -39.31 -18.01
C ALA F 42 -33.48 -38.34 -19.07
N ARG F 43 -34.06 -38.36 -20.25
CA ARG F 43 -33.62 -37.46 -21.31
C ARG F 43 -33.82 -36.01 -20.90
N ARG F 44 -34.96 -35.69 -20.28
CA ARG F 44 -35.14 -34.33 -19.80
C ARG F 44 -34.07 -33.96 -18.79
N GLY F 45 -33.58 -34.92 -18.03
CA GLY F 45 -32.59 -34.57 -17.05
C GLY F 45 -31.21 -34.34 -17.59
N GLY F 46 -31.00 -34.56 -18.88
CA GLY F 46 -29.69 -34.43 -19.46
C GLY F 46 -28.91 -35.71 -19.56
N VAL F 47 -29.57 -36.86 -19.43
CA VAL F 47 -28.88 -38.15 -19.51
C VAL F 47 -28.75 -38.54 -20.98
N LYS F 48 -27.57 -39.02 -21.35
CA LYS F 48 -27.31 -39.35 -22.74
C LYS F 48 -27.35 -40.86 -23.01
N ARG F 49 -26.89 -41.67 -22.07
CA ARG F 49 -26.85 -43.11 -22.26
C ARG F 49 -27.28 -43.79 -20.97
N ILE F 50 -28.23 -44.73 -21.07
CA ILE F 50 -28.90 -45.28 -19.90
C ILE F 50 -28.62 -46.77 -19.82
N SER F 51 -28.25 -47.26 -18.65
CA SER F 51 -28.06 -48.69 -18.46
C SER F 51 -29.38 -49.43 -18.57
N GLY F 52 -29.32 -50.73 -18.43
CA GLY F 52 -30.50 -51.55 -18.57
C GLY F 52 -31.16 -51.89 -17.25
N LEU F 53 -30.42 -51.77 -16.16
CA LEU F 53 -30.95 -52.02 -14.83
C LEU F 53 -31.45 -50.75 -14.16
N ILE F 54 -31.41 -49.62 -14.86
CA ILE F 54 -31.94 -48.39 -14.28
C ILE F 54 -33.45 -48.48 -14.15
N TYR F 55 -34.08 -49.29 -14.99
CA TYR F 55 -35.54 -49.30 -15.02
C TYR F 55 -36.14 -49.83 -13.73
N GLU F 56 -35.64 -50.98 -13.26
CA GLU F 56 -36.17 -51.52 -12.01
C GLU F 56 -35.83 -50.62 -10.83
N GLU F 57 -34.62 -50.08 -10.80
CA GLU F 57 -34.23 -49.22 -9.69
C GLU F 57 -35.08 -47.96 -9.64
N THR F 58 -35.34 -47.36 -10.80
CA THR F 58 -36.17 -46.18 -10.84
C THR F 58 -37.60 -46.52 -10.43
N ARG F 59 -38.11 -47.68 -10.83
CA ARG F 59 -39.43 -48.05 -10.36
C ARG F 59 -39.46 -48.19 -8.85
N GLY F 60 -38.42 -48.76 -8.25
CA GLY F 60 -38.38 -48.85 -6.81
C GLY F 60 -38.36 -47.48 -6.14
N VAL F 61 -37.54 -46.57 -6.66
CA VAL F 61 -37.44 -45.24 -6.08
C VAL F 61 -38.77 -44.52 -6.17
N LEU F 62 -39.43 -44.60 -7.33
CA LEU F 62 -40.72 -43.96 -7.50
C LEU F 62 -41.75 -44.55 -6.55
N LYS F 63 -41.74 -45.86 -6.38
CA LYS F 63 -42.69 -46.49 -5.47
C LYS F 63 -42.51 -45.97 -4.05
N VAL F 64 -41.25 -45.87 -3.61
CA VAL F 64 -40.99 -45.39 -2.24
C VAL F 64 -41.48 -43.97 -2.07
N PHE F 65 -41.15 -43.09 -3.03
CA PHE F 65 -41.55 -41.69 -2.89
C PHE F 65 -43.06 -41.54 -2.90
N LEU F 66 -43.73 -42.30 -3.77
CA LEU F 66 -45.19 -42.23 -3.83
C LEU F 66 -45.81 -42.72 -2.54
N GLU F 67 -45.28 -43.80 -1.97
CA GLU F 67 -45.80 -44.25 -0.68
C GLU F 67 -45.66 -43.18 0.37
N ASN F 68 -44.49 -42.52 0.42
CA ASN F 68 -44.30 -41.49 1.44
C ASN F 68 -45.25 -40.32 1.27
N VAL F 69 -45.48 -39.84 0.05
CA VAL F 69 -46.40 -38.72 -0.12
C VAL F 69 -47.83 -39.14 0.18
N ILE F 70 -48.24 -40.31 -0.31
CA ILE F 70 -49.64 -40.69 -0.19
C ILE F 70 -49.98 -41.04 1.26
N ARG F 71 -49.02 -41.52 2.04
CA ARG F 71 -49.32 -41.79 3.44
C ARG F 71 -49.74 -40.51 4.15
N ASP F 72 -49.00 -39.43 3.96
CA ASP F 72 -49.35 -38.17 4.60
C ASP F 72 -50.63 -37.60 4.01
N ALA F 73 -50.82 -37.73 2.71
CA ALA F 73 -52.06 -37.22 2.11
C ALA F 73 -53.27 -37.93 2.71
N VAL F 74 -53.21 -39.24 2.83
CA VAL F 74 -54.33 -40.00 3.38
C VAL F 74 -54.49 -39.70 4.85
N THR F 75 -53.40 -39.46 5.57
CA THR F 75 -53.54 -39.10 6.98
C THR F 75 -54.30 -37.80 7.12
N TYR F 76 -53.94 -36.80 6.31
CA TYR F 76 -54.67 -35.54 6.34
C TYR F 76 -56.14 -35.75 6.02
N THR F 77 -56.43 -36.56 4.98
CA THR F 77 -57.82 -36.79 4.62
C THR F 77 -58.59 -37.48 5.72
N GLU F 78 -58.04 -38.55 6.29
CA GLU F 78 -58.72 -39.23 7.38
C GLU F 78 -59.00 -38.29 8.53
N HIS F 79 -58.08 -37.36 8.80
CA HIS F 79 -58.33 -36.45 9.91
C HIS F 79 -59.56 -35.59 9.67
N ALA F 80 -59.71 -35.05 8.47
CA ALA F 80 -60.85 -34.21 8.19
C ALA F 80 -62.14 -35.00 8.04
N LYS F 81 -62.13 -36.29 8.36
CA LYS F 81 -63.32 -37.14 8.33
C LYS F 81 -63.95 -37.15 6.94
N ARG F 82 -63.11 -37.11 5.92
CA ARG F 82 -63.55 -37.14 4.54
C ARG F 82 -63.12 -38.45 3.88
N LYS F 83 -63.63 -38.69 2.69
CA LYS F 83 -63.22 -39.82 1.88
C LYS F 83 -62.77 -39.40 0.49
N THR F 84 -62.43 -38.14 0.29
CA THR F 84 -61.91 -37.65 -0.97
C THR F 84 -60.58 -36.96 -0.73
N VAL F 85 -59.53 -37.41 -1.41
CA VAL F 85 -58.18 -36.90 -1.21
C VAL F 85 -58.01 -35.67 -2.10
N THR F 86 -58.42 -34.51 -1.62
CA THR F 86 -58.41 -33.32 -2.44
C THR F 86 -56.98 -32.89 -2.76
N ALA F 87 -56.86 -31.90 -3.65
CA ALA F 87 -55.54 -31.47 -4.08
C ALA F 87 -54.75 -30.83 -2.96
N MET F 88 -55.44 -30.10 -2.07
CA MET F 88 -54.73 -29.45 -0.99
C MET F 88 -54.08 -30.44 -0.05
N ASP F 89 -54.67 -31.62 0.13
CA ASP F 89 -54.01 -32.62 0.96
C ASP F 89 -52.67 -33.02 0.37
N VAL F 90 -52.62 -33.24 -0.94
CA VAL F 90 -51.36 -33.62 -1.56
C VAL F 90 -50.37 -32.46 -1.50
N VAL F 91 -50.85 -31.23 -1.65
CA VAL F 91 -49.95 -30.08 -1.56
C VAL F 91 -49.35 -29.98 -0.18
N TYR F 92 -50.16 -30.21 0.86
CA TYR F 92 -49.62 -30.16 2.21
C TYR F 92 -48.66 -31.32 2.47
N ALA F 93 -48.98 -32.51 1.98
CA ALA F 93 -48.09 -33.65 2.18
C ALA F 93 -46.76 -33.41 1.50
N LEU F 94 -46.76 -32.73 0.37
CA LEU F 94 -45.50 -32.37 -0.26
C LEU F 94 -44.80 -31.27 0.52
N LYS F 95 -45.55 -30.32 1.07
CA LYS F 95 -44.93 -29.22 1.81
C LYS F 95 -44.24 -29.72 3.06
N ARG F 96 -44.76 -30.77 3.69
CA ARG F 96 -44.11 -31.33 4.86
C ARG F 96 -42.73 -31.87 4.53
N GLN F 97 -42.60 -32.59 3.43
CA GLN F 97 -41.36 -33.25 3.08
C GLN F 97 -40.32 -32.31 2.51
N GLY F 98 -40.59 -31.01 2.49
CA GLY F 98 -39.64 -30.08 1.95
C GLY F 98 -39.67 -29.94 0.44
N ARG F 99 -40.78 -30.28 -0.20
CA ARG F 99 -40.95 -30.06 -1.63
C ARG F 99 -42.24 -29.29 -1.83
N THR F 100 -42.17 -27.97 -1.79
CA THR F 100 -43.35 -27.17 -2.02
C THR F 100 -43.79 -27.32 -3.46
N LEU F 101 -45.09 -27.23 -3.70
CA LEU F 101 -45.64 -27.33 -5.04
C LEU F 101 -46.46 -26.08 -5.31
N TYR F 102 -46.11 -25.37 -6.37
CA TYR F 102 -46.83 -24.16 -6.75
C TYR F 102 -47.79 -24.47 -7.88
N GLY F 103 -48.96 -23.86 -7.82
CA GLY F 103 -49.93 -23.93 -8.89
C GLY F 103 -51.21 -24.64 -8.55
N PHE F 104 -51.22 -25.48 -7.52
CA PHE F 104 -52.41 -26.21 -7.12
C PHE F 104 -53.02 -25.65 -5.85
N GLY F 105 -52.41 -24.63 -5.27
CA GLY F 105 -52.93 -24.07 -4.04
C GLY F 105 -54.22 -23.32 -4.18
N GLY F 106 -54.77 -23.26 -5.39
CA GLY F 106 -56.04 -22.60 -5.64
C GLY F 106 -56.03 -21.81 -6.92
N LYS G 19 -53.33 -36.50 43.42
CA LYS G 19 -54.50 -35.78 42.91
C LYS G 19 -54.13 -34.90 41.72
N THR G 20 -52.91 -35.06 41.25
CA THR G 20 -52.44 -34.36 40.05
C THR G 20 -52.88 -35.12 38.82
N ARG G 21 -53.03 -34.40 37.71
CA ARG G 21 -53.46 -35.04 36.48
C ARG G 21 -52.46 -36.07 36.00
N SER G 22 -51.18 -35.88 36.33
CA SER G 22 -50.18 -36.88 35.98
C SER G 22 -50.48 -38.20 36.67
N SER G 23 -50.89 -38.15 37.94
CA SER G 23 -51.26 -39.36 38.64
C SER G 23 -52.52 -39.98 38.07
N ARG G 24 -53.51 -39.14 37.71
CA ARG G 24 -54.74 -39.66 37.13
C ARG G 24 -54.46 -40.42 35.85
N ALA G 25 -53.60 -39.88 34.98
CA ALA G 25 -53.32 -40.54 33.73
C ALA G 25 -52.33 -41.67 33.87
N GLY G 26 -51.75 -41.88 35.06
CA GLY G 26 -50.72 -42.87 35.19
C GLY G 26 -49.47 -42.51 34.42
N LEU G 27 -49.10 -41.24 34.42
CA LEU G 27 -47.94 -40.73 33.72
C LEU G 27 -47.01 -40.04 34.71
N GLN G 28 -45.73 -40.02 34.35
CA GLN G 28 -44.75 -39.28 35.14
C GLN G 28 -44.54 -37.87 34.63
N PHE G 29 -44.68 -37.63 33.33
CA PHE G 29 -44.48 -36.29 32.80
C PHE G 29 -45.60 -35.37 33.27
N PRO G 30 -45.30 -34.08 33.44
CA PRO G 30 -46.26 -33.17 34.09
C PRO G 30 -47.30 -32.69 33.11
N VAL G 31 -48.53 -33.17 33.27
CA VAL G 31 -49.60 -32.76 32.38
C VAL G 31 -49.92 -31.29 32.57
N GLY G 32 -49.82 -30.80 33.81
CA GLY G 32 -50.09 -29.39 34.03
C GLY G 32 -49.12 -28.50 33.29
N ARG G 33 -47.83 -28.82 33.35
CA ARG G 33 -46.84 -27.98 32.68
C ARG G 33 -47.01 -28.04 31.17
N VAL G 34 -47.32 -29.21 30.63
CA VAL G 34 -47.52 -29.32 29.19
C VAL G 34 -48.73 -28.53 28.75
N HIS G 35 -49.81 -28.57 29.53
CA HIS G 35 -50.98 -27.74 29.20
C HIS G 35 -50.62 -26.27 29.24
N ARG G 36 -49.85 -25.85 30.25
CA ARG G 36 -49.45 -24.46 30.32
C ARG G 36 -48.61 -24.07 29.11
N LEU G 37 -47.69 -24.94 28.71
CA LEU G 37 -46.84 -24.63 27.55
C LEU G 37 -47.67 -24.54 26.28
N LEU G 38 -48.65 -25.42 26.11
CA LEU G 38 -49.50 -25.32 24.93
C LEU G 38 -50.28 -24.02 24.93
N ARG G 39 -50.79 -23.60 26.09
CA ARG G 39 -51.58 -22.38 26.13
C ARG G 39 -50.73 -21.14 25.89
N LYS G 40 -49.58 -21.04 26.54
CA LYS G 40 -48.76 -19.84 26.44
C LYS G 40 -47.91 -19.78 25.17
N GLY G 41 -47.83 -20.85 24.40
CA GLY G 41 -47.02 -20.82 23.21
C GLY G 41 -47.72 -20.26 21.99
N ASN G 42 -49.01 -19.96 22.10
CA ASN G 42 -49.82 -19.53 20.97
C ASN G 42 -49.74 -20.52 19.82
N TYR G 43 -50.23 -21.73 20.09
CA TYR G 43 -50.41 -22.74 19.06
C TYR G 43 -51.83 -22.78 18.53
N SER G 44 -52.81 -22.39 19.33
CA SER G 44 -54.18 -22.26 18.86
C SER G 44 -54.95 -21.42 19.88
N GLU G 45 -56.14 -21.00 19.47
CA GLU G 45 -56.92 -20.12 20.35
C GLU G 45 -57.34 -20.84 21.62
N ARG G 46 -57.75 -22.10 21.51
CA ARG G 46 -58.24 -22.87 22.64
C ARG G 46 -57.58 -24.25 22.63
N VAL G 47 -57.38 -24.82 23.81
CA VAL G 47 -56.72 -26.10 23.97
C VAL G 47 -57.66 -27.06 24.69
N GLY G 48 -57.87 -28.22 24.10
CA GLY G 48 -58.80 -29.18 24.66
C GLY G 48 -58.30 -29.79 25.95
N ALA G 49 -59.16 -30.60 26.55
CA ALA G 49 -58.85 -31.19 27.84
C ALA G 49 -57.90 -32.37 27.72
N GLY G 50 -58.05 -33.16 26.67
CA GLY G 50 -57.19 -34.33 26.51
C GLY G 50 -55.89 -34.08 25.80
N ALA G 51 -55.71 -32.90 25.23
CA ALA G 51 -54.48 -32.61 24.50
C ALA G 51 -53.24 -32.69 25.39
N PRO G 52 -53.18 -32.04 26.56
CA PRO G 52 -51.97 -32.18 27.37
C PRO G 52 -51.71 -33.61 27.81
N VAL G 53 -52.74 -34.37 28.14
CA VAL G 53 -52.53 -35.75 28.58
C VAL G 53 -51.96 -36.59 27.45
N TYR G 54 -52.56 -36.49 26.26
CA TYR G 54 -52.09 -37.25 25.12
C TYR G 54 -50.65 -36.87 24.78
N LEU G 55 -50.36 -35.58 24.74
CA LEU G 55 -49.02 -35.15 24.38
C LEU G 55 -48.01 -35.59 25.43
N ALA G 56 -48.37 -35.51 26.70
CA ALA G 56 -47.45 -35.95 27.75
C ALA G 56 -47.20 -37.44 27.66
N ALA G 57 -48.23 -38.23 27.35
CA ALA G 57 -48.02 -39.66 27.20
C ALA G 57 -47.08 -39.96 26.05
N VAL G 58 -47.25 -39.27 24.93
CA VAL G 58 -46.36 -39.47 23.80
C VAL G 58 -44.93 -39.14 24.19
N LEU G 59 -44.73 -38.02 24.87
CA LEU G 59 -43.39 -37.64 25.28
C LEU G 59 -42.79 -38.67 26.23
N GLU G 60 -43.60 -39.16 27.17
CA GLU G 60 -43.07 -40.16 28.10
C GLU G 60 -42.64 -41.41 27.38
N TYR G 61 -43.43 -41.87 26.42
CA TYR G 61 -43.03 -43.08 25.70
C TYR G 61 -41.74 -42.86 24.94
N LEU G 62 -41.61 -41.72 24.26
CA LEU G 62 -40.39 -41.51 23.48
C LEU G 62 -39.16 -41.41 24.39
N THR G 63 -39.29 -40.69 25.50
CA THR G 63 -38.17 -40.61 26.42
C THR G 63 -37.81 -41.97 26.98
N ALA G 64 -38.81 -42.79 27.31
CA ALA G 64 -38.52 -44.13 27.80
C ALA G 64 -37.80 -44.95 26.74
N GLU G 65 -38.18 -44.80 25.47
CA GLU G 65 -37.53 -45.53 24.41
C GLU G 65 -36.05 -45.18 24.32
N ILE G 66 -35.75 -43.88 24.25
CA ILE G 66 -34.36 -43.47 24.11
C ILE G 66 -33.55 -43.86 25.33
N LEU G 67 -34.14 -43.72 26.53
CA LEU G 67 -33.38 -44.06 27.72
C LEU G 67 -33.17 -45.56 27.85
N GLU G 68 -34.12 -46.38 27.42
CA GLU G 68 -33.89 -47.82 27.43
C GLU G 68 -32.73 -48.20 26.52
N LEU G 69 -32.74 -47.69 25.29
CA LEU G 69 -31.64 -48.00 24.39
C LEU G 69 -30.32 -47.46 24.91
N ALA G 70 -30.34 -46.27 25.53
CA ALA G 70 -29.11 -45.72 26.09
C ALA G 70 -28.59 -46.56 27.23
N GLY G 71 -29.47 -47.03 28.10
CA GLY G 71 -29.02 -47.90 29.17
C GLY G 71 -28.43 -49.19 28.66
N ASN G 72 -29.03 -49.76 27.61
CA ASN G 72 -28.44 -50.95 27.00
C ASN G 72 -27.05 -50.67 26.46
N ALA G 73 -26.89 -49.57 25.73
CA ALA G 73 -25.58 -49.25 25.17
C ALA G 73 -24.59 -48.89 26.27
N ALA G 74 -25.08 -48.47 27.43
CA ALA G 74 -24.18 -48.21 28.55
C ALA G 74 -23.70 -49.50 29.17
N ARG G 75 -24.60 -50.47 29.38
CA ARG G 75 -24.17 -51.75 29.92
C ARG G 75 -23.30 -52.51 28.94
N ASP G 76 -23.42 -52.24 27.64
CA ASP G 76 -22.59 -52.94 26.66
C ASP G 76 -21.15 -52.45 26.64
N ASN G 77 -20.79 -51.45 27.43
CA ASN G 77 -19.38 -51.07 27.55
C ASN G 77 -19.00 -50.79 29.01
N LYS G 78 -19.67 -51.44 29.95
CA LYS G 78 -19.21 -51.57 31.33
C LYS G 78 -19.13 -50.24 32.06
N LYS G 79 -20.16 -49.40 31.89
CA LYS G 79 -20.28 -48.18 32.69
C LYS G 79 -21.74 -47.96 33.05
N THR G 80 -21.98 -47.39 34.23
CA THR G 80 -23.31 -47.26 34.78
C THR G 80 -23.89 -45.86 34.64
N ARG G 81 -23.19 -44.94 34.00
CA ARG G 81 -23.69 -43.58 33.83
C ARG G 81 -23.83 -43.26 32.36
N ILE G 82 -25.00 -42.77 31.98
CA ILE G 82 -25.31 -42.49 30.58
C ILE G 82 -24.72 -41.14 30.22
N ILE G 83 -23.87 -41.11 29.21
CA ILE G 83 -23.20 -39.88 28.79
C ILE G 83 -23.49 -39.66 27.31
N PRO G 84 -23.30 -38.45 26.77
CA PRO G 84 -23.80 -38.16 25.42
C PRO G 84 -23.35 -39.13 24.35
N ARG G 85 -22.16 -39.70 24.47
CA ARG G 85 -21.73 -40.70 23.50
C ARG G 85 -22.70 -41.87 23.46
N HIS G 86 -23.21 -42.29 24.62
CA HIS G 86 -24.16 -43.39 24.66
C HIS G 86 -25.47 -43.01 23.98
N LEU G 87 -25.94 -41.78 24.18
CA LEU G 87 -27.14 -41.34 23.48
C LEU G 87 -26.93 -41.33 21.98
N GLN G 88 -25.75 -40.88 21.54
CA GLN G 88 -25.46 -40.90 20.10
C GLN G 88 -25.49 -42.31 19.56
N LEU G 89 -24.90 -43.26 20.28
CA LEU G 89 -24.93 -44.65 19.82
C LEU G 89 -26.36 -45.18 19.78
N ALA G 90 -27.13 -44.92 20.83
CA ALA G 90 -28.49 -45.45 20.88
C ALA G 90 -29.36 -44.86 19.78
N ILE G 91 -29.14 -43.60 19.45
CA ILE G 91 -29.93 -42.97 18.39
C ILE G 91 -29.51 -43.49 17.02
N ARG G 92 -28.21 -43.45 16.72
CA ARG G 92 -27.80 -43.82 15.37
C ARG G 92 -27.94 -45.30 15.09
N ASN G 93 -27.96 -46.15 16.12
CA ASN G 93 -28.01 -47.58 15.89
C ASN G 93 -29.42 -48.14 15.80
N ASP G 94 -30.45 -47.29 15.85
CA ASP G 94 -31.84 -47.73 15.73
C ASP G 94 -32.45 -47.07 14.51
N GLU G 95 -33.05 -47.86 13.63
CA GLU G 95 -33.51 -47.32 12.35
C GLU G 95 -34.57 -46.25 12.54
N GLU G 96 -35.56 -46.51 13.40
CA GLU G 96 -36.65 -45.57 13.56
C GLU G 96 -36.19 -44.27 14.21
N LEU G 97 -35.45 -44.36 15.31
CA LEU G 97 -34.99 -43.13 15.96
C LEU G 97 -34.04 -42.37 15.05
N ASN G 98 -33.20 -43.07 14.30
CA ASN G 98 -32.32 -42.37 13.36
C ASN G 98 -33.13 -41.64 12.31
N LYS G 99 -34.21 -42.23 11.84
CA LYS G 99 -35.05 -41.52 10.88
C LYS G 99 -35.72 -40.32 11.52
N LEU G 100 -36.13 -40.42 12.79
CA LEU G 100 -36.81 -39.31 13.43
C LEU G 100 -35.86 -38.18 13.78
N LEU G 101 -34.60 -38.51 14.09
CA LEU G 101 -33.62 -37.50 14.49
C LEU G 101 -32.54 -37.40 13.42
N GLY G 102 -32.96 -37.32 12.16
CA GLY G 102 -32.01 -37.40 11.07
C GLY G 102 -31.12 -36.19 10.90
N ARG G 103 -31.54 -35.04 11.42
CA ARG G 103 -30.79 -33.80 11.25
C ARG G 103 -29.97 -33.46 12.47
N VAL G 104 -30.39 -33.91 13.65
CA VAL G 104 -29.94 -33.40 14.93
C VAL G 104 -28.48 -33.73 15.14
N THR G 105 -27.68 -32.72 15.45
CA THR G 105 -26.32 -32.90 15.91
C THR G 105 -26.34 -32.92 17.43
N ILE G 106 -25.57 -33.82 18.02
CA ILE G 106 -25.55 -34.02 19.47
C ILE G 106 -24.17 -33.64 19.98
N ALA G 107 -24.14 -32.65 20.87
CA ALA G 107 -22.86 -32.11 21.33
C ALA G 107 -22.07 -33.18 22.07
N GLN G 108 -20.76 -33.20 21.86
CA GLN G 108 -19.86 -34.20 22.42
C GLN G 108 -20.33 -35.60 22.09
N GLY G 109 -20.78 -35.82 20.86
CA GLY G 109 -21.47 -37.04 20.52
C GLY G 109 -20.68 -38.05 19.72
N GLY G 110 -19.67 -37.60 18.98
CA GLY G 110 -18.94 -38.54 18.18
C GLY G 110 -19.75 -39.05 17.00
N VAL G 111 -19.25 -40.13 16.40
CA VAL G 111 -19.90 -40.73 15.25
C VAL G 111 -19.98 -42.24 15.44
N LEU G 112 -20.72 -42.88 14.55
CA LEU G 112 -20.83 -44.33 14.57
C LEU G 112 -19.54 -44.97 14.07
N PRO G 113 -18.93 -45.88 14.82
CA PRO G 113 -17.71 -46.55 14.34
C PRO G 113 -17.98 -47.30 13.05
N ASN G 114 -17.38 -46.84 11.97
CA ASN G 114 -17.68 -47.40 10.65
C ASN G 114 -16.57 -47.05 9.69
N ILE G 115 -15.94 -48.07 9.11
CA ILE G 115 -14.95 -47.93 8.05
C ILE G 115 -15.50 -48.63 6.83
N GLN G 116 -15.43 -47.98 5.67
CA GLN G 116 -15.87 -48.61 4.44
C GLN G 116 -15.06 -49.87 4.19
N ALA G 117 -15.67 -50.85 3.54
CA ALA G 117 -15.02 -52.15 3.38
C ALA G 117 -13.76 -52.06 2.54
N VAL G 118 -13.78 -51.24 1.47
CA VAL G 118 -12.68 -51.25 0.52
C VAL G 118 -11.40 -50.71 1.16
N LEU G 119 -11.53 -49.78 2.10
CA LEU G 119 -10.34 -49.18 2.71
C LEU G 119 -9.54 -50.19 3.53
N LEU G 120 -10.18 -51.24 4.03
CA LEU G 120 -9.47 -52.22 4.84
C LEU G 120 -8.41 -52.93 3.99
N PRO G 121 -7.26 -53.26 4.58
CA PRO G 121 -6.22 -53.96 3.81
C PRO G 121 -6.68 -55.35 3.45
N LYS G 122 -6.18 -55.84 2.30
CA LYS G 122 -6.50 -57.18 1.79
C LYS G 122 -8.00 -57.41 1.69
N LYS H 38 -34.27 -21.83 34.60
CA LYS H 38 -35.68 -21.56 34.90
C LYS H 38 -36.39 -22.87 35.25
N GLU H 39 -37.02 -23.47 34.26
CA GLU H 39 -37.71 -24.74 34.42
C GLU H 39 -37.23 -25.73 33.36
N SER H 40 -37.21 -27.00 33.73
CA SER H 40 -36.75 -28.05 32.82
C SER H 40 -37.33 -29.38 33.28
N TYR H 41 -37.19 -30.39 32.43
CA TYR H 41 -37.73 -31.71 32.68
C TYR H 41 -36.69 -32.66 33.26
N SER H 42 -35.78 -32.15 34.07
CA SER H 42 -34.72 -33.01 34.58
C SER H 42 -35.28 -34.08 35.50
N ILE H 43 -36.17 -33.72 36.41
CA ILE H 43 -36.67 -34.67 37.39
C ILE H 43 -37.48 -35.76 36.71
N TYR H 44 -38.27 -35.41 35.69
CA TYR H 44 -39.11 -36.41 35.06
C TYR H 44 -38.28 -37.39 34.24
N VAL H 45 -37.28 -36.89 33.52
CA VAL H 45 -36.40 -37.80 32.80
C VAL H 45 -35.69 -38.72 33.77
N TYR H 46 -35.28 -38.18 34.92
CA TYR H 46 -34.68 -39.03 35.94
C TYR H 46 -35.65 -40.11 36.41
N LYS H 47 -36.92 -39.73 36.63
CA LYS H 47 -37.90 -40.69 37.11
C LYS H 47 -38.10 -41.81 36.12
N VAL H 48 -38.27 -41.48 34.84
CA VAL H 48 -38.47 -42.52 33.84
C VAL H 48 -37.23 -43.40 33.74
N LEU H 49 -36.04 -42.80 33.88
CA LEU H 49 -34.82 -43.60 33.87
C LEU H 49 -34.80 -44.61 35.00
N LYS H 50 -35.12 -44.17 36.22
CA LYS H 50 -35.17 -45.11 37.33
C LYS H 50 -36.28 -46.12 37.16
N GLN H 51 -37.30 -45.80 36.36
CA GLN H 51 -38.33 -46.79 36.08
C GLN H 51 -37.82 -47.89 35.16
N VAL H 52 -37.09 -47.55 34.11
CA VAL H 52 -36.65 -48.58 33.17
C VAL H 52 -35.38 -49.28 33.66
N HIS H 53 -34.34 -48.54 34.00
CA HIS H 53 -33.08 -49.14 34.45
C HIS H 53 -32.81 -48.70 35.88
N PRO H 54 -33.20 -49.50 36.87
CA PRO H 54 -33.15 -49.02 38.26
C PRO H 54 -31.77 -48.62 38.73
N ASP H 55 -30.71 -49.27 38.24
CA ASP H 55 -29.37 -49.06 38.76
C ASP H 55 -28.50 -48.19 37.86
N THR H 56 -29.11 -47.32 37.05
CA THR H 56 -28.38 -46.49 36.12
C THR H 56 -28.53 -45.02 36.51
N GLY H 57 -27.42 -44.29 36.45
CA GLY H 57 -27.42 -42.85 36.61
C GLY H 57 -27.10 -42.16 35.31
N ILE H 58 -27.46 -40.88 35.25
CA ILE H 58 -27.31 -40.09 34.03
C ILE H 58 -26.61 -38.79 34.36
N SER H 59 -25.56 -38.48 33.60
CA SER H 59 -24.71 -37.37 33.95
C SER H 59 -25.43 -36.05 33.72
N SER H 60 -24.72 -34.95 33.92
CA SER H 60 -25.33 -33.64 33.74
C SER H 60 -25.53 -33.32 32.26
N LYS H 61 -24.51 -33.54 31.44
CA LYS H 61 -24.63 -33.18 30.04
C LYS H 61 -25.66 -34.03 29.32
N ALA H 62 -25.72 -35.32 29.62
CA ALA H 62 -26.76 -36.14 29.02
C ALA H 62 -28.14 -35.67 29.44
N MET H 63 -28.29 -35.19 30.67
CA MET H 63 -29.56 -34.62 31.07
C MET H 63 -29.88 -33.36 30.28
N GLY H 64 -28.87 -32.55 29.99
CA GLY H 64 -29.10 -31.40 29.14
C GLY H 64 -29.56 -31.81 27.74
N ILE H 65 -28.95 -32.85 27.20
CA ILE H 65 -29.36 -33.33 25.89
C ILE H 65 -30.80 -33.82 25.92
N MET H 66 -31.18 -34.56 26.96
CA MET H 66 -32.55 -35.05 27.02
C MET H 66 -33.54 -33.90 27.21
N ASN H 67 -33.15 -32.88 27.97
CA ASN H 67 -33.97 -31.68 28.07
C ASN H 67 -34.24 -31.09 26.70
N SER H 68 -33.16 -30.86 25.92
CA SER H 68 -33.37 -30.26 24.62
C SER H 68 -34.17 -31.17 23.72
N PHE H 69 -33.99 -32.48 23.84
CA PHE H 69 -34.74 -33.41 22.99
C PHE H 69 -36.23 -33.35 23.30
N VAL H 70 -36.60 -33.35 24.58
CA VAL H 70 -38.01 -33.30 24.92
C VAL H 70 -38.62 -32.01 24.44
N ASN H 71 -37.90 -30.89 24.60
CA ASN H 71 -38.42 -29.62 24.10
C ASN H 71 -38.58 -29.66 22.59
N ASP H 72 -37.61 -30.25 21.88
CA ASP H 72 -37.68 -30.29 20.43
C ASP H 72 -38.88 -31.09 19.96
N ILE H 73 -39.08 -32.28 20.52
CA ILE H 73 -40.21 -33.09 20.10
C ILE H 73 -41.52 -32.41 20.44
N PHE H 74 -41.57 -31.74 21.60
CA PHE H 74 -42.79 -31.02 21.95
C PHE H 74 -43.09 -29.93 20.94
N GLU H 75 -42.08 -29.17 20.53
CA GLU H 75 -42.33 -28.10 19.57
C GLU H 75 -42.76 -28.67 18.22
N ARG H 76 -42.12 -29.75 17.77
CA ARG H 76 -42.54 -30.36 16.51
C ARG H 76 -44.00 -30.77 16.56
N ILE H 77 -44.39 -31.51 17.59
CA ILE H 77 -45.74 -32.04 17.66
C ILE H 77 -46.74 -30.91 17.83
N ALA H 78 -46.43 -29.92 18.64
CA ALA H 78 -47.37 -28.81 18.83
C ALA H 78 -47.53 -28.02 17.55
N GLY H 79 -46.44 -27.77 16.81
CA GLY H 79 -46.56 -27.04 15.58
C GLY H 79 -47.38 -27.78 14.55
N GLU H 80 -47.16 -29.09 14.42
CA GLU H 80 -47.94 -29.86 13.47
C GLU H 80 -49.41 -29.90 13.88
N ALA H 81 -49.69 -30.01 15.18
CA ALA H 81 -51.07 -29.95 15.63
C ALA H 81 -51.70 -28.60 15.33
N SER H 82 -50.94 -27.52 15.49
CA SER H 82 -51.47 -26.21 15.16
C SER H 82 -51.83 -26.12 13.70
N ARG H 83 -50.94 -26.57 12.82
CA ARG H 83 -51.26 -26.52 11.39
C ARG H 83 -52.47 -27.37 11.07
N LEU H 84 -52.58 -28.55 11.68
CA LEU H 84 -53.72 -29.42 11.41
C LEU H 84 -55.03 -28.78 11.87
N ALA H 85 -55.03 -28.17 13.05
CA ALA H 85 -56.24 -27.51 13.52
C ALA H 85 -56.57 -26.31 12.66
N HIS H 86 -55.56 -25.67 12.10
CA HIS H 86 -55.80 -24.47 11.32
C HIS H 86 -56.29 -24.79 9.91
N TYR H 87 -55.87 -25.91 9.34
CA TYR H 87 -56.30 -26.23 7.98
C TYR H 87 -57.80 -26.49 7.93
N ASN H 88 -58.36 -27.10 8.95
CA ASN H 88 -59.79 -27.37 8.98
C ASN H 88 -60.58 -26.22 9.56
N LYS H 89 -59.98 -25.03 9.65
CA LYS H 89 -60.68 -23.83 10.08
C LYS H 89 -61.26 -24.00 11.48
N ARG H 90 -60.60 -24.81 12.31
CA ARG H 90 -61.01 -24.98 13.69
C ARG H 90 -60.04 -24.28 14.61
N SER H 91 -60.49 -24.02 15.83
CA SER H 91 -59.71 -23.29 16.82
C SER H 91 -59.55 -24.06 18.12
N THR H 92 -59.23 -25.34 18.06
CA THR H 92 -59.04 -26.16 19.25
C THR H 92 -58.06 -27.27 18.93
N ILE H 93 -57.13 -27.54 19.84
CA ILE H 93 -56.24 -28.68 19.74
C ILE H 93 -56.81 -29.77 20.63
N THR H 94 -57.70 -30.59 20.09
CA THR H 94 -58.22 -31.70 20.86
C THR H 94 -57.21 -32.84 20.80
N SER H 95 -57.54 -33.96 21.43
CA SER H 95 -56.64 -35.10 21.36
C SER H 95 -56.52 -35.64 19.94
N ARG H 96 -57.56 -35.46 19.13
CA ARG H 96 -57.52 -35.95 17.75
C ARG H 96 -56.40 -35.29 16.97
N GLU H 97 -56.24 -33.97 17.12
CA GLU H 97 -55.17 -33.28 16.42
C GLU H 97 -53.81 -33.78 16.86
N ILE H 98 -53.63 -34.01 18.16
CA ILE H 98 -52.34 -34.51 18.61
C ILE H 98 -52.09 -35.90 18.06
N GLN H 99 -53.15 -36.71 17.95
CA GLN H 99 -52.98 -38.06 17.41
C GLN H 99 -52.56 -38.00 15.95
N THR H 100 -53.20 -37.13 15.17
CA THR H 100 -52.81 -37.04 13.78
C THR H 100 -51.41 -36.45 13.64
N ALA H 101 -51.04 -35.51 14.50
CA ALA H 101 -49.69 -34.97 14.44
C ALA H 101 -48.65 -36.03 14.76
N VAL H 102 -48.94 -36.88 15.74
CA VAL H 102 -48.02 -37.97 16.04
C VAL H 102 -47.93 -38.92 14.87
N ARG H 103 -49.06 -39.23 14.23
CA ARG H 103 -49.02 -40.10 13.05
C ARG H 103 -48.16 -39.49 11.96
N LEU H 104 -48.23 -38.17 11.79
CA LEU H 104 -47.48 -37.54 10.72
C LEU H 104 -45.99 -37.51 11.00
N LEU H 105 -45.60 -37.15 12.22
CA LEU H 105 -44.18 -36.95 12.46
C LEU H 105 -43.42 -38.24 12.69
N LEU H 106 -43.83 -39.04 13.65
CA LEU H 106 -43.08 -40.21 14.08
C LEU H 106 -43.07 -41.27 13.00
N PRO H 107 -41.92 -41.87 12.71
CA PRO H 107 -41.84 -42.81 11.59
C PRO H 107 -42.12 -44.25 11.97
N GLY H 108 -43.01 -44.91 11.22
CA GLY H 108 -43.20 -46.34 11.36
C GLY H 108 -43.77 -46.79 12.68
N GLU H 109 -43.12 -47.77 13.31
CA GLU H 109 -43.73 -48.45 14.45
C GLU H 109 -43.84 -47.54 15.66
N LEU H 110 -42.98 -46.53 15.76
CA LEU H 110 -43.11 -45.55 16.83
C LEU H 110 -44.49 -44.91 16.80
N ALA H 111 -45.04 -44.70 15.61
CA ALA H 111 -46.37 -44.11 15.51
C ALA H 111 -47.40 -44.99 16.19
N LYS H 112 -47.42 -46.29 15.86
CA LYS H 112 -48.41 -47.18 16.45
C LYS H 112 -48.25 -47.27 17.96
N HIS H 113 -47.00 -47.42 18.42
CA HIS H 113 -46.80 -47.55 19.86
C HIS H 113 -47.22 -46.27 20.60
N ALA H 114 -46.83 -45.11 20.07
CA ALA H 114 -47.15 -43.86 20.75
C ALA H 114 -48.65 -43.59 20.72
N VAL H 115 -49.32 -43.91 19.63
CA VAL H 115 -50.76 -43.72 19.57
C VAL H 115 -51.45 -44.63 20.57
N SER H 116 -50.97 -45.87 20.70
CA SER H 116 -51.53 -46.76 21.72
C SER H 116 -51.37 -46.16 23.11
N GLU H 117 -50.18 -45.63 23.39
CA GLU H 117 -49.94 -45.02 24.70
C GLU H 117 -50.88 -43.85 24.93
N GLY H 118 -51.05 -42.99 23.93
CA GLY H 118 -51.89 -41.83 24.09
C GLY H 118 -53.34 -42.19 24.33
N THR H 119 -53.87 -43.12 23.54
CA THR H 119 -55.27 -43.51 23.72
C THR H 119 -55.48 -44.19 25.07
N LYS H 120 -54.53 -45.03 25.49
CA LYS H 120 -54.66 -45.65 26.79
C LYS H 120 -54.66 -44.60 27.89
N ALA H 121 -53.77 -43.62 27.79
CA ALA H 121 -53.68 -42.59 28.82
C ALA H 121 -54.94 -41.74 28.88
N VAL H 122 -55.48 -41.35 27.73
CA VAL H 122 -56.70 -40.54 27.75
C VAL H 122 -57.87 -41.35 28.29
N THR H 123 -57.96 -42.62 27.92
CA THR H 123 -59.03 -43.45 28.44
C THR H 123 -58.94 -43.59 29.95
N LYS H 124 -57.73 -43.83 30.47
CA LYS H 124 -57.58 -43.95 31.92
C LYS H 124 -57.89 -42.64 32.61
N TYR H 125 -57.48 -41.52 32.02
CA TYR H 125 -57.76 -40.22 32.61
C TYR H 125 -59.26 -39.95 32.67
N THR H 126 -60.00 -40.34 31.63
CA THR H 126 -61.43 -40.08 31.62
C THR H 126 -62.17 -41.01 32.57
N SER H 127 -61.80 -42.29 32.60
CA SER H 127 -62.54 -43.27 33.40
C SER H 127 -62.33 -43.12 34.89
N ALA H 128 -61.38 -42.29 35.33
CA ALA H 128 -61.11 -42.11 36.75
C ALA H 128 -60.93 -40.65 37.10
N THR K 6 44.68 -16.29 -37.86
CA THR K 6 43.73 -16.22 -38.97
C THR K 6 42.31 -16.04 -38.47
N THR K 7 41.94 -16.81 -37.45
CA THR K 7 40.59 -16.82 -36.92
C THR K 7 40.61 -16.48 -35.44
N SER K 8 39.66 -15.66 -35.01
CA SER K 8 39.56 -15.27 -33.62
C SER K 8 39.14 -16.44 -32.75
N GLN K 9 39.39 -16.32 -31.45
CA GLN K 9 39.02 -17.38 -30.53
C GLN K 9 37.52 -17.55 -30.46
N LYS K 10 36.77 -16.46 -30.63
CA LYS K 10 35.31 -16.54 -30.64
C LYS K 10 34.82 -17.44 -31.76
N HIS K 11 35.44 -17.32 -32.94
CA HIS K 11 35.13 -18.15 -34.09
C HIS K 11 35.33 -19.63 -33.80
N ARG K 12 36.50 -19.99 -33.26
CA ARG K 12 36.76 -21.39 -32.94
C ARG K 12 35.80 -21.90 -31.89
N ASP K 13 35.52 -21.07 -30.87
CA ASP K 13 34.59 -21.51 -29.82
C ASP K 13 33.21 -21.79 -30.38
N PHE K 14 32.75 -20.96 -31.32
CA PHE K 14 31.44 -21.24 -31.92
C PHE K 14 31.48 -22.47 -32.82
N VAL K 15 32.54 -22.64 -33.60
CA VAL K 15 32.64 -23.78 -34.51
C VAL K 15 32.80 -25.11 -33.79
N ALA K 16 33.36 -25.10 -32.58
CA ALA K 16 33.74 -26.35 -31.93
C ALA K 16 32.52 -27.25 -31.65
N GLU K 17 31.42 -26.67 -31.19
CA GLU K 17 30.28 -27.45 -30.75
C GLU K 17 29.01 -26.91 -31.38
N PRO K 18 27.95 -27.70 -31.43
CA PRO K 18 26.69 -27.23 -32.02
C PRO K 18 26.16 -25.99 -31.30
N MET K 19 25.53 -25.10 -32.06
CA MET K 19 25.08 -23.84 -31.52
C MET K 19 24.02 -24.03 -30.43
N GLY K 20 23.10 -24.95 -30.62
CA GLY K 20 22.05 -25.12 -29.65
C GLY K 20 21.15 -23.89 -29.56
N GLU K 21 21.25 -23.15 -28.46
CA GLU K 21 20.48 -21.93 -28.27
C GLU K 21 21.34 -20.74 -27.88
N LYS K 22 22.53 -20.62 -28.46
CA LYS K 22 23.43 -19.54 -28.10
C LYS K 22 22.83 -18.19 -28.49
N PRO K 23 23.14 -17.13 -27.76
CA PRO K 23 22.70 -15.79 -28.18
C PRO K 23 23.42 -15.33 -29.43
N VAL K 24 22.80 -14.38 -30.12
CA VAL K 24 23.33 -13.90 -31.39
C VAL K 24 24.72 -13.31 -31.19
N GLY K 25 25.03 -12.85 -29.99
CA GLY K 25 26.36 -12.34 -29.69
C GLY K 25 27.44 -13.39 -29.70
N SER K 26 27.09 -14.66 -29.85
CA SER K 26 28.08 -15.74 -29.87
C SER K 26 28.78 -15.87 -31.20
N LEU K 27 28.25 -15.27 -32.26
CA LEU K 27 28.88 -15.38 -33.57
C LEU K 27 30.18 -14.60 -33.61
N ALA K 28 31.11 -15.05 -34.44
CA ALA K 28 32.34 -14.31 -34.64
C ALA K 28 32.05 -13.06 -35.47
N GLY K 29 32.51 -11.91 -34.98
CA GLY K 29 32.30 -10.66 -35.66
C GLY K 29 31.03 -9.93 -35.27
N ILE K 30 30.35 -10.36 -34.22
CA ILE K 30 29.16 -9.67 -33.71
C ILE K 30 29.40 -9.33 -32.25
N GLY K 31 29.45 -8.04 -31.93
CA GLY K 31 29.63 -7.57 -30.58
C GLY K 31 28.34 -7.08 -29.96
N GLU K 32 28.49 -6.26 -28.91
CA GLU K 32 27.32 -5.75 -28.21
C GLU K 32 26.47 -4.87 -29.11
N VAL K 33 27.11 -4.02 -29.92
CA VAL K 33 26.36 -3.06 -30.73
C VAL K 33 25.60 -3.77 -31.84
N LEU K 34 26.32 -4.52 -32.67
CA LEU K 34 25.67 -5.24 -33.75
C LEU K 34 24.70 -6.28 -33.20
N GLY K 35 25.05 -6.91 -32.09
CA GLY K 35 24.17 -7.86 -31.45
C GLY K 35 22.86 -7.21 -31.05
N LYS K 36 22.94 -6.03 -30.44
CA LYS K 36 21.75 -5.33 -30.00
C LYS K 36 20.88 -4.93 -31.19
N LYS K 37 21.53 -4.45 -32.27
CA LYS K 37 20.76 -4.09 -33.45
C LYS K 37 20.06 -5.29 -34.06
N LEU K 38 20.76 -6.43 -34.15
CA LEU K 38 20.15 -7.64 -34.70
C LEU K 38 18.99 -8.11 -33.82
N GLU K 39 19.18 -8.07 -32.51
CA GLU K 39 18.11 -8.48 -31.59
C GLU K 39 16.89 -7.59 -31.76
N GLU K 40 17.10 -6.29 -31.92
CA GLU K 40 15.98 -5.39 -32.19
C GLU K 40 15.31 -5.76 -33.53
N ARG K 41 16.12 -6.11 -34.53
CA ARG K 41 15.57 -6.52 -35.82
C ARG K 41 14.79 -7.82 -35.74
N GLY K 42 14.99 -8.63 -34.70
CA GLY K 42 14.23 -9.85 -34.56
C GLY K 42 15.08 -11.11 -34.48
N PHE K 43 16.20 -11.13 -35.17
CA PHE K 43 17.08 -12.30 -35.17
C PHE K 43 17.80 -12.40 -33.83
N ASP K 44 17.05 -12.72 -32.78
CA ASP K 44 17.56 -12.64 -31.41
C ASP K 44 18.17 -13.96 -30.94
N LYS K 45 18.49 -14.86 -31.86
CA LYS K 45 19.15 -16.10 -31.52
C LYS K 45 20.09 -16.47 -32.66
N ALA K 46 21.19 -17.15 -32.33
CA ALA K 46 22.20 -17.47 -33.34
C ALA K 46 21.64 -18.34 -34.44
N TYR K 47 20.83 -19.34 -34.08
CA TYR K 47 20.29 -20.24 -35.09
C TYR K 47 19.37 -19.51 -36.07
N VAL K 48 18.78 -18.39 -35.64
CA VAL K 48 17.99 -17.60 -36.57
C VAL K 48 18.86 -17.00 -37.66
N VAL K 49 20.03 -16.48 -37.28
CA VAL K 49 20.98 -16.01 -38.28
C VAL K 49 21.45 -17.17 -39.14
N LEU K 50 21.61 -18.35 -38.55
CA LEU K 50 21.93 -19.52 -39.34
C LEU K 50 20.88 -19.80 -40.40
N GLY K 51 19.60 -19.74 -40.01
CA GLY K 51 18.54 -19.98 -40.96
C GLY K 51 18.51 -18.95 -42.07
N GLN K 52 18.70 -17.69 -41.72
CA GLN K 52 18.76 -16.66 -42.74
C GLN K 52 19.96 -16.87 -43.66
N PHE K 53 21.06 -17.39 -43.13
CA PHE K 53 22.19 -17.75 -43.96
C PHE K 53 21.83 -18.85 -44.94
N LEU K 54 21.10 -19.86 -44.45
CA LEU K 54 20.73 -20.99 -45.31
C LEU K 54 19.79 -20.56 -46.41
N VAL K 55 18.83 -19.69 -46.11
CA VAL K 55 17.84 -19.29 -47.10
C VAL K 55 18.51 -18.65 -48.31
N LEU K 56 19.60 -17.93 -48.10
CA LEU K 56 20.31 -17.33 -49.22
C LEU K 56 21.24 -18.34 -49.87
N LYS K 57 21.01 -19.63 -49.59
CA LYS K 57 21.69 -20.73 -50.27
C LYS K 57 23.21 -20.64 -50.16
N LYS K 58 23.70 -20.22 -48.99
CA LYS K 58 25.12 -20.13 -48.69
C LYS K 58 25.89 -19.22 -49.63
N ASP K 59 25.22 -18.30 -50.32
CA ASP K 59 25.92 -17.35 -51.17
C ASP K 59 26.59 -16.30 -50.28
N GLU K 60 27.88 -16.06 -50.52
CA GLU K 60 28.62 -15.13 -49.67
C GLU K 60 28.13 -13.71 -49.86
N ASP K 61 28.04 -13.25 -51.10
CA ASP K 61 27.73 -11.85 -51.35
C ASP K 61 26.36 -11.47 -50.82
N LEU K 62 25.36 -12.31 -51.05
CA LEU K 62 24.01 -12.00 -50.59
C LEU K 62 23.95 -11.94 -49.07
N PHE K 63 24.62 -12.88 -48.39
CA PHE K 63 24.60 -12.88 -46.93
C PHE K 63 25.35 -11.68 -46.37
N ARG K 64 26.51 -11.35 -46.94
CA ARG K 64 27.25 -10.19 -46.46
C ARG K 64 26.46 -8.90 -46.65
N GLU K 65 25.82 -8.75 -47.82
CA GLU K 65 25.04 -7.55 -48.06
C GLU K 65 23.81 -7.49 -47.16
N TRP K 66 23.16 -8.62 -46.93
CA TRP K 66 22.02 -8.63 -46.01
C TRP K 66 22.44 -8.24 -44.61
N LEU K 67 23.58 -8.77 -44.14
CA LEU K 67 24.07 -8.42 -42.81
C LEU K 67 24.40 -6.94 -42.73
N LYS K 68 25.06 -6.42 -43.77
CA LYS K 68 25.42 -5.00 -43.78
C LYS K 68 24.18 -4.12 -43.75
N ASP K 69 23.15 -4.50 -44.49
CA ASP K 69 21.93 -3.70 -44.52
C ASP K 69 21.06 -3.88 -43.28
N THR K 70 21.25 -4.97 -42.53
CA THR K 70 20.41 -5.20 -41.36
C THR K 70 20.96 -4.51 -40.12
N CYS K 71 22.28 -4.61 -39.90
CA CYS K 71 22.90 -4.04 -38.71
C CYS K 71 23.89 -2.93 -39.00
N GLY K 72 24.52 -2.93 -40.18
CA GLY K 72 25.51 -1.93 -40.49
C GLY K 72 26.94 -2.37 -40.30
N ALA K 73 27.21 -3.67 -40.34
CA ALA K 73 28.56 -4.15 -40.15
C ALA K 73 29.44 -3.78 -41.34
N ASN K 74 30.74 -3.90 -41.14
CA ASN K 74 31.71 -3.57 -42.17
C ASN K 74 32.25 -4.86 -42.78
N ALA K 75 33.27 -4.71 -43.64
CA ALA K 75 33.78 -5.85 -44.39
C ALA K 75 34.32 -6.94 -43.47
N LYS K 76 35.10 -6.56 -42.45
CA LYS K 76 35.75 -7.56 -41.63
C LYS K 76 34.75 -8.31 -40.75
N GLN K 77 33.83 -7.60 -40.12
CA GLN K 77 32.84 -8.27 -39.28
C GLN K 77 31.96 -9.20 -40.10
N SER K 78 31.52 -8.73 -41.27
CA SER K 78 30.71 -9.58 -42.14
C SER K 78 31.48 -10.81 -42.59
N ARG K 79 32.75 -10.63 -42.97
CA ARG K 79 33.55 -11.75 -43.41
C ARG K 79 33.71 -12.78 -42.30
N ASP K 80 33.98 -12.32 -41.09
CA ASP K 80 34.16 -13.26 -39.99
C ASP K 80 32.88 -14.00 -39.67
N CYS K 81 31.74 -13.30 -39.65
CA CYS K 81 30.48 -13.98 -39.37
C CYS K 81 30.18 -15.01 -40.46
N PHE K 82 30.36 -14.64 -41.71
CA PHE K 82 30.07 -15.54 -42.82
C PHE K 82 30.96 -16.77 -42.76
N GLY K 83 32.27 -16.57 -42.54
CA GLY K 83 33.18 -17.69 -42.47
C GLY K 83 32.86 -18.63 -41.33
N CYS K 84 32.51 -18.08 -40.16
CA CYS K 84 32.13 -18.91 -39.03
C CYS K 84 30.89 -19.73 -39.37
N LEU K 85 29.90 -19.10 -39.99
CA LEU K 85 28.67 -19.82 -40.30
C LEU K 85 28.91 -20.91 -41.34
N ARG K 86 29.72 -20.62 -42.36
CA ARG K 86 30.02 -21.63 -43.37
C ARG K 86 30.76 -22.81 -42.77
N GLU K 87 31.76 -22.55 -41.92
CA GLU K 87 32.48 -23.64 -41.29
C GLU K 87 31.57 -24.45 -40.37
N TRP K 88 30.68 -23.80 -39.63
CA TRP K 88 29.77 -24.55 -38.78
C TRP K 88 28.83 -25.42 -39.61
N CYS K 89 28.34 -24.89 -40.73
CA CYS K 89 27.49 -25.70 -41.59
C CYS K 89 28.23 -26.91 -42.12
N ASP K 90 29.47 -26.72 -42.56
CA ASP K 90 30.23 -27.85 -43.11
C ASP K 90 30.69 -28.82 -42.03
N ALA K 91 30.70 -28.40 -40.77
CA ALA K 91 31.10 -29.29 -39.68
C ALA K 91 29.93 -29.97 -38.98
N PHE K 92 28.72 -29.45 -39.10
CA PHE K 92 27.60 -30.03 -38.38
C PHE K 92 26.40 -30.29 -39.28
N LEU K 93 26.32 -29.58 -40.40
CA LEU K 93 25.21 -29.76 -41.34
C LEU K 93 25.71 -30.40 -42.62
N THR L 6 2.36 -43.62 -35.52
CA THR L 6 2.64 -42.24 -35.12
C THR L 6 3.36 -41.50 -36.23
N THR L 7 4.42 -42.11 -36.77
CA THR L 7 5.19 -41.54 -37.86
C THR L 7 5.41 -42.60 -38.92
N SER L 8 5.54 -42.16 -40.17
CA SER L 8 5.88 -43.07 -41.25
C SER L 8 7.37 -43.38 -41.24
N GLN L 9 7.77 -44.32 -42.09
CA GLN L 9 9.18 -44.69 -42.17
C GLN L 9 10.03 -43.55 -42.69
N LYS L 10 9.49 -42.74 -43.60
CA LYS L 10 10.23 -41.63 -44.17
C LYS L 10 10.67 -40.66 -43.08
N HIS L 11 9.78 -40.39 -42.13
CA HIS L 11 10.07 -39.52 -41.00
C HIS L 11 11.26 -40.03 -40.19
N ARG L 12 11.24 -41.31 -39.84
CA ARG L 12 12.34 -41.90 -39.09
C ARG L 12 13.64 -41.85 -39.88
N ASP L 13 13.56 -42.14 -41.18
CA ASP L 13 14.75 -42.12 -42.03
C ASP L 13 15.38 -40.73 -42.03
N PHE L 14 14.55 -39.70 -42.13
CA PHE L 14 15.10 -38.34 -42.14
C PHE L 14 15.64 -37.93 -40.79
N VAL L 15 14.90 -38.20 -39.72
CA VAL L 15 15.33 -37.81 -38.37
C VAL L 15 16.59 -38.55 -37.93
N ALA L 16 16.87 -39.72 -38.51
CA ALA L 16 17.98 -40.53 -38.02
C ALA L 16 19.33 -39.82 -38.19
N GLU L 17 19.56 -39.17 -39.32
CA GLU L 17 20.88 -38.71 -39.68
C GLU L 17 20.85 -37.23 -40.04
N PRO L 18 22.00 -36.55 -40.02
CA PRO L 18 22.05 -35.15 -40.48
C PRO L 18 21.65 -35.03 -41.94
N MET L 19 20.99 -33.93 -42.27
CA MET L 19 20.45 -33.78 -43.62
C MET L 19 21.54 -33.80 -44.69
N GLY L 20 22.65 -33.11 -44.45
CA GLY L 20 23.71 -33.08 -45.43
C GLY L 20 23.27 -32.48 -46.76
N GLU L 21 23.11 -33.34 -47.77
CA GLU L 21 22.69 -32.91 -49.09
C GLU L 21 21.44 -33.62 -49.60
N LYS L 22 20.57 -34.08 -48.70
CA LYS L 22 19.34 -34.73 -49.13
C LYS L 22 18.48 -33.74 -49.91
N PRO L 23 17.86 -34.15 -51.01
CA PRO L 23 16.94 -33.26 -51.72
C PRO L 23 15.65 -33.06 -50.95
N VAL L 24 14.85 -32.10 -51.41
CA VAL L 24 13.61 -31.77 -50.74
C VAL L 24 12.68 -32.98 -50.68
N GLY L 25 12.81 -33.89 -51.64
CA GLY L 25 12.00 -35.10 -51.62
C GLY L 25 12.25 -36.00 -50.43
N SER L 26 13.31 -35.75 -49.67
CA SER L 26 13.60 -36.55 -48.49
C SER L 26 12.79 -36.13 -47.27
N LEU L 27 12.14 -34.97 -47.31
CA LEU L 27 11.39 -34.50 -46.15
C LEU L 27 10.17 -35.36 -45.91
N ALA L 28 9.90 -35.67 -44.64
CA ALA L 28 8.67 -36.36 -44.29
C ALA L 28 7.49 -35.45 -44.56
N GLY L 29 6.45 -35.99 -45.20
CA GLY L 29 5.30 -35.21 -45.60
C GLY L 29 5.46 -34.46 -46.90
N ILE L 30 6.57 -34.66 -47.61
CA ILE L 30 6.79 -34.02 -48.91
C ILE L 30 6.90 -35.11 -49.96
N GLY L 31 6.00 -35.07 -50.95
CA GLY L 31 5.96 -36.02 -52.02
C GLY L 31 6.49 -35.46 -53.33
N GLU L 32 6.16 -36.15 -54.42
CA GLU L 32 6.62 -35.71 -55.73
C GLU L 32 6.02 -34.37 -56.10
N VAL L 33 4.71 -34.20 -55.88
CA VAL L 33 4.06 -32.95 -56.25
C VAL L 33 4.57 -31.80 -55.39
N LEU L 34 4.59 -32.01 -54.06
CA LEU L 34 5.06 -30.96 -53.16
C LEU L 34 6.53 -30.67 -53.38
N GLY L 35 7.34 -31.71 -53.58
CA GLY L 35 8.75 -31.53 -53.83
C GLY L 35 9.00 -30.73 -55.09
N LYS L 36 8.28 -31.06 -56.16
CA LYS L 36 8.42 -30.33 -57.41
C LYS L 36 8.02 -28.87 -57.23
N LYS L 37 6.91 -28.62 -56.52
CA LYS L 37 6.48 -27.25 -56.29
C LYS L 37 7.51 -26.46 -55.50
N LEU L 38 8.05 -27.05 -54.43
CA LEU L 38 9.03 -26.35 -53.62
C LEU L 38 10.30 -26.06 -54.42
N GLU L 39 10.73 -27.02 -55.24
CA GLU L 39 11.90 -26.80 -56.07
C GLU L 39 11.65 -25.69 -57.08
N GLU L 40 10.42 -25.61 -57.62
CA GLU L 40 10.07 -24.51 -58.49
C GLU L 40 10.12 -23.17 -57.75
N ARG L 41 9.67 -23.15 -56.50
CA ARG L 41 9.74 -21.93 -55.69
C ARG L 41 11.17 -21.51 -55.39
N GLY L 42 12.12 -22.43 -55.39
CA GLY L 42 13.49 -22.11 -55.02
C GLY L 42 14.00 -22.97 -53.89
N PHE L 43 13.10 -23.52 -53.08
CA PHE L 43 13.48 -24.39 -51.98
C PHE L 43 13.91 -25.74 -52.52
N ASP L 44 15.15 -25.83 -53.00
CA ASP L 44 15.60 -26.97 -53.79
C ASP L 44 16.38 -28.00 -52.99
N LYS L 45 16.49 -27.82 -51.68
CA LYS L 45 17.27 -28.74 -50.86
C LYS L 45 16.68 -28.78 -49.46
N ALA L 46 17.00 -29.83 -48.71
CA ALA L 46 16.49 -29.98 -47.35
C ALA L 46 16.96 -28.85 -46.45
N TYR L 47 18.22 -28.43 -46.60
CA TYR L 47 18.74 -27.39 -45.71
C TYR L 47 18.02 -26.07 -45.92
N VAL L 48 17.53 -25.80 -47.14
CA VAL L 48 16.77 -24.57 -47.36
C VAL L 48 15.50 -24.56 -46.54
N VAL L 49 14.78 -25.69 -46.54
CA VAL L 49 13.57 -25.77 -45.73
C VAL L 49 13.90 -25.69 -44.25
N LEU L 50 15.03 -26.30 -43.85
CA LEU L 50 15.44 -26.17 -42.45
C LEU L 50 15.71 -24.72 -42.07
N GLY L 51 16.41 -23.99 -42.93
CA GLY L 51 16.69 -22.59 -42.63
C GLY L 51 15.42 -21.77 -42.57
N GLN L 52 14.49 -22.02 -43.49
CA GLN L 52 13.21 -21.32 -43.45
C GLN L 52 12.44 -21.65 -42.18
N PHE L 53 12.56 -22.90 -41.71
CA PHE L 53 11.94 -23.28 -40.44
C PHE L 53 12.57 -22.51 -39.29
N LEU L 54 13.90 -22.36 -39.32
CA LEU L 54 14.60 -21.63 -38.27
C LEU L 54 14.19 -20.17 -38.25
N VAL L 55 14.04 -19.56 -39.43
CA VAL L 55 13.71 -18.14 -39.50
C VAL L 55 12.38 -17.87 -38.80
N LEU L 56 11.43 -18.79 -38.92
CA LEU L 56 10.14 -18.60 -38.28
C LEU L 56 10.18 -19.02 -36.81
N LYS L 57 11.38 -19.16 -36.26
CA LYS L 57 11.58 -19.40 -34.83
C LYS L 57 10.84 -20.64 -34.34
N LYS L 58 10.85 -21.70 -35.13
CA LYS L 58 10.28 -23.01 -34.78
C LYS L 58 8.80 -22.96 -34.46
N ASP L 59 8.09 -21.93 -34.89
CA ASP L 59 6.65 -21.84 -34.64
C ASP L 59 5.91 -22.84 -35.51
N GLU L 60 5.00 -23.60 -34.91
CA GLU L 60 4.21 -24.55 -35.68
C GLU L 60 3.26 -23.83 -36.63
N ASP L 61 2.50 -22.87 -36.10
CA ASP L 61 1.45 -22.23 -36.89
C ASP L 61 2.04 -21.50 -38.08
N LEU L 62 3.08 -20.69 -37.85
CA LEU L 62 3.68 -19.91 -38.93
C LEU L 62 4.31 -20.82 -39.98
N PHE L 63 5.01 -21.86 -39.53
CA PHE L 63 5.65 -22.78 -40.48
C PHE L 63 4.61 -23.48 -41.35
N ARG L 64 3.54 -23.97 -40.72
CA ARG L 64 2.51 -24.66 -41.48
C ARG L 64 1.78 -23.71 -42.42
N GLU L 65 1.53 -22.47 -41.99
CA GLU L 65 0.90 -21.49 -42.86
C GLU L 65 1.79 -21.18 -44.06
N TRP L 66 3.08 -20.97 -43.84
CA TRP L 66 3.98 -20.69 -44.96
C TRP L 66 4.02 -21.88 -45.91
N LEU L 67 4.06 -23.09 -45.38
CA LEU L 67 4.07 -24.28 -46.23
C LEU L 67 2.79 -24.37 -47.05
N LYS L 68 1.65 -24.08 -46.42
CA LYS L 68 0.37 -24.15 -47.12
C LYS L 68 0.31 -23.12 -48.24
N ASP L 69 0.80 -21.91 -47.99
CA ASP L 69 0.80 -20.89 -49.02
C ASP L 69 1.89 -21.09 -50.06
N THR L 70 2.88 -21.93 -49.78
CA THR L 70 3.99 -22.12 -50.71
C THR L 70 3.71 -23.19 -51.74
N CYS L 71 3.20 -24.35 -51.30
CA CYS L 71 2.98 -25.49 -52.19
C CYS L 71 1.57 -26.04 -52.15
N GLY L 72 0.69 -25.50 -51.29
CA GLY L 72 -0.64 -26.04 -51.17
C GLY L 72 -0.74 -27.34 -50.40
N ALA L 73 0.21 -27.63 -49.52
CA ALA L 73 0.14 -28.84 -48.72
C ALA L 73 -1.03 -28.78 -47.75
N ASN L 74 -1.45 -29.94 -47.29
CA ASN L 74 -2.62 -30.05 -46.43
C ASN L 74 -2.17 -30.18 -44.97
N ALA L 75 -3.13 -30.44 -44.09
CA ALA L 75 -2.84 -30.55 -42.66
C ALA L 75 -1.87 -31.67 -42.38
N LYS L 76 -2.09 -32.84 -42.98
CA LYS L 76 -1.26 -34.01 -42.67
C LYS L 76 0.18 -33.81 -43.13
N GLN L 77 0.37 -33.38 -44.37
CA GLN L 77 1.72 -33.23 -44.90
C GLN L 77 2.48 -32.12 -44.15
N SER L 78 1.81 -31.00 -43.90
CA SER L 78 2.45 -29.92 -43.16
C SER L 78 2.80 -30.36 -41.74
N ARG L 79 1.90 -31.08 -41.09
CA ARG L 79 2.18 -31.58 -39.74
C ARG L 79 3.37 -32.52 -39.73
N ASP L 80 3.44 -33.43 -40.71
CA ASP L 80 4.58 -34.34 -40.79
C ASP L 80 5.88 -33.59 -41.04
N CYS L 81 5.85 -32.60 -41.94
CA CYS L 81 7.05 -31.82 -42.22
C CYS L 81 7.53 -31.08 -40.98
N PHE L 82 6.61 -30.41 -40.28
CA PHE L 82 6.98 -29.68 -39.08
C PHE L 82 7.53 -30.61 -38.02
N GLY L 83 6.88 -31.75 -37.81
CA GLY L 83 7.36 -32.69 -36.81
C GLY L 83 8.73 -33.23 -37.13
N CYS L 84 8.97 -33.63 -38.39
CA CYS L 84 10.27 -34.16 -38.76
C CYS L 84 11.36 -33.13 -38.58
N LEU L 85 11.10 -31.89 -39.02
CA LEU L 85 12.12 -30.84 -38.87
C LEU L 85 12.38 -30.52 -37.40
N ARG L 86 11.32 -30.45 -36.60
CA ARG L 86 11.49 -30.15 -35.18
C ARG L 86 12.31 -31.24 -34.49
N GLU L 87 11.99 -32.51 -34.77
CA GLU L 87 12.74 -33.59 -34.16
C GLU L 87 14.19 -33.62 -34.66
N TRP L 88 14.40 -33.31 -35.93
CA TRP L 88 15.77 -33.25 -36.44
C TRP L 88 16.57 -32.15 -35.73
N CYS L 89 15.93 -31.00 -35.51
CA CYS L 89 16.61 -29.93 -34.77
C CYS L 89 16.92 -30.37 -33.35
N ASP L 90 15.97 -31.02 -32.69
CA ASP L 90 16.20 -31.50 -31.33
C ASP L 90 17.31 -32.54 -31.28
N ALA L 91 17.51 -33.29 -32.36
CA ALA L 91 18.51 -34.35 -32.38
C ALA L 91 19.91 -33.87 -32.79
N PHE L 92 20.01 -32.92 -33.71
CA PHE L 92 21.31 -32.54 -34.24
C PHE L 92 21.62 -31.07 -34.06
N LEU L 93 20.63 -30.21 -34.27
CA LEU L 93 20.86 -28.77 -34.20
C LEU L 93 21.23 -28.34 -32.80
N SER M 20 48.26 -29.00 -33.14
CA SER M 20 48.02 -30.35 -33.60
C SER M 20 47.57 -30.36 -35.06
N SER M 21 47.33 -29.16 -35.59
CA SER M 21 46.94 -28.95 -36.98
C SER M 21 45.57 -29.53 -37.30
N PHE M 22 44.92 -30.14 -36.31
CA PHE M 22 43.60 -30.70 -36.48
C PHE M 22 42.60 -29.98 -35.59
N SER M 23 41.56 -29.45 -36.20
CA SER M 23 40.45 -28.86 -35.47
C SER M 23 39.38 -29.91 -35.21
N GLN M 24 38.88 -29.93 -33.97
CA GLN M 24 37.93 -30.92 -33.52
C GLN M 24 36.54 -30.28 -33.41
N HIS M 25 35.53 -30.99 -33.91
CA HIS M 25 34.14 -30.57 -33.80
C HIS M 25 33.34 -31.74 -33.25
N ALA M 26 32.65 -31.52 -32.13
CA ALA M 26 32.02 -32.61 -31.41
C ALA M 26 30.55 -32.32 -31.16
N ARG M 27 29.73 -33.36 -31.32
CA ARG M 27 28.30 -33.31 -31.01
C ARG M 27 27.93 -34.58 -30.26
N THR M 28 27.11 -34.43 -29.21
CA THR M 28 26.68 -35.56 -28.39
C THR M 28 25.24 -35.35 -27.98
N SER M 29 24.37 -36.30 -28.32
CA SER M 29 22.96 -36.22 -27.98
C SER M 29 22.54 -37.20 -26.89
N GLY M 30 23.38 -38.17 -26.57
CA GLY M 30 23.04 -39.18 -25.58
C GLY M 30 23.98 -39.11 -24.39
N ARG M 31 23.99 -40.19 -23.61
CA ARG M 31 24.84 -40.24 -22.42
C ARG M 31 26.29 -40.54 -22.74
N VAL M 32 26.59 -41.06 -23.93
CA VAL M 32 27.94 -41.42 -24.34
C VAL M 32 28.42 -40.42 -25.37
N ALA M 33 29.64 -39.91 -25.18
CA ALA M 33 30.27 -39.00 -26.12
C ALA M 33 31.53 -39.63 -26.69
N VAL M 34 31.87 -39.24 -27.91
CA VAL M 34 33.09 -39.70 -28.57
C VAL M 34 34.24 -38.86 -28.01
N GLU M 35 34.87 -39.35 -26.95
CA GLU M 35 35.83 -38.56 -26.19
C GLU M 35 37.11 -38.27 -26.95
N GLU M 36 37.74 -39.27 -27.55
CA GLU M 36 39.03 -39.07 -28.20
C GLU M 36 39.10 -39.86 -29.50
N VAL M 37 39.66 -39.22 -30.53
CA VAL M 37 39.91 -39.86 -31.81
C VAL M 37 41.39 -39.68 -32.13
N ASP M 38 42.09 -40.80 -32.30
CA ASP M 38 43.51 -40.77 -32.58
C ASP M 38 43.76 -40.18 -33.97
N GLU M 39 44.77 -39.31 -34.07
CA GLU M 39 45.07 -38.70 -35.36
C GLU M 39 45.67 -39.70 -36.34
N GLU M 40 46.33 -40.74 -35.84
CA GLU M 40 47.00 -41.72 -36.70
C GLU M 40 46.21 -43.00 -36.85
N GLY M 41 44.94 -43.02 -36.44
CA GLY M 41 44.11 -44.19 -36.62
C GLY M 41 44.51 -45.40 -35.81
N LYS M 42 44.89 -45.21 -34.54
CA LYS M 42 45.22 -46.34 -33.68
C LYS M 42 44.06 -46.77 -32.79
N PHE M 43 43.25 -45.82 -32.32
CA PHE M 43 42.19 -46.14 -31.37
C PHE M 43 41.10 -45.09 -31.45
N VAL M 44 39.94 -45.43 -30.90
CA VAL M 44 38.84 -44.49 -30.69
C VAL M 44 38.29 -44.72 -29.29
N ARG M 45 38.23 -43.65 -28.49
CA ARG M 45 37.92 -43.75 -27.07
C ARG M 45 36.61 -43.04 -26.79
N LEU M 46 35.66 -43.76 -26.19
CA LEU M 46 34.34 -43.24 -25.87
C LEU M 46 34.13 -43.24 -24.37
N ARG M 47 33.39 -42.26 -23.87
CA ARG M 47 33.19 -42.09 -22.43
C ARG M 47 31.71 -41.82 -22.15
N ASN M 48 31.23 -42.40 -21.05
CA ASN M 48 29.86 -42.17 -20.57
C ASN M 48 29.86 -40.95 -19.68
N LYS M 49 29.59 -39.78 -20.26
CA LYS M 49 29.60 -38.53 -19.53
C LYS M 49 28.36 -38.31 -18.68
N SER M 50 27.60 -39.35 -18.39
CA SER M 50 26.40 -39.26 -17.56
C SER M 50 26.64 -39.94 -16.22
N ASN M 51 25.70 -39.70 -15.29
CA ASN M 51 25.73 -40.34 -13.99
C ASN M 51 25.04 -41.70 -13.99
N GLU M 52 24.56 -42.14 -15.15
CA GLU M 52 23.88 -43.43 -15.28
C GLU M 52 24.60 -44.27 -16.33
N ASP M 53 24.68 -45.56 -16.06
CA ASP M 53 25.29 -46.48 -17.00
C ASP M 53 24.46 -46.58 -18.27
N GLN M 54 25.13 -46.77 -19.40
CA GLN M 54 24.45 -46.91 -20.68
C GLN M 54 24.75 -48.29 -21.25
N SER M 55 23.69 -49.01 -21.61
CA SER M 55 23.85 -50.26 -22.33
C SER M 55 24.05 -49.96 -23.81
N MET M 56 25.07 -50.56 -24.40
CA MET M 56 25.42 -50.30 -25.80
C MET M 56 25.35 -51.55 -26.66
N GLY M 57 24.43 -52.47 -26.37
CA GLY M 57 24.28 -53.70 -27.13
C GLY M 57 23.98 -53.46 -28.59
N ASN M 58 24.72 -54.13 -29.48
CA ASN M 58 24.59 -53.99 -30.93
C ASN M 58 24.88 -52.58 -31.42
N TRP M 59 25.52 -51.75 -30.59
CA TRP M 59 25.87 -50.42 -31.04
C TRP M 59 27.06 -50.48 -32.00
N GLN M 60 27.23 -49.39 -32.75
CA GLN M 60 28.17 -49.37 -33.87
C GLN M 60 29.00 -48.10 -33.84
N ILE M 61 30.19 -48.20 -34.41
CA ILE M 61 31.06 -47.05 -34.67
C ILE M 61 31.24 -46.94 -36.18
N LYS M 62 30.94 -45.77 -36.73
CA LYS M 62 31.14 -45.48 -38.15
C LYS M 62 32.32 -44.55 -38.30
N ARG M 63 33.31 -44.95 -39.08
CA ARG M 63 34.49 -44.15 -39.33
C ARG M 63 34.58 -43.90 -40.83
N GLN M 64 34.65 -42.63 -41.21
CA GLN M 64 34.82 -42.23 -42.60
C GLN M 64 36.08 -41.39 -42.71
N ASN M 65 37.02 -41.81 -43.55
CA ASN M 65 38.29 -41.13 -43.72
C ASN M 65 38.37 -40.62 -45.16
N GLY M 66 37.97 -39.38 -45.35
CA GLY M 66 37.91 -38.82 -46.70
C GLY M 66 36.89 -39.53 -47.53
N ASP M 67 37.30 -39.96 -48.74
CA ASP M 67 36.42 -40.63 -49.68
C ASP M 67 36.48 -42.14 -49.56
N ASP M 68 37.23 -42.65 -48.59
CA ASP M 68 37.38 -44.09 -48.43
C ASP M 68 36.07 -44.74 -48.02
N PRO M 69 35.87 -46.01 -48.35
CA PRO M 69 34.63 -46.69 -47.96
C PRO M 69 34.47 -46.71 -46.45
N LEU M 70 33.21 -46.61 -46.01
CA LEU M 70 32.89 -46.53 -44.60
C LEU M 70 33.39 -47.76 -43.87
N LEU M 71 33.98 -47.54 -42.68
CA LEU M 71 34.39 -48.63 -41.81
C LEU M 71 33.45 -48.70 -40.62
N THR M 72 32.89 -49.87 -40.37
CA THR M 72 31.89 -50.03 -39.31
C THR M 72 32.37 -51.08 -38.33
N TYR M 73 32.36 -50.74 -37.05
CA TYR M 73 32.63 -51.68 -35.98
C TYR M 73 31.33 -51.92 -35.22
N ARG M 74 31.09 -53.17 -34.82
CA ARG M 74 29.88 -53.55 -34.12
C ARG M 74 30.20 -53.99 -32.70
N PHE M 75 29.47 -53.45 -31.74
CA PHE M 75 29.59 -53.87 -30.35
C PHE M 75 28.94 -55.24 -30.16
N PRO M 76 29.30 -55.94 -29.08
CA PRO M 76 28.63 -57.20 -28.76
C PRO M 76 27.14 -56.98 -28.53
N PRO M 77 26.32 -58.01 -28.75
CA PRO M 77 24.86 -57.84 -28.57
C PRO M 77 24.48 -57.43 -27.16
N LYS M 78 25.29 -57.77 -26.15
CA LYS M 78 25.10 -57.30 -24.79
C LYS M 78 26.39 -56.65 -24.31
N PHE M 79 26.31 -55.39 -23.90
CA PHE M 79 27.49 -54.65 -23.45
C PHE M 79 27.03 -53.43 -22.66
N THR M 80 27.71 -53.16 -21.55
CA THR M 80 27.36 -52.07 -20.66
C THR M 80 28.56 -51.17 -20.43
N LEU M 81 28.36 -49.86 -20.56
CA LEU M 81 29.37 -48.86 -20.18
C LEU M 81 28.83 -48.10 -18.98
N LYS M 82 29.47 -48.29 -17.83
CA LYS M 82 28.99 -47.69 -16.60
C LYS M 82 29.24 -46.18 -16.60
N ALA M 83 28.62 -45.51 -15.63
CA ALA M 83 28.70 -44.06 -15.53
C ALA M 83 30.13 -43.60 -15.33
N GLY M 84 30.54 -42.59 -16.09
CA GLY M 84 31.88 -42.04 -15.99
C GLY M 84 32.97 -42.93 -16.51
N GLN M 85 32.65 -44.04 -17.18
CA GLN M 85 33.65 -44.99 -17.60
C GLN M 85 34.08 -44.75 -19.03
N VAL M 86 35.05 -45.53 -19.48
CA VAL M 86 35.67 -45.37 -20.79
C VAL M 86 35.76 -46.74 -21.46
N VAL M 87 35.39 -46.79 -22.73
CA VAL M 87 35.65 -47.94 -23.59
C VAL M 87 36.48 -47.47 -24.78
N THR M 88 37.63 -48.10 -24.97
CA THR M 88 38.54 -47.73 -26.05
C THR M 88 38.62 -48.86 -27.06
N ILE M 89 38.14 -48.61 -28.26
CA ILE M 89 38.23 -49.56 -29.36
C ILE M 89 39.57 -49.35 -30.04
N TRP M 90 40.46 -50.34 -29.88
CA TRP M 90 41.81 -50.29 -30.42
C TRP M 90 41.85 -51.01 -31.75
N ALA M 91 42.74 -50.55 -32.64
CA ALA M 91 42.93 -51.23 -33.91
C ALA M 91 43.83 -52.44 -33.74
N ALA M 92 43.87 -53.29 -34.77
CA ALA M 92 44.75 -54.45 -34.74
C ALA M 92 46.22 -54.04 -34.76
N GLY M 93 46.54 -52.92 -35.41
CA GLY M 93 47.90 -52.45 -35.46
C GLY M 93 48.37 -51.67 -34.25
N ALA M 94 47.47 -51.39 -33.30
CA ALA M 94 47.85 -50.66 -32.11
C ALA M 94 48.63 -51.52 -31.13
N GLY M 95 48.51 -52.85 -31.20
CA GLY M 95 49.24 -53.72 -30.32
C GLY M 95 48.80 -53.68 -28.87
N ALA M 96 47.60 -53.18 -28.60
CA ALA M 96 47.11 -53.14 -27.23
C ALA M 96 46.66 -54.53 -26.79
N THR M 97 46.32 -54.65 -25.52
CA THR M 97 45.83 -55.90 -24.96
C THR M 97 44.31 -55.84 -24.87
N HIS M 98 43.65 -56.80 -25.50
CA HIS M 98 42.20 -56.88 -25.42
C HIS M 98 41.77 -57.23 -24.00
N SER M 99 40.88 -56.42 -23.44
CA SER M 99 40.43 -56.63 -22.06
C SER M 99 39.09 -55.94 -21.84
N PRO M 100 37.98 -56.62 -22.14
CA PRO M 100 36.68 -55.99 -21.92
C PRO M 100 36.45 -55.73 -20.45
N PRO M 101 35.60 -54.75 -20.11
CA PRO M 101 34.85 -53.85 -21.00
C PRO M 101 35.59 -52.56 -21.30
N THR M 102 36.83 -52.42 -20.82
CA THR M 102 37.56 -51.16 -20.96
C THR M 102 38.36 -51.07 -22.25
N ASP M 103 38.85 -52.20 -22.77
CA ASP M 103 39.68 -52.20 -23.96
C ASP M 103 39.21 -53.30 -24.91
N LEU M 104 38.67 -52.90 -26.05
CA LEU M 104 38.30 -53.81 -27.13
C LEU M 104 39.19 -53.53 -28.33
N VAL M 105 39.71 -54.59 -28.94
CA VAL M 105 40.65 -54.46 -30.06
C VAL M 105 39.97 -54.95 -31.31
N TRP M 106 40.04 -54.14 -32.38
CA TRP M 106 39.48 -54.52 -33.68
C TRP M 106 40.55 -55.30 -34.42
N LYS M 107 40.62 -56.61 -34.14
CA LYS M 107 41.57 -57.47 -34.82
C LYS M 107 41.27 -57.58 -36.30
N ALA M 108 40.04 -57.32 -36.73
CA ALA M 108 39.64 -57.44 -38.12
C ALA M 108 40.05 -56.25 -38.97
N GLN M 109 40.50 -55.15 -38.36
CA GLN M 109 40.93 -53.97 -39.08
C GLN M 109 42.29 -53.52 -38.55
N ASN M 110 43.24 -53.33 -39.46
CA ASN M 110 44.60 -52.97 -39.06
C ASN M 110 44.66 -51.62 -38.35
N THR M 111 43.99 -50.62 -38.89
CA THR M 111 44.03 -49.28 -38.31
C THR M 111 42.76 -48.54 -38.66
N TRP M 112 42.42 -47.54 -37.85
CA TRP M 112 41.23 -46.74 -38.12
C TRP M 112 41.34 -45.92 -39.38
N GLY M 113 42.53 -45.76 -39.92
CA GLY M 113 42.73 -44.99 -41.13
C GLY M 113 43.21 -43.58 -40.84
N CYS M 114 43.78 -42.95 -41.86
CA CYS M 114 44.36 -41.62 -41.75
C CYS M 114 43.99 -40.78 -42.96
N GLY M 115 44.07 -39.47 -42.80
CA GLY M 115 43.78 -38.51 -43.85
C GLY M 115 43.40 -37.17 -43.27
N ASN M 116 43.01 -36.26 -44.14
CA ASN M 116 42.64 -34.90 -43.75
C ASN M 116 41.17 -34.76 -43.38
N SER M 117 40.38 -35.83 -43.50
CA SER M 117 38.96 -35.78 -43.18
C SER M 117 38.61 -37.05 -42.42
N LEU M 118 38.51 -36.95 -41.10
CA LEU M 118 38.23 -38.10 -40.25
C LEU M 118 36.96 -37.83 -39.47
N ARG M 119 35.92 -38.61 -39.74
CA ARG M 119 34.64 -38.49 -39.05
C ARG M 119 34.35 -39.78 -38.29
N THR M 120 34.12 -39.64 -36.98
CA THR M 120 33.77 -40.74 -36.11
C THR M 120 32.36 -40.51 -35.57
N ALA M 121 31.48 -41.47 -35.78
CA ALA M 121 30.10 -41.38 -35.31
C ALA M 121 29.75 -42.61 -34.49
N LEU M 122 29.02 -42.40 -33.41
CA LEU M 122 28.49 -43.48 -32.58
C LEU M 122 27.02 -43.66 -32.93
N ILE M 123 26.62 -44.90 -33.17
CA ILE M 123 25.27 -45.23 -33.60
C ILE M 123 24.70 -46.26 -32.66
N ASN M 124 23.48 -46.02 -32.17
CA ASN M 124 22.85 -46.95 -31.25
C ASN M 124 22.38 -48.20 -32.00
N SER M 125 21.75 -49.11 -31.27
CA SER M 125 21.28 -50.36 -31.86
C SER M 125 20.17 -50.13 -32.88
N THR M 126 19.47 -49.01 -32.80
CA THR M 126 18.35 -48.74 -33.69
C THR M 126 18.78 -48.04 -34.98
N GLY M 127 20.08 -47.79 -35.15
CA GLY M 127 20.57 -47.13 -36.34
C GLY M 127 20.60 -45.62 -36.26
N GLU M 128 20.41 -45.03 -35.09
CA GLU M 128 20.39 -43.59 -34.92
C GLU M 128 21.76 -43.10 -34.48
N GLU M 129 22.21 -42.00 -35.08
CA GLU M 129 23.47 -41.41 -34.70
C GLU M 129 23.30 -40.58 -33.43
N VAL M 130 24.02 -40.95 -32.37
CA VAL M 130 23.90 -40.29 -31.07
C VAL M 130 25.09 -39.41 -30.74
N ALA M 131 26.22 -39.56 -31.44
CA ALA M 131 27.36 -38.71 -31.20
C ALA M 131 28.26 -38.73 -32.43
N MET M 132 29.09 -37.69 -32.54
CA MET M 132 30.01 -37.56 -33.66
C MET M 132 31.14 -36.62 -33.26
N ARG M 133 32.33 -36.92 -33.77
CA ARG M 133 33.48 -36.05 -33.59
C ARG M 133 34.32 -36.06 -34.86
N LYS M 134 34.45 -34.90 -35.50
CA LYS M 134 35.13 -34.78 -36.77
C LYS M 134 36.38 -33.94 -36.60
N LEU M 135 37.48 -34.41 -37.16
CA LEU M 135 38.75 -33.71 -37.12
C LEU M 135 39.13 -33.29 -38.53
N VAL M 136 39.45 -32.01 -38.71
CA VAL M 136 39.81 -31.47 -40.03
C VAL M 136 41.16 -30.79 -39.95
N ARG M 137 42.01 -31.05 -40.93
CA ARG M 137 43.33 -30.46 -41.01
C ARG M 137 43.42 -29.56 -42.23
N SER M 138 44.21 -28.49 -42.12
CA SER M 138 44.37 -27.54 -43.21
C SER M 138 45.14 -28.15 -44.38
N PRO N 41 7.24 -77.32 -22.92
CA PRO N 41 7.49 -76.17 -23.80
C PRO N 41 7.76 -74.89 -23.02
N SER N 42 8.93 -74.32 -23.21
CA SER N 42 9.31 -73.11 -22.48
C SER N 42 8.39 -71.96 -22.89
N VAL N 43 8.31 -70.95 -22.01
CA VAL N 43 7.41 -69.83 -22.26
C VAL N 43 7.76 -69.15 -23.57
N SER N 44 9.04 -68.92 -23.84
CA SER N 44 9.44 -68.27 -25.08
C SER N 44 9.05 -69.11 -26.29
N GLU N 45 9.19 -70.44 -26.19
CA GLU N 45 8.83 -71.30 -27.31
C GLU N 45 7.34 -71.21 -27.62
N LEU N 46 6.49 -71.27 -26.59
CA LEU N 46 5.06 -71.13 -26.79
C LEU N 46 4.72 -69.76 -27.35
N ILE N 47 5.43 -68.72 -26.89
CA ILE N 47 5.18 -67.36 -27.39
C ILE N 47 5.49 -67.28 -28.88
N VAL N 48 6.64 -67.83 -29.30
CA VAL N 48 7.01 -67.79 -30.71
C VAL N 48 6.01 -68.61 -31.53
N GLN N 49 5.62 -69.77 -31.02
CA GLN N 49 4.66 -70.62 -31.73
C GLN N 49 3.34 -69.89 -31.93
N ALA N 50 2.83 -69.25 -30.88
CA ALA N 50 1.57 -68.52 -30.98
C ALA N 50 1.69 -67.33 -31.93
N ALA N 51 2.81 -66.60 -31.85
CA ALA N 51 3.00 -65.44 -32.71
C ALA N 51 3.07 -65.83 -34.18
N SER N 52 3.78 -66.92 -34.50
CA SER N 52 3.79 -67.42 -35.87
C SER N 52 2.44 -68.00 -36.25
N SER N 53 1.67 -68.45 -35.26
CA SER N 53 0.36 -69.04 -35.53
C SER N 53 -0.69 -68.01 -35.90
N SER N 54 -0.64 -66.81 -35.30
CA SER N 54 -1.64 -65.79 -35.54
C SER N 54 -1.28 -64.99 -36.78
N LYS N 55 -2.30 -64.61 -37.56
CA LYS N 55 -2.10 -63.92 -38.84
C LYS N 55 -2.53 -62.46 -38.78
N GLU N 56 -2.29 -61.78 -37.66
CA GLU N 56 -2.66 -60.39 -37.52
C GLU N 56 -1.71 -59.52 -38.36
N ARG N 57 -2.27 -58.56 -39.09
CA ARG N 57 -1.45 -57.64 -39.86
C ARG N 57 -0.56 -56.79 -38.96
N GLY N 58 -1.12 -56.29 -37.86
CA GLY N 58 -0.39 -55.41 -36.95
C GLY N 58 0.39 -56.10 -35.85
N GLY N 59 0.27 -57.42 -35.72
CA GLY N 59 0.99 -58.13 -34.68
C GLY N 59 0.09 -58.70 -33.60
N VAL N 60 0.73 -59.36 -32.65
CA VAL N 60 0.05 -60.03 -31.54
C VAL N 60 0.31 -59.24 -30.26
N SER N 61 -0.76 -58.83 -29.59
CA SER N 61 -0.66 -57.99 -28.41
C SER N 61 -0.45 -58.83 -27.15
N LEU N 62 -0.28 -58.14 -26.03
CA LEU N 62 -0.16 -58.81 -24.74
C LEU N 62 -1.43 -59.59 -24.41
N ALA N 63 -2.59 -58.97 -24.63
CA ALA N 63 -3.85 -59.66 -24.37
C ALA N 63 -4.01 -60.85 -25.31
N ALA N 64 -3.66 -60.67 -26.59
CA ALA N 64 -3.77 -61.77 -27.54
C ALA N 64 -2.82 -62.91 -27.20
N LEU N 65 -1.57 -62.59 -26.83
CA LEU N 65 -0.64 -63.63 -26.41
C LEU N 65 -1.12 -64.33 -25.14
N LYS N 66 -1.70 -63.58 -24.21
CA LYS N 66 -2.26 -64.17 -23.01
C LYS N 66 -3.39 -65.14 -23.36
N LYS N 67 -4.28 -64.73 -24.27
CA LYS N 67 -5.38 -65.60 -24.67
C LYS N 67 -4.85 -66.85 -25.36
N ALA N 68 -3.81 -66.70 -26.20
CA ALA N 68 -3.24 -67.85 -26.89
C ALA N 68 -2.59 -68.82 -25.90
N LEU N 69 -1.85 -68.30 -24.92
CA LEU N 69 -1.21 -69.19 -23.95
C LEU N 69 -2.25 -69.85 -23.05
N ALA N 70 -3.32 -69.12 -22.69
CA ALA N 70 -4.40 -69.72 -21.92
C ALA N 70 -5.07 -70.84 -22.69
N ALA N 71 -5.29 -70.63 -23.99
CA ALA N 71 -5.81 -71.70 -24.83
C ALA N 71 -4.79 -72.83 -24.99
N ALA N 72 -3.53 -72.56 -24.69
CA ALA N 72 -2.46 -73.54 -24.80
C ALA N 72 -2.26 -74.34 -23.52
N GLY N 73 -3.13 -74.18 -22.53
CA GLY N 73 -2.95 -74.86 -21.27
C GLY N 73 -2.02 -74.17 -20.29
N TYR N 74 -1.61 -72.95 -20.59
CA TYR N 74 -0.71 -72.21 -19.72
C TYR N 74 -1.51 -71.35 -18.75
N ASP N 75 -1.09 -71.36 -17.49
CA ASP N 75 -1.70 -70.47 -16.49
C ASP N 75 -1.29 -69.04 -16.77
N VAL N 76 -2.21 -68.23 -17.28
CA VAL N 76 -1.89 -66.84 -17.61
C VAL N 76 -1.88 -65.96 -16.37
N GLU N 77 -2.45 -66.41 -15.25
CA GLU N 77 -2.53 -65.57 -14.06
C GLU N 77 -1.36 -65.82 -13.10
N LYS N 78 -1.07 -67.08 -12.80
CA LYS N 78 -0.04 -67.39 -11.82
C LYS N 78 1.36 -67.09 -12.35
N ASN N 79 1.53 -67.05 -13.67
CA ASN N 79 2.84 -66.88 -14.28
C ASN N 79 2.92 -65.63 -15.15
N ASN N 80 2.20 -64.57 -14.77
CA ASN N 80 2.17 -63.35 -15.57
C ASN N 80 3.56 -62.72 -15.69
N SER N 81 4.29 -62.67 -14.57
CA SER N 81 5.62 -62.09 -14.59
C SER N 81 6.55 -62.87 -15.51
N ARG N 82 6.43 -64.19 -15.51
CA ARG N 82 7.26 -65.00 -16.41
C ARG N 82 6.92 -64.74 -17.87
N ILE N 83 5.63 -64.59 -18.19
CA ILE N 83 5.25 -64.29 -19.56
C ILE N 83 5.83 -62.95 -19.99
N LYS N 84 5.74 -61.95 -19.12
CA LYS N 84 6.29 -60.64 -19.43
C LYS N 84 7.80 -60.69 -19.61
N LEU N 85 8.49 -61.43 -18.74
CA LEU N 85 9.94 -61.56 -18.85
C LEU N 85 10.32 -62.25 -20.15
N GLY N 86 9.61 -63.32 -20.50
CA GLY N 86 9.90 -64.01 -21.75
C GLY N 86 9.70 -63.10 -22.95
N ILE N 87 8.62 -62.31 -22.91
CA ILE N 87 8.36 -61.36 -23.99
C ILE N 87 9.48 -60.34 -24.09
N LYS N 88 9.92 -59.80 -22.95
CA LYS N 88 10.97 -58.79 -22.98
C LYS N 88 12.29 -59.39 -23.46
N SER N 89 12.60 -60.62 -23.05
CA SER N 89 13.83 -61.26 -23.52
C SER N 89 13.78 -61.53 -25.02
N LEU N 90 12.63 -61.97 -25.52
CA LEU N 90 12.49 -62.16 -26.96
C LEU N 90 12.64 -60.84 -27.72
N VAL N 91 12.11 -59.75 -27.16
CA VAL N 91 12.28 -58.45 -27.79
C VAL N 91 13.75 -58.02 -27.79
N SER N 92 14.42 -58.19 -26.65
CA SER N 92 15.82 -57.77 -26.55
C SER N 92 16.72 -58.62 -27.45
N LYS N 93 16.49 -59.93 -27.53
CA LYS N 93 17.27 -60.79 -28.41
C LYS N 93 17.00 -60.52 -29.88
N GLY N 94 15.96 -59.75 -30.21
CA GLY N 94 15.60 -59.53 -31.59
C GLY N 94 14.68 -60.60 -32.16
N THR N 95 14.32 -61.62 -31.39
CA THR N 95 13.40 -62.64 -31.89
C THR N 95 12.04 -62.06 -32.21
N LEU N 96 11.53 -61.19 -31.34
CA LEU N 96 10.26 -60.52 -31.57
C LEU N 96 10.49 -59.03 -31.76
N VAL N 97 9.96 -58.50 -32.86
CA VAL N 97 10.05 -57.08 -33.18
C VAL N 97 8.76 -56.41 -32.74
N GLN N 98 8.89 -55.42 -31.86
CA GLN N 98 7.73 -54.72 -31.34
C GLN N 98 7.19 -53.74 -32.38
N THR N 99 5.90 -53.82 -32.67
CA THR N 99 5.28 -52.98 -33.69
C THR N 99 4.47 -51.83 -33.13
N LYS N 100 3.67 -52.07 -32.08
CA LYS N 100 2.86 -51.03 -31.48
C LYS N 100 3.07 -51.08 -29.97
N GLY N 101 2.81 -49.95 -29.32
CA GLY N 101 3.03 -49.86 -27.89
C GLY N 101 4.52 -49.75 -27.55
N THR N 102 4.79 -49.76 -26.26
CA THR N 102 6.14 -49.73 -25.73
C THR N 102 6.24 -50.70 -24.56
N GLY N 103 7.37 -51.39 -24.47
CA GLY N 103 7.54 -52.34 -23.39
C GLY N 103 6.71 -53.60 -23.63
N ALA N 104 6.31 -54.23 -22.53
CA ALA N 104 5.57 -55.49 -22.61
C ALA N 104 4.12 -55.30 -23.01
N SER N 105 3.55 -54.12 -22.84
CA SER N 105 2.11 -53.92 -23.05
C SER N 105 1.73 -53.73 -24.51
N GLY N 106 2.69 -53.64 -25.42
CA GLY N 106 2.40 -53.42 -26.83
C GLY N 106 2.12 -54.71 -27.58
N SER N 107 2.36 -54.65 -28.88
CA SER N 107 2.21 -55.81 -29.77
C SER N 107 3.54 -56.12 -30.44
N PHE N 108 3.74 -57.40 -30.76
CA PHE N 108 5.02 -57.87 -31.29
C PHE N 108 4.78 -58.84 -32.44
N LYS N 109 5.77 -58.94 -33.33
CA LYS N 109 5.72 -59.85 -34.47
C LYS N 109 7.00 -60.67 -34.55
N LEU N 110 6.93 -61.76 -35.31
CA LEU N 110 8.11 -62.56 -35.59
C LEU N 110 9.04 -61.81 -36.56
N ASN N 111 10.33 -61.83 -36.26
CA ASN N 111 11.35 -61.26 -37.15
C ASN N 111 11.90 -62.39 -38.02
N LYS N 112 11.43 -62.45 -39.26
CA LYS N 112 11.88 -63.49 -40.17
C LYS N 112 13.31 -63.28 -40.65
N LYS N 113 13.91 -62.13 -40.36
CA LYS N 113 15.27 -61.84 -40.79
C LYS N 113 16.34 -62.27 -39.79
N ALA N 114 16.18 -61.94 -38.51
CA ALA N 114 17.18 -62.29 -37.51
C ALA N 114 17.31 -63.79 -37.28
N SER N 115 16.36 -64.58 -37.80
CA SER N 115 16.44 -66.03 -37.68
C SER N 115 17.59 -66.63 -38.49
N SER N 116 18.22 -65.85 -39.37
CA SER N 116 19.32 -66.32 -40.18
C SER N 116 20.56 -65.44 -40.09
N VAL N 117 20.63 -64.55 -39.11
CA VAL N 117 21.78 -63.67 -38.94
C VAL N 117 22.45 -64.02 -37.62
N GLU N 118 22.40 -65.29 -37.24
CA GLU N 118 23.03 -65.75 -36.02
C GLU N 118 24.53 -65.91 -36.25
N PRO O 42 29.08 12.33 41.89
CA PRO O 42 30.45 12.00 41.48
C PRO O 42 31.16 13.17 40.82
N HIS O 43 32.31 12.92 40.21
CA HIS O 43 32.99 13.95 39.44
C HIS O 43 32.31 14.14 38.09
N ARG O 44 31.97 15.38 37.78
CA ARG O 44 31.11 15.67 36.63
C ARG O 44 31.33 17.10 36.21
N TYR O 45 31.71 17.31 34.95
CA TYR O 45 31.97 18.66 34.46
C TYR O 45 30.68 19.43 34.26
N ARG O 46 30.74 20.74 34.51
CA ARG O 46 29.64 21.60 34.14
C ARG O 46 29.49 21.61 32.63
N PRO O 47 28.26 21.61 32.12
CA PRO O 47 28.07 21.56 30.65
C PRO O 47 28.75 22.74 29.97
N GLY O 48 29.36 22.47 28.83
CA GLY O 48 30.13 23.48 28.14
C GLY O 48 31.61 23.16 28.05
N THR O 49 32.18 22.58 29.11
CA THR O 49 33.60 22.27 29.10
C THR O 49 33.89 21.03 28.26
N VAL O 50 33.05 20.00 28.38
CA VAL O 50 33.23 18.84 27.51
C VAL O 50 33.09 19.25 26.05
N ALA O 51 32.21 20.20 25.77
CA ALA O 51 32.09 20.72 24.41
C ALA O 51 33.39 21.34 23.96
N LEU O 52 34.07 22.10 24.82
CA LEU O 52 35.32 22.72 24.41
C LEU O 52 36.42 21.69 24.22
N ARG O 53 36.47 20.67 25.08
CA ARG O 53 37.47 19.62 24.89
C ARG O 53 37.23 18.89 23.57
N GLU O 54 35.97 18.60 23.25
CA GLU O 54 35.68 17.99 21.96
C GLU O 54 36.05 18.91 20.81
N ILE O 55 35.79 20.21 20.95
CA ILE O 55 36.13 21.15 19.89
C ILE O 55 37.61 21.11 19.60
N ARG O 56 38.43 21.18 20.65
CA ARG O 56 39.88 21.16 20.42
C ARG O 56 40.34 19.82 19.87
N ARG O 57 39.78 18.72 20.37
CA ARG O 57 40.18 17.41 19.87
C ARG O 57 39.89 17.27 18.38
N TYR O 58 38.71 17.68 17.94
CA TYR O 58 38.36 17.52 16.55
C TYR O 58 39.04 18.55 15.64
N GLN O 59 39.28 19.75 16.12
CA GLN O 59 40.04 20.69 15.30
C GLN O 59 41.52 20.36 15.26
N LYS O 60 41.99 19.46 16.12
CA LYS O 60 43.38 19.01 16.02
C LYS O 60 43.59 17.90 15.02
N SER O 61 42.63 16.98 14.88
CA SER O 61 42.76 15.81 14.02
C SER O 61 42.00 16.00 12.72
N THR O 62 42.12 15.02 11.83
CA THR O 62 41.63 15.15 10.47
C THR O 62 40.91 13.94 9.90
N GLU O 63 40.71 12.89 10.69
CA GLU O 63 40.06 11.70 10.13
C GLU O 63 38.61 11.99 9.79
N LEU O 64 38.00 11.08 9.03
CA LEU O 64 36.63 11.26 8.59
C LEU O 64 35.67 11.19 9.76
N LEU O 65 34.59 11.96 9.68
CA LEU O 65 33.63 12.12 10.76
C LEU O 65 32.29 11.48 10.46
N ILE O 66 32.15 10.81 9.33
CA ILE O 66 30.95 10.04 9.01
C ILE O 66 31.38 8.60 8.78
N ARG O 67 30.68 7.67 9.43
CA ARG O 67 31.02 6.26 9.24
C ARG O 67 30.89 5.90 7.77
N LYS O 68 31.84 5.13 7.27
CA LYS O 68 31.98 4.96 5.83
C LYS O 68 30.79 4.23 5.22
N LEU O 69 30.42 3.08 5.77
CA LEU O 69 29.38 2.27 5.13
C LEU O 69 28.02 2.93 5.08
N PRO O 70 27.52 3.60 6.12
CA PRO O 70 26.25 4.31 5.96
C PRO O 70 26.28 5.32 4.84
N PHE O 71 27.40 6.03 4.71
CA PHE O 71 27.52 7.01 3.64
C PHE O 71 27.56 6.34 2.27
N GLN O 72 28.24 5.20 2.17
CA GLN O 72 28.29 4.51 0.90
C GLN O 72 26.91 4.06 0.46
N ARG O 73 26.13 3.53 1.41
CA ARG O 73 24.78 3.12 1.04
C ARG O 73 23.91 4.32 0.70
N LEU O 74 24.13 5.45 1.37
CA LEU O 74 23.38 6.66 1.00
C LEU O 74 23.72 7.11 -0.42
N VAL O 75 25.00 7.09 -0.78
CA VAL O 75 25.40 7.50 -2.12
C VAL O 75 24.76 6.59 -3.16
N ARG O 76 24.80 5.28 -2.93
CA ARG O 76 24.18 4.38 -3.90
C ARG O 76 22.69 4.62 -3.98
N GLU O 77 22.02 4.88 -2.85
CA GLU O 77 20.60 5.13 -2.90
C GLU O 77 20.28 6.36 -3.74
N ILE O 78 21.05 7.43 -3.57
CA ILE O 78 20.75 8.65 -4.32
C ILE O 78 21.03 8.44 -5.80
N ALA O 79 22.11 7.75 -6.15
CA ALA O 79 22.40 7.52 -7.56
C ALA O 79 21.44 6.54 -8.19
N GLN O 80 20.71 5.76 -7.39
CA GLN O 80 19.82 4.75 -7.95
C GLN O 80 18.68 5.34 -8.75
N ASP O 81 18.41 6.64 -8.64
CA ASP O 81 17.31 7.24 -9.37
C ASP O 81 17.70 7.74 -10.76
N PHE O 82 18.99 7.88 -11.05
CA PHE O 82 19.42 8.39 -12.34
C PHE O 82 19.90 7.31 -13.28
N LYS O 83 20.77 6.42 -12.81
CA LYS O 83 21.20 5.28 -13.58
C LYS O 83 21.11 4.06 -12.67
N THR O 84 20.72 2.93 -13.26
CA THR O 84 20.28 1.81 -12.43
C THR O 84 21.43 0.90 -12.02
N ASP O 85 22.39 0.67 -12.90
CA ASP O 85 23.41 -0.34 -12.69
C ASP O 85 24.79 0.24 -12.44
N LEU O 86 24.87 1.35 -11.70
CA LEU O 86 26.13 2.04 -11.56
C LEU O 86 27.00 1.40 -10.48
N ARG O 87 28.27 1.21 -10.82
CA ARG O 87 29.26 0.73 -9.88
C ARG O 87 30.28 1.84 -9.64
N PHE O 88 30.44 2.20 -8.37
CA PHE O 88 31.30 3.31 -8.00
C PHE O 88 32.70 2.77 -7.69
N GLN O 89 33.71 3.40 -8.27
CA GLN O 89 35.05 3.13 -7.78
C GLN O 89 35.14 3.55 -6.34
N SER O 90 35.94 2.82 -5.56
CA SER O 90 36.04 3.12 -4.12
C SER O 90 36.55 4.52 -3.88
N SER O 91 37.60 4.92 -4.60
CA SER O 91 38.14 6.26 -4.41
C SER O 91 37.11 7.32 -4.78
N ALA O 92 36.21 7.02 -5.71
CA ALA O 92 35.17 7.99 -6.02
C ALA O 92 34.29 8.25 -4.82
N VAL O 93 33.90 7.20 -4.10
CA VAL O 93 33.11 7.41 -2.89
C VAL O 93 33.92 8.13 -1.83
N MET O 94 35.23 7.85 -1.76
CA MET O 94 36.06 8.58 -0.82
C MET O 94 36.04 10.07 -1.12
N ALA O 95 36.18 10.44 -2.40
CA ALA O 95 36.18 11.85 -2.77
C ALA O 95 34.82 12.48 -2.50
N LEU O 96 33.75 11.76 -2.79
CA LEU O 96 32.43 12.29 -2.49
C LEU O 96 32.29 12.59 -1.00
N GLN O 97 32.78 11.69 -0.16
CA GLN O 97 32.67 11.89 1.27
C GLN O 97 33.52 13.06 1.75
N GLU O 98 34.73 13.19 1.22
CA GLU O 98 35.55 14.33 1.62
C GLU O 98 34.88 15.65 1.25
N ALA O 99 34.30 15.71 0.04
CA ALA O 99 33.62 16.93 -0.37
C ALA O 99 32.43 17.24 0.53
N CYS O 100 31.63 16.22 0.86
CA CYS O 100 30.46 16.46 1.70
C CYS O 100 30.88 16.93 3.09
N GLU O 101 31.90 16.31 3.68
CA GLU O 101 32.33 16.75 5.00
C GLU O 101 32.84 18.18 4.96
N ALA O 102 33.64 18.53 3.96
CA ALA O 102 34.15 19.89 3.90
C ALA O 102 33.03 20.89 3.72
N TYR O 103 32.05 20.57 2.87
CA TYR O 103 30.93 21.47 2.68
C TYR O 103 30.16 21.67 3.97
N LEU O 104 29.90 20.58 4.71
CA LEU O 104 29.13 20.72 5.94
C LEU O 104 29.92 21.47 6.99
N VAL O 105 31.22 21.26 7.08
CA VAL O 105 32.01 22.02 8.04
C VAL O 105 31.98 23.50 7.72
N GLY O 106 32.12 23.87 6.45
CA GLY O 106 32.00 25.27 6.10
C GLY O 106 30.63 25.83 6.44
N LEU O 107 29.59 25.04 6.17
CA LEU O 107 28.23 25.49 6.46
C LEU O 107 28.05 25.74 7.94
N PHE O 108 28.58 24.85 8.78
CA PHE O 108 28.44 25.05 10.22
C PHE O 108 29.27 26.21 10.71
N GLU O 109 30.42 26.48 10.07
CA GLU O 109 31.18 27.68 10.42
C GLU O 109 30.34 28.94 10.18
N ASP O 110 29.73 29.04 8.99
CA ASP O 110 28.93 30.22 8.69
C ASP O 110 27.69 30.28 9.59
N THR O 111 27.08 29.14 9.87
CA THR O 111 25.93 29.12 10.77
C THR O 111 26.32 29.58 12.16
N ASN O 112 27.51 29.18 12.62
CA ASN O 112 27.95 29.62 13.94
C ASN O 112 28.18 31.12 13.97
N LEU O 113 28.73 31.68 12.90
CA LEU O 113 28.85 33.13 12.83
C LEU O 113 27.48 33.80 12.90
N CYS O 114 26.49 33.26 12.17
CA CYS O 114 25.15 33.81 12.26
C CYS O 114 24.60 33.71 13.68
N ALA O 115 24.80 32.58 14.33
CA ALA O 115 24.23 32.37 15.65
C ALA O 115 24.83 33.31 16.67
N ILE O 116 26.15 33.49 16.63
CA ILE O 116 26.78 34.45 17.54
C ILE O 116 26.32 35.86 17.23
N HIS O 117 25.98 36.11 15.96
CA HIS O 117 25.50 37.45 15.61
C HIS O 117 24.23 37.81 16.38
N ALA O 118 23.31 36.86 16.51
CA ALA O 118 22.03 37.12 17.16
C ALA O 118 22.09 36.99 18.68
N LYS O 119 23.26 37.13 19.28
CA LYS O 119 23.44 37.09 20.74
C LYS O 119 23.04 35.75 21.34
N ARG O 120 23.19 34.68 20.56
CA ARG O 120 22.92 33.33 21.04
C ARG O 120 24.21 32.54 21.02
N VAL O 121 24.12 31.28 21.45
CA VAL O 121 25.27 30.37 21.39
C VAL O 121 24.82 29.08 20.72
N THR O 122 23.51 28.83 20.74
CA THR O 122 22.96 27.64 20.13
C THR O 122 22.44 27.95 18.73
N ILE O 123 22.91 27.20 17.77
CA ILE O 123 22.44 27.34 16.39
C ILE O 123 21.03 26.78 16.28
N MET O 124 20.31 27.23 15.27
CA MET O 124 18.94 26.81 15.03
C MET O 124 18.74 26.65 13.53
N PRO O 125 17.69 25.95 13.11
CA PRO O 125 17.41 25.86 11.68
C PRO O 125 17.26 27.21 11.00
N LYS O 126 16.78 28.23 11.70
CA LYS O 126 16.71 29.55 11.09
C LYS O 126 18.10 30.07 10.78
N ASP O 127 19.07 29.75 11.64
CA ASP O 127 20.45 30.16 11.36
C ASP O 127 20.97 29.51 10.09
N ILE O 128 20.78 28.20 9.94
CA ILE O 128 21.26 27.52 8.74
C ILE O 128 20.54 28.05 7.51
N GLN O 129 19.23 28.28 7.61
CA GLN O 129 18.50 28.80 6.48
C GLN O 129 19.00 30.18 6.06
N LEU O 130 19.31 31.04 7.04
CA LEU O 130 19.87 32.33 6.69
C LEU O 130 21.25 32.19 6.04
N ALA O 131 22.10 31.32 6.57
CA ALA O 131 23.43 31.17 5.99
C ALA O 131 23.34 30.72 4.55
N ARG O 132 22.51 29.72 4.28
CA ARG O 132 22.36 29.27 2.90
C ARG O 132 21.73 30.35 2.03
N ARG O 133 20.79 31.12 2.57
CA ARG O 133 20.18 32.17 1.76
C ARG O 133 21.19 33.22 1.35
N ILE O 134 22.05 33.64 2.28
CA ILE O 134 23.02 34.67 1.94
C ILE O 134 24.08 34.11 1.00
N ARG O 135 24.51 32.87 1.20
CA ARG O 135 25.58 32.32 0.38
C ARG O 135 25.22 32.30 -1.10
N GLY O 136 23.95 32.33 -1.43
CA GLY O 136 23.53 32.30 -2.81
C GLY O 136 22.81 31.06 -3.27
N GLU O 137 22.11 30.36 -2.38
CA GLU O 137 21.41 29.15 -2.75
C GLU O 137 19.95 29.21 -2.34
N ASN P 29 17.85 5.48 3.43
CA ASN P 29 19.07 5.28 4.18
C ASN P 29 19.62 6.60 4.72
N ILE P 30 18.92 7.69 4.41
CA ILE P 30 19.40 9.00 4.83
C ILE P 30 19.52 9.06 6.33
N GLN P 31 18.73 8.28 7.06
CA GLN P 31 18.91 8.15 8.49
C GLN P 31 20.25 7.52 8.86
N GLY P 32 21.03 7.09 7.86
CA GLY P 32 22.37 6.61 8.13
C GLY P 32 23.31 7.68 8.62
N ILE P 33 23.02 8.94 8.33
CA ILE P 33 23.85 10.02 8.86
C ILE P 33 23.45 10.18 10.32
N THR P 34 24.14 9.45 11.18
CA THR P 34 23.74 9.32 12.58
C THR P 34 23.88 10.65 13.30
N LYS P 35 22.99 10.88 14.26
CA LYS P 35 23.01 12.11 15.04
C LYS P 35 24.36 12.38 15.70
N PRO P 36 25.04 11.43 16.30
CA PRO P 36 26.41 11.72 16.77
C PRO P 36 27.35 12.14 15.67
N ALA P 37 27.18 11.64 14.44
CA ALA P 37 28.05 12.08 13.34
C ALA P 37 27.84 13.56 13.04
N ILE P 38 26.58 13.99 12.99
CA ILE P 38 26.31 15.42 12.76
C ILE P 38 26.81 16.25 13.94
N ARG P 39 26.70 15.70 15.14
CA ARG P 39 27.25 16.40 16.29
C ARG P 39 28.75 16.59 16.14
N ARG P 40 29.45 15.55 15.69
CA ARG P 40 30.90 15.66 15.49
C ARG P 40 31.21 16.69 14.41
N LEU P 41 30.47 16.66 13.30
CA LEU P 41 30.72 17.62 12.24
C LEU P 41 30.56 19.04 12.75
N ALA P 42 29.53 19.29 13.54
CA ALA P 42 29.38 20.62 14.14
C ALA P 42 30.54 20.94 15.07
N ARG P 43 30.97 19.96 15.87
CA ARG P 43 32.08 20.20 16.78
C ARG P 43 33.31 20.66 16.02
N ARG P 44 33.55 20.09 14.85
CA ARG P 44 34.69 20.53 14.06
C ARG P 44 34.54 21.98 13.64
N GLY P 45 33.33 22.40 13.33
CA GLY P 45 33.15 23.74 12.80
C GLY P 45 33.23 24.84 13.82
N GLY P 46 33.49 24.53 15.07
CA GLY P 46 33.52 25.54 16.11
C GLY P 46 32.19 25.79 16.79
N VAL P 47 31.22 24.92 16.60
CA VAL P 47 29.92 25.07 17.26
C VAL P 47 30.04 24.57 18.69
N LYS P 48 29.30 25.20 19.59
CA LYS P 48 29.34 24.83 21.00
C LYS P 48 28.04 24.21 21.50
N ARG P 49 26.89 24.74 21.09
CA ARG P 49 25.60 24.22 21.53
C ARG P 49 24.68 24.05 20.33
N ILE P 50 24.10 22.87 20.19
CA ILE P 50 23.33 22.51 19.01
C ILE P 50 21.88 22.33 19.40
N SER P 51 20.97 22.87 18.59
CA SER P 51 19.55 22.68 18.83
C SER P 51 19.15 21.25 18.50
N GLY P 52 17.85 20.99 18.53
CA GLY P 52 17.35 19.66 18.30
C GLY P 52 16.75 19.47 16.92
N LEU P 53 16.22 20.54 16.35
CA LEU P 53 15.68 20.44 15.00
C LEU P 53 16.76 20.49 13.94
N ILE P 54 18.00 20.76 14.34
CA ILE P 54 19.12 20.93 13.44
C ILE P 54 19.38 19.66 12.66
N TYR P 55 19.19 18.50 13.29
CA TYR P 55 19.58 17.23 12.67
C TYR P 55 18.79 16.97 11.39
N GLU P 56 17.48 17.16 11.43
CA GLU P 56 16.70 16.96 10.22
C GLU P 56 17.07 17.96 9.15
N GLU P 57 17.34 19.20 9.54
CA GLU P 57 17.74 20.22 8.58
C GLU P 57 19.03 19.84 7.89
N THR P 58 20.00 19.36 8.66
CA THR P 58 21.27 18.97 8.08
C THR P 58 21.11 17.76 7.17
N ARG P 59 20.25 16.82 7.54
CA ARG P 59 20.03 15.70 6.64
C ARG P 59 19.43 16.18 5.32
N GLY P 60 18.50 17.12 5.40
CA GLY P 60 17.93 17.67 4.16
C GLY P 60 18.98 18.37 3.31
N VAL P 61 19.82 19.18 3.94
CA VAL P 61 20.85 19.91 3.21
C VAL P 61 21.83 18.94 2.55
N LEU P 62 22.24 17.91 3.30
CA LEU P 62 23.17 16.92 2.76
C LEU P 62 22.55 16.16 1.60
N LYS P 63 21.26 15.83 1.72
CA LYS P 63 20.57 15.18 0.61
C LYS P 63 20.61 16.04 -0.63
N VAL P 64 20.32 17.33 -0.47
CA VAL P 64 20.30 18.23 -1.63
C VAL P 64 21.68 18.31 -2.27
N PHE P 65 22.72 18.51 -1.45
CA PHE P 65 24.06 18.67 -2.00
C PHE P 65 24.53 17.39 -2.68
N LEU P 66 24.26 16.24 -2.07
CA LEU P 66 24.66 14.99 -2.69
C LEU P 66 23.94 14.76 -3.99
N GLU P 67 22.67 15.14 -4.07
CA GLU P 67 21.98 15.06 -5.35
C GLU P 67 22.68 15.92 -6.38
N ASN P 68 23.04 17.15 -6.01
CA ASN P 68 23.58 18.06 -7.01
C ASN P 68 25.00 17.71 -7.41
N VAL P 69 25.70 16.89 -6.63
CA VAL P 69 27.00 16.42 -7.08
C VAL P 69 26.87 15.15 -7.90
N ILE P 70 26.06 14.20 -7.43
CA ILE P 70 25.98 12.92 -8.11
C ILE P 70 25.29 13.07 -9.46
N ARG P 71 24.39 14.04 -9.60
CA ARG P 71 23.78 14.24 -10.91
C ARG P 71 24.84 14.56 -11.97
N ASP P 72 25.74 15.48 -11.67
CA ASP P 72 26.78 15.80 -12.65
C ASP P 72 27.77 14.67 -12.81
N ALA P 73 28.12 13.98 -11.72
CA ALA P 73 29.04 12.86 -11.87
C ALA P 73 28.45 11.80 -12.79
N VAL P 74 27.18 11.48 -12.60
CA VAL P 74 26.52 10.48 -13.42
C VAL P 74 26.38 10.97 -14.85
N THR P 75 26.15 12.26 -15.05
CA THR P 75 26.03 12.77 -16.41
C THR P 75 27.35 12.64 -17.15
N TYR P 76 28.45 13.01 -16.49
CA TYR P 76 29.76 12.82 -17.10
C TYR P 76 29.99 11.36 -17.44
N THR P 77 29.65 10.45 -16.52
CA THR P 77 29.89 9.04 -16.79
C THR P 77 29.03 8.53 -17.93
N GLU P 78 27.74 8.81 -17.90
CA GLU P 78 26.85 8.43 -19.00
C GLU P 78 27.39 8.93 -20.33
N HIS P 79 28.03 10.09 -20.33
CA HIS P 79 28.57 10.58 -21.58
C HIS P 79 29.66 9.67 -22.13
N ALA P 80 30.60 9.24 -21.31
CA ALA P 80 31.73 8.49 -21.83
C ALA P 80 31.40 7.03 -22.10
N LYS P 81 30.13 6.65 -22.00
CA LYS P 81 29.69 5.27 -22.20
C LYS P 81 30.41 4.32 -21.24
N ARG P 82 30.37 4.66 -19.96
CA ARG P 82 30.87 3.79 -18.90
C ARG P 82 29.77 3.49 -17.91
N LYS P 83 29.92 2.38 -17.20
CA LYS P 83 29.02 2.04 -16.11
C LYS P 83 29.67 2.21 -14.75
N THR P 84 30.90 2.72 -14.70
CA THR P 84 31.62 2.92 -13.45
C THR P 84 31.88 4.40 -13.24
N VAL P 85 31.42 4.95 -12.12
CA VAL P 85 31.58 6.36 -11.83
C VAL P 85 32.95 6.60 -11.22
N THR P 86 33.95 6.80 -12.06
CA THR P 86 35.32 6.88 -11.59
C THR P 86 35.54 8.14 -10.75
N ALA P 87 36.76 8.28 -10.23
CA ALA P 87 37.03 9.37 -9.32
C ALA P 87 37.12 10.70 -10.04
N MET P 88 37.70 10.71 -11.24
CA MET P 88 37.84 11.96 -11.97
C MET P 88 36.48 12.56 -12.30
N ASP P 89 35.47 11.73 -12.51
CA ASP P 89 34.14 12.27 -12.76
C ASP P 89 33.61 13.01 -11.55
N VAL P 90 33.83 12.48 -10.35
CA VAL P 90 33.40 13.20 -9.15
C VAL P 90 34.21 14.48 -8.97
N VAL P 91 35.52 14.42 -9.25
CA VAL P 91 36.32 15.65 -9.13
C VAL P 91 35.81 16.71 -10.08
N TYR P 92 35.45 16.33 -11.31
CA TYR P 92 34.94 17.29 -12.27
C TYR P 92 33.57 17.81 -11.86
N ALA P 93 32.72 16.93 -11.34
CA ALA P 93 31.41 17.38 -10.89
C ALA P 93 31.55 18.46 -9.83
N LEU P 94 32.51 18.28 -8.91
CA LEU P 94 32.76 19.33 -7.95
C LEU P 94 33.34 20.57 -8.62
N LYS P 95 34.34 20.37 -9.50
CA LYS P 95 35.05 21.50 -10.08
C LYS P 95 34.12 22.41 -10.86
N ARG P 96 33.02 21.87 -11.36
CA ARG P 96 32.04 22.73 -12.02
C ARG P 96 31.41 23.71 -11.04
N GLN P 97 31.07 23.25 -9.85
CA GLN P 97 30.30 24.08 -8.93
C GLN P 97 31.17 25.01 -8.11
N GLY P 98 32.47 25.05 -8.38
CA GLY P 98 33.34 25.95 -7.67
C GLY P 98 34.08 25.36 -6.51
N ARG P 99 33.71 24.18 -6.05
CA ARG P 99 34.40 23.53 -4.94
C ARG P 99 35.44 22.60 -5.51
N THR P 100 36.58 23.16 -5.92
CA THR P 100 37.68 22.37 -6.44
C THR P 100 38.13 21.42 -5.34
N LEU P 101 38.45 20.20 -5.72
CA LEU P 101 38.93 19.21 -4.78
C LEU P 101 40.31 18.74 -5.21
N TYR P 102 41.27 18.82 -4.30
CA TYR P 102 42.61 18.36 -4.55
C TYR P 102 42.77 16.96 -3.97
N GLY P 103 43.79 16.25 -4.42
CA GLY P 103 44.20 15.01 -3.79
C GLY P 103 43.78 13.76 -4.53
N PHE P 104 42.71 13.82 -5.32
CA PHE P 104 42.27 12.65 -6.08
C PHE P 104 42.62 12.74 -7.55
N GLY P 105 43.30 13.81 -7.95
CA GLY P 105 43.73 13.98 -9.31
C GLY P 105 45.13 13.41 -9.51
N GLY P 106 45.28 12.58 -10.55
CA GLY P 106 44.17 12.21 -11.41
C GLY P 106 43.96 13.16 -12.57
N ARG Q 15 25.05 24.69 -58.15
CA ARG Q 15 24.18 25.38 -59.10
C ARG Q 15 22.72 25.26 -58.70
N ALA Q 16 22.41 24.29 -57.85
CA ALA Q 16 21.05 24.09 -57.41
C ALA Q 16 20.58 25.27 -56.57
N LYS Q 17 19.26 25.37 -56.38
CA LYS Q 17 18.75 26.41 -55.50
C LYS Q 17 19.15 26.11 -54.06
N ALA Q 18 20.19 26.80 -53.60
CA ALA Q 18 20.74 26.58 -52.28
C ALA Q 18 19.81 27.21 -51.25
N LYS Q 19 19.42 26.43 -50.25
CA LYS Q 19 18.61 26.93 -49.15
C LYS Q 19 19.41 26.86 -47.87
N THR Q 20 19.28 27.90 -47.05
CA THR Q 20 20.09 28.05 -45.86
C THR Q 20 19.84 26.89 -44.89
N ARG Q 21 20.89 26.52 -44.15
CA ARG Q 21 20.77 25.40 -43.23
C ARG Q 21 19.70 25.65 -42.19
N SER Q 22 19.54 26.91 -41.76
CA SER Q 22 18.48 27.22 -40.81
C SER Q 22 17.12 26.89 -41.38
N SER Q 23 16.97 27.00 -42.69
CA SER Q 23 15.70 26.60 -43.31
C SER Q 23 15.55 25.09 -43.30
N ARG Q 24 16.64 24.36 -43.51
CA ARG Q 24 16.57 22.90 -43.47
C ARG Q 24 16.16 22.42 -42.10
N ALA Q 25 16.78 22.96 -41.05
CA ALA Q 25 16.56 22.47 -39.70
C ALA Q 25 15.33 23.06 -39.05
N GLY Q 26 14.58 23.89 -39.74
CA GLY Q 26 13.41 24.52 -39.13
C GLY Q 26 13.78 25.43 -38.00
N LEU Q 27 14.89 26.14 -38.11
CA LEU Q 27 15.38 27.04 -37.08
C LEU Q 27 15.41 28.46 -37.60
N GLN Q 28 15.18 29.40 -36.70
CA GLN Q 28 15.36 30.81 -37.02
C GLN Q 28 16.80 31.25 -36.86
N PHE Q 29 17.50 30.73 -35.86
CA PHE Q 29 18.86 31.17 -35.59
C PHE Q 29 19.80 30.72 -36.71
N PRO Q 30 20.87 31.46 -36.95
CA PRO Q 30 21.68 31.24 -38.15
C PRO Q 30 22.71 30.16 -37.92
N VAL Q 31 22.47 28.97 -38.48
CA VAL Q 31 23.34 27.84 -38.21
C VAL Q 31 24.74 28.11 -38.76
N GLY Q 32 24.82 28.80 -39.89
CA GLY Q 32 26.12 29.13 -40.42
C GLY Q 32 26.94 29.94 -39.46
N ARG Q 33 26.33 30.94 -38.83
CA ARG Q 33 27.08 31.80 -37.92
C ARG Q 33 27.54 31.04 -36.69
N VAL Q 34 26.69 30.17 -36.16
CA VAL Q 34 27.09 29.40 -34.99
C VAL Q 34 28.24 28.46 -35.34
N HIS Q 35 28.18 27.81 -36.50
CA HIS Q 35 29.30 26.95 -36.90
C HIS Q 35 30.57 27.76 -37.06
N ARG Q 36 30.47 28.94 -37.66
CA ARG Q 36 31.65 29.76 -37.85
C ARG Q 36 32.26 30.13 -36.50
N LEU Q 37 31.42 30.51 -35.54
CA LEU Q 37 31.93 30.86 -34.22
C LEU Q 37 32.60 29.66 -33.55
N LEU Q 38 32.01 28.47 -33.67
CA LEU Q 38 32.65 27.30 -33.09
C LEU Q 38 34.01 27.03 -33.73
N ARG Q 39 34.11 27.20 -35.05
CA ARG Q 39 35.39 26.93 -35.70
C ARG Q 39 36.44 27.97 -35.34
N LYS Q 40 36.06 29.24 -35.25
CA LYS Q 40 37.03 30.29 -34.98
C LYS Q 40 37.28 30.53 -33.50
N GLY Q 41 36.49 29.94 -32.62
CA GLY Q 41 36.70 30.17 -31.21
C GLY Q 41 37.70 29.26 -30.55
N ASN Q 42 38.29 28.32 -31.29
CA ASN Q 42 39.22 27.35 -30.74
C ASN Q 42 38.62 26.56 -29.59
N TYR Q 43 37.39 26.11 -29.73
CA TYR Q 43 36.81 25.22 -28.74
C TYR Q 43 37.26 23.77 -28.95
N SER Q 44 37.53 23.38 -30.19
CA SER Q 44 38.09 22.07 -30.47
C SER Q 44 38.65 22.07 -31.88
N GLU Q 45 39.41 21.01 -32.19
CA GLU Q 45 40.08 20.93 -33.48
C GLU Q 45 39.08 20.80 -34.62
N ARG Q 46 38.12 19.90 -34.49
CA ARG Q 46 37.19 19.59 -35.57
C ARG Q 46 35.77 19.63 -35.03
N VAL Q 47 34.90 20.38 -35.71
CA VAL Q 47 33.55 20.58 -35.22
C VAL Q 47 32.61 19.75 -36.06
N GLY Q 48 31.81 18.92 -35.40
CA GLY Q 48 30.88 18.06 -36.10
C GLY Q 48 29.81 18.87 -36.78
N ALA Q 49 29.14 18.22 -37.73
CA ALA Q 49 28.13 18.91 -38.53
C ALA Q 49 26.82 19.04 -37.77
N GLY Q 50 26.57 18.15 -36.81
CA GLY Q 50 25.35 18.26 -36.05
C GLY Q 50 25.41 19.21 -34.88
N ALA Q 51 26.61 19.56 -34.42
CA ALA Q 51 26.74 20.41 -33.25
C ALA Q 51 26.19 21.81 -33.48
N PRO Q 52 26.54 22.52 -34.56
CA PRO Q 52 25.95 23.85 -34.74
C PRO Q 52 24.44 23.82 -34.84
N VAL Q 53 23.88 22.81 -35.49
CA VAL Q 53 22.42 22.73 -35.57
C VAL Q 53 21.83 22.58 -34.18
N TYR Q 54 22.37 21.65 -33.39
CA TYR Q 54 21.84 21.44 -32.05
C TYR Q 54 21.96 22.72 -31.22
N LEU Q 55 23.11 23.36 -31.31
CA LEU Q 55 23.36 24.55 -30.50
C LEU Q 55 22.43 25.68 -30.88
N ALA Q 56 22.21 25.88 -32.19
CA ALA Q 56 21.29 26.92 -32.62
C ALA Q 56 19.89 26.64 -32.15
N ALA Q 57 19.48 25.38 -32.16
CA ALA Q 57 18.15 25.07 -31.65
C ALA Q 57 18.04 25.42 -30.17
N VAL Q 58 19.06 25.08 -29.38
CA VAL Q 58 18.98 25.37 -27.95
C VAL Q 58 18.95 26.88 -27.71
N LEU Q 59 19.78 27.64 -28.43
CA LEU Q 59 19.77 29.08 -28.26
C LEU Q 59 18.41 29.66 -28.63
N GLU Q 60 17.82 29.19 -29.72
CA GLU Q 60 16.50 29.68 -30.10
C GLU Q 60 15.50 29.40 -29.02
N TYR Q 61 15.53 28.19 -28.44
CA TYR Q 61 14.54 27.87 -27.42
C TYR Q 61 14.69 28.79 -26.22
N LEU Q 62 15.93 29.04 -25.80
CA LEU Q 62 16.12 29.89 -24.61
C LEU Q 62 15.68 31.32 -24.87
N THR Q 63 16.01 31.87 -26.04
CA THR Q 63 15.54 33.22 -26.36
C THR Q 63 14.02 33.26 -26.42
N ALA Q 64 13.39 32.23 -26.98
CA ALA Q 64 11.94 32.21 -27.02
C ALA Q 64 11.34 32.19 -25.62
N GLU Q 65 11.93 31.40 -24.72
CA GLU Q 65 11.43 31.36 -23.37
C GLU Q 65 11.48 32.73 -22.71
N ILE Q 66 12.65 33.36 -22.75
CA ILE Q 66 12.79 34.65 -22.06
C ILE Q 66 11.90 35.70 -22.70
N LEU Q 67 11.81 35.70 -24.03
CA LEU Q 67 10.99 36.72 -24.69
C LEU Q 67 9.52 36.52 -24.42
N GLU Q 68 9.04 35.27 -24.37
CA GLU Q 68 7.64 35.06 -24.02
C GLU Q 68 7.35 35.57 -22.62
N LEU Q 69 8.20 35.25 -21.66
CA LEU Q 69 7.94 35.71 -20.29
C LEU Q 69 8.01 37.23 -20.20
N ALA Q 70 8.98 37.85 -20.87
CA ALA Q 70 9.09 39.30 -20.84
C ALA Q 70 7.91 39.95 -21.50
N GLY Q 71 7.44 39.39 -22.62
CA GLY Q 71 6.26 39.96 -23.26
C GLY Q 71 5.04 39.89 -22.37
N ASN Q 72 4.86 38.77 -21.66
CA ASN Q 72 3.74 38.69 -20.72
C ASN Q 72 3.87 39.74 -19.63
N ALA Q 73 5.08 39.91 -19.08
CA ALA Q 73 5.25 40.89 -18.01
C ALA Q 73 5.02 42.31 -18.52
N ALA Q 74 5.37 42.58 -19.78
CA ALA Q 74 5.09 43.90 -20.35
C ALA Q 74 3.60 44.09 -20.58
N ARG Q 75 2.90 43.03 -20.97
CA ARG Q 75 1.46 43.11 -21.11
C ARG Q 75 0.81 43.41 -19.77
N ASP Q 76 1.35 42.84 -18.69
CA ASP Q 76 0.69 42.99 -17.39
C ASP Q 76 0.67 44.45 -16.93
N ASN Q 77 1.74 45.21 -17.20
CA ASN Q 77 1.77 46.61 -16.80
C ASN Q 77 1.44 47.54 -17.97
N LYS Q 78 0.73 47.00 -18.97
CA LYS Q 78 0.01 47.79 -19.96
C LYS Q 78 0.91 48.57 -20.92
N LYS Q 79 2.20 48.29 -20.94
CA LYS Q 79 3.05 48.82 -21.99
C LYS Q 79 3.07 47.86 -23.17
N THR Q 80 3.37 48.38 -24.36
CA THR Q 80 3.43 47.56 -25.56
C THR Q 80 4.82 47.48 -26.16
N ARG Q 81 5.87 47.57 -25.34
CA ARG Q 81 7.23 47.46 -25.83
C ARG Q 81 8.11 46.99 -24.68
N ILE Q 82 8.98 46.04 -24.97
CA ILE Q 82 9.81 45.42 -23.93
C ILE Q 82 10.99 46.32 -23.62
N ILE Q 83 11.20 46.59 -22.34
CA ILE Q 83 12.31 47.43 -21.89
C ILE Q 83 13.07 46.69 -20.78
N PRO Q 84 14.32 47.05 -20.50
CA PRO Q 84 15.14 46.22 -19.60
C PRO Q 84 14.48 45.92 -18.26
N ARG Q 85 13.66 46.83 -17.75
CA ARG Q 85 12.92 46.52 -16.52
C ARG Q 85 12.05 45.29 -16.72
N HIS Q 86 11.41 45.18 -17.88
CA HIS Q 86 10.57 44.01 -18.13
C HIS Q 86 11.40 42.74 -18.20
N LEU Q 87 12.56 42.79 -18.83
CA LEU Q 87 13.42 41.60 -18.88
C LEU Q 87 13.85 41.20 -17.48
N GLN Q 88 14.19 42.17 -16.64
CA GLN Q 88 14.53 41.84 -15.26
C GLN Q 88 13.36 41.19 -14.53
N LEU Q 89 12.15 41.74 -14.72
CA LEU Q 89 11.00 41.17 -14.04
C LEU Q 89 10.70 39.76 -14.53
N ALA Q 90 10.90 39.51 -15.82
CA ALA Q 90 10.65 38.16 -16.34
C ALA Q 90 11.71 37.19 -15.84
N ILE Q 91 12.97 37.61 -15.81
CA ILE Q 91 14.03 36.71 -15.39
C ILE Q 91 13.91 36.37 -13.91
N ARG Q 92 13.66 37.37 -13.06
CA ARG Q 92 13.68 37.10 -11.64
C ARG Q 92 12.44 36.38 -11.13
N ASN Q 93 11.36 36.35 -11.89
CA ASN Q 93 10.12 35.76 -11.40
C ASN Q 93 9.92 34.32 -11.83
N ASP Q 94 10.82 33.76 -12.62
CA ASP Q 94 10.77 32.34 -12.97
C ASP Q 94 11.95 31.65 -12.31
N GLU Q 95 11.66 30.60 -11.55
CA GLU Q 95 12.69 30.01 -10.70
C GLU Q 95 13.84 29.43 -11.53
N GLU Q 96 13.52 28.69 -12.58
CA GLU Q 96 14.58 28.01 -13.33
C GLU Q 96 15.42 28.99 -14.12
N LEU Q 97 14.79 29.98 -14.77
CA LEU Q 97 15.55 31.01 -15.44
C LEU Q 97 16.39 31.81 -14.45
N ASN Q 98 15.85 32.03 -13.26
CA ASN Q 98 16.63 32.70 -12.22
C ASN Q 98 17.86 31.89 -11.86
N LYS Q 99 17.71 30.58 -11.76
CA LYS Q 99 18.86 29.75 -11.40
C LYS Q 99 19.90 29.74 -12.50
N LEU Q 100 19.48 29.73 -13.76
CA LEU Q 100 20.46 29.77 -14.85
C LEU Q 100 21.21 31.10 -14.87
N LEU Q 101 20.53 32.19 -14.57
CA LEU Q 101 21.10 33.53 -14.64
C LEU Q 101 21.21 34.14 -13.25
N GLY Q 102 21.75 33.36 -12.31
CA GLY Q 102 21.79 33.79 -10.93
C GLY Q 102 22.67 35.00 -10.69
N ARG Q 103 23.87 35.01 -11.28
CA ARG Q 103 24.85 36.04 -10.97
C ARG Q 103 24.69 37.29 -11.82
N VAL Q 104 24.03 37.20 -12.97
CA VAL Q 104 24.12 38.22 -14.00
C VAL Q 104 23.42 39.49 -13.53
N THR Q 105 24.09 40.62 -13.68
CA THR Q 105 23.54 41.92 -13.35
C THR Q 105 23.06 42.61 -14.61
N ILE Q 106 21.77 42.94 -14.66
CA ILE Q 106 21.16 43.57 -15.81
C ILE Q 106 21.28 45.08 -15.64
N ALA Q 107 21.86 45.74 -16.63
CA ALA Q 107 21.93 47.20 -16.61
C ALA Q 107 20.53 47.77 -16.79
N GLN Q 108 20.26 48.90 -16.14
CA GLN Q 108 18.95 49.55 -16.19
C GLN Q 108 17.85 48.58 -15.78
N GLY Q 109 18.10 47.82 -14.73
CA GLY Q 109 17.22 46.71 -14.43
C GLY Q 109 16.34 46.87 -13.22
N GLY Q 110 16.80 47.62 -12.23
CA GLY Q 110 16.00 47.71 -11.03
C GLY Q 110 15.99 46.40 -10.28
N VAL Q 111 15.10 46.31 -9.29
CA VAL Q 111 14.96 45.11 -8.48
C VAL Q 111 13.48 44.76 -8.40
N LEU Q 112 13.22 43.58 -7.90
CA LEU Q 112 11.86 43.07 -7.74
C LEU Q 112 11.16 43.83 -6.63
N PRO Q 113 9.91 44.25 -6.82
CA PRO Q 113 9.15 44.83 -5.71
C PRO Q 113 8.97 43.83 -4.60
N ASN Q 114 9.61 44.07 -3.46
CA ASN Q 114 9.56 43.11 -2.35
C ASN Q 114 10.00 43.81 -1.08
N ILE Q 115 9.14 43.76 -0.06
CA ILE Q 115 9.41 44.32 1.25
C ILE Q 115 9.29 43.21 2.28
N GLN Q 116 10.24 43.16 3.20
CA GLN Q 116 10.13 42.19 4.30
C GLN Q 116 8.91 42.49 5.14
N ALA Q 117 8.24 41.43 5.60
CA ALA Q 117 7.01 41.61 6.36
C ALA Q 117 7.26 42.31 7.69
N VAL Q 118 8.34 41.94 8.38
CA VAL Q 118 8.60 42.48 9.72
C VAL Q 118 8.84 43.98 9.66
N LEU Q 119 9.33 44.50 8.52
CA LEU Q 119 9.44 45.94 8.37
C LEU Q 119 8.08 46.62 8.42
N LEU Q 120 7.08 46.06 7.73
CA LEU Q 120 5.76 46.67 7.72
C LEU Q 120 5.19 46.67 9.14
N PRO Q 121 4.50 47.75 9.52
CA PRO Q 121 3.97 47.84 10.88
C PRO Q 121 3.00 46.70 11.20
N LYS Q 122 3.05 46.24 12.44
CA LYS Q 122 2.22 45.14 12.91
C LYS Q 122 0.72 45.48 12.84
N ARG R 35 31.87 51.38 -42.31
CA ARG R 35 33.23 50.96 -42.60
C ARG R 35 33.47 49.50 -42.20
N SER R 36 33.59 49.26 -40.90
CA SER R 36 33.84 47.92 -40.38
C SER R 36 32.53 47.31 -39.88
N ARG R 37 32.18 46.15 -40.42
CA ARG R 37 30.94 45.49 -40.06
C ARG R 37 31.00 44.95 -38.64
N LYS R 38 29.85 44.88 -37.99
CA LYS R 38 29.72 44.29 -36.66
C LYS R 38 28.59 43.28 -36.69
N GLU R 39 28.83 42.11 -36.10
CA GLU R 39 27.88 41.01 -36.12
C GLU R 39 27.13 40.92 -34.81
N SER R 40 25.82 40.68 -34.92
CA SER R 40 24.98 40.60 -33.74
C SER R 40 23.73 39.81 -34.10
N TYR R 41 23.08 39.27 -33.06
CA TYR R 41 21.89 38.46 -33.21
C TYR R 41 20.63 39.29 -33.10
N SER R 42 20.66 40.54 -33.56
CA SER R 42 19.50 41.40 -33.37
C SER R 42 18.30 40.90 -34.16
N ILE R 43 18.47 40.71 -35.47
CA ILE R 43 17.32 40.42 -36.32
C ILE R 43 16.75 39.04 -36.01
N TYR R 44 17.60 38.07 -35.66
CA TYR R 44 17.08 36.76 -35.30
C TYR R 44 16.25 36.83 -34.03
N VAL R 45 16.70 37.60 -33.05
CA VAL R 45 15.89 37.81 -31.85
C VAL R 45 14.57 38.44 -32.23
N TYR R 46 14.60 39.39 -33.17
CA TYR R 46 13.37 40.03 -33.59
C TYR R 46 12.42 39.03 -34.22
N LYS R 47 12.93 38.14 -35.07
CA LYS R 47 12.07 37.17 -35.73
C LYS R 47 11.45 36.22 -34.71
N VAL R 48 12.23 35.78 -33.73
CA VAL R 48 11.67 34.91 -32.70
C VAL R 48 10.60 35.65 -31.91
N LEU R 49 10.84 36.92 -31.62
CA LEU R 49 9.84 37.71 -30.91
C LEU R 49 8.55 37.78 -31.68
N LYS R 50 8.63 38.01 -33.00
CA LYS R 50 7.42 37.99 -33.80
C LYS R 50 6.75 36.64 -33.77
N GLN R 51 7.52 35.56 -33.70
CA GLN R 51 6.92 34.24 -33.60
C GLN R 51 6.09 34.09 -32.33
N VAL R 52 6.63 34.51 -31.18
CA VAL R 52 5.89 34.25 -29.94
C VAL R 52 4.82 35.30 -29.69
N HIS R 53 5.16 36.58 -29.83
CA HIS R 53 4.19 37.66 -29.61
C HIS R 53 4.06 38.46 -30.90
N PRO R 54 3.00 38.23 -31.66
CA PRO R 54 2.89 38.87 -32.98
C PRO R 54 2.82 40.38 -32.93
N ASP R 55 2.44 40.98 -31.81
CA ASP R 55 2.19 42.41 -31.79
C ASP R 55 2.94 43.12 -30.68
N THR R 56 4.24 42.86 -30.53
CA THR R 56 5.03 43.53 -29.52
C THR R 56 6.37 43.94 -30.09
N GLY R 57 6.72 45.21 -29.92
CA GLY R 57 8.01 45.72 -30.28
C GLY R 57 8.99 45.60 -29.13
N ILE R 58 10.21 46.03 -29.38
CA ILE R 58 11.28 45.90 -28.39
C ILE R 58 12.32 46.97 -28.64
N SER R 59 12.68 47.70 -27.59
CA SER R 59 13.54 48.86 -27.76
C SER R 59 14.94 48.44 -28.15
N SER R 60 15.83 49.42 -28.26
CA SER R 60 17.21 49.12 -28.64
C SER R 60 17.98 48.49 -27.49
N LYS R 61 17.77 48.99 -26.27
CA LYS R 61 18.55 48.48 -25.13
C LYS R 61 18.15 47.05 -24.77
N ALA R 62 16.87 46.71 -24.90
CA ALA R 62 16.50 45.32 -24.70
C ALA R 62 17.15 44.45 -25.76
N MET R 63 17.33 44.98 -26.96
CA MET R 63 18.07 44.23 -27.97
C MET R 63 19.53 44.07 -27.58
N GLY R 64 20.11 45.09 -26.94
CA GLY R 64 21.46 44.95 -26.43
C GLY R 64 21.55 43.86 -25.39
N ILE R 65 20.58 43.80 -24.49
CA ILE R 65 20.58 42.76 -23.47
C ILE R 65 20.43 41.39 -24.10
N MET R 66 19.54 41.24 -25.08
CA MET R 66 19.35 39.92 -25.67
C MET R 66 20.58 39.49 -26.47
N ASN R 67 21.22 40.43 -27.16
CA ASN R 67 22.50 40.11 -27.79
C ASN R 67 23.49 39.58 -26.78
N SER R 68 23.69 40.31 -25.69
CA SER R 68 24.69 39.88 -24.73
C SER R 68 24.30 38.56 -24.11
N PHE R 69 23.01 38.33 -23.89
CA PHE R 69 22.59 37.08 -23.28
C PHE R 69 22.82 35.90 -24.20
N VAL R 70 22.49 36.04 -25.47
CA VAL R 70 22.72 34.94 -26.39
C VAL R 70 24.20 34.62 -26.48
N ASN R 71 25.03 35.66 -26.51
CA ASN R 71 26.47 35.41 -26.53
C ASN R 71 26.93 34.73 -25.24
N ASP R 72 26.38 35.14 -24.11
CA ASP R 72 26.78 34.54 -22.85
C ASP R 72 26.45 33.05 -22.82
N ILE R 73 25.22 32.71 -23.20
CA ILE R 73 24.83 31.31 -23.16
C ILE R 73 25.63 30.50 -24.16
N PHE R 74 25.89 31.07 -25.33
CA PHE R 74 26.70 30.34 -26.30
C PHE R 74 28.09 30.08 -25.79
N GLU R 75 28.71 31.07 -25.15
CA GLU R 75 30.05 30.87 -24.64
C GLU R 75 30.05 29.82 -23.53
N ARG R 76 29.05 29.84 -22.66
CA ARG R 76 28.98 28.82 -21.62
C ARG R 76 28.88 27.42 -22.23
N ILE R 77 27.94 27.24 -23.16
CA ILE R 77 27.71 25.91 -23.70
C ILE R 77 28.91 25.43 -24.49
N ALA R 78 29.48 26.27 -25.34
CA ALA R 78 30.61 25.82 -26.14
C ALA R 78 31.82 25.53 -25.27
N GLY R 79 32.08 26.37 -24.27
CA GLY R 79 33.21 26.10 -23.39
C GLY R 79 33.05 24.80 -22.63
N GLU R 80 31.83 24.55 -22.12
CA GLU R 80 31.59 23.31 -21.42
C GLU R 80 31.75 22.11 -22.34
N ALA R 81 31.25 22.21 -23.57
CA ALA R 81 31.42 21.11 -24.52
C ALA R 81 32.88 20.89 -24.84
N SER R 82 33.66 21.97 -24.91
CA SER R 82 35.08 21.81 -25.17
C SER R 82 35.76 21.07 -24.05
N ARG R 83 35.51 21.49 -22.80
CA ARG R 83 36.12 20.79 -21.67
C ARG R 83 35.70 19.33 -21.65
N LEU R 84 34.44 19.07 -21.95
CA LEU R 84 33.95 17.69 -21.93
C LEU R 84 34.61 16.85 -23.00
N ALA R 85 34.68 17.35 -24.23
CA ALA R 85 35.29 16.58 -25.31
C ALA R 85 36.80 16.48 -25.12
N HIS R 86 37.35 17.32 -24.25
CA HIS R 86 38.77 17.17 -23.92
C HIS R 86 38.99 16.16 -22.81
N TYR R 87 38.03 15.95 -21.92
CA TYR R 87 38.22 14.94 -20.88
C TYR R 87 38.37 13.55 -21.47
N ASN R 88 37.53 13.20 -22.44
CA ASN R 88 37.53 11.86 -23.00
C ASN R 88 38.60 11.67 -24.06
N LYS R 89 39.54 12.59 -24.17
CA LYS R 89 40.63 12.50 -25.14
C LYS R 89 40.12 12.46 -26.57
N ARG R 90 38.89 12.88 -26.80
CA ARG R 90 38.40 13.07 -28.15
C ARG R 90 38.86 14.42 -28.66
N SER R 91 38.62 14.67 -29.94
CA SER R 91 39.00 15.93 -30.56
C SER R 91 37.93 16.43 -31.51
N THR R 92 36.65 16.29 -31.17
CA THR R 92 35.57 16.75 -32.03
C THR R 92 34.30 16.96 -31.22
N ILE R 93 33.68 18.12 -31.38
CA ILE R 93 32.44 18.46 -30.71
C ILE R 93 31.30 17.93 -31.57
N THR R 94 30.94 16.67 -31.39
CA THR R 94 29.78 16.15 -32.09
C THR R 94 28.53 16.66 -31.37
N SER R 95 27.36 16.26 -31.83
CA SER R 95 26.14 16.71 -31.15
C SER R 95 26.05 16.17 -29.74
N ARG R 96 26.66 15.01 -29.48
CA ARG R 96 26.55 14.40 -28.16
C ARG R 96 27.14 15.32 -27.11
N GLU R 97 28.27 15.95 -27.40
CA GLU R 97 28.86 16.87 -26.44
C GLU R 97 27.93 18.03 -26.14
N ILE R 98 27.29 18.58 -27.16
CA ILE R 98 26.38 19.70 -26.90
C ILE R 98 25.21 19.22 -26.06
N GLN R 99 24.74 18.00 -26.30
CA GLN R 99 23.63 17.50 -25.49
C GLN R 99 24.04 17.35 -24.04
N THR R 100 25.23 16.80 -23.79
CA THR R 100 25.65 16.64 -22.41
C THR R 100 25.91 18.00 -21.76
N ALA R 101 26.45 18.95 -22.52
CA ALA R 101 26.67 20.27 -21.95
C ALA R 101 25.37 20.95 -21.60
N VAL R 102 24.34 20.77 -22.44
CA VAL R 102 23.05 21.35 -22.11
C VAL R 102 22.45 20.66 -20.90
N ARG R 103 22.69 19.36 -20.75
CA ARG R 103 22.23 18.70 -19.54
C ARG R 103 22.90 19.28 -18.31
N LEU R 104 24.18 19.58 -18.40
CA LEU R 104 24.89 20.10 -17.23
C LEU R 104 24.45 21.52 -16.91
N LEU R 105 24.42 22.40 -17.90
CA LEU R 105 24.22 23.83 -17.61
C LEU R 105 22.76 24.14 -17.25
N LEU R 106 21.84 23.89 -18.15
CA LEU R 106 20.47 24.30 -17.93
C LEU R 106 19.85 23.47 -16.81
N PRO R 107 19.34 24.09 -15.77
CA PRO R 107 18.80 23.35 -14.63
C PRO R 107 17.31 23.11 -14.73
N GLY R 108 16.86 21.89 -14.45
CA GLY R 108 15.44 21.61 -14.31
C GLY R 108 14.70 21.38 -15.60
N GLU R 109 13.49 21.91 -15.71
CA GLU R 109 12.66 21.66 -16.88
C GLU R 109 13.33 22.12 -18.17
N LEU R 110 14.11 23.19 -18.09
CA LEU R 110 14.82 23.68 -19.26
C LEU R 110 15.70 22.60 -19.85
N ALA R 111 16.26 21.73 -19.00
CA ALA R 111 17.09 20.65 -19.53
C ALA R 111 16.30 19.75 -20.45
N LYS R 112 15.15 19.26 -20.00
CA LYS R 112 14.37 18.34 -20.81
C LYS R 112 13.84 19.03 -22.06
N HIS R 113 13.33 20.24 -21.93
CA HIS R 113 12.79 20.92 -23.10
C HIS R 113 13.87 21.22 -24.12
N ALA R 114 15.02 21.74 -23.68
CA ALA R 114 16.08 22.06 -24.61
C ALA R 114 16.65 20.81 -25.27
N VAL R 115 16.79 19.72 -24.52
CA VAL R 115 17.27 18.48 -25.12
C VAL R 115 16.28 17.98 -26.17
N SER R 116 14.98 18.08 -25.89
CA SER R 116 13.99 17.67 -26.88
C SER R 116 14.08 18.52 -28.13
N GLU R 117 14.23 19.84 -27.95
CA GLU R 117 14.35 20.72 -29.11
C GLU R 117 15.58 20.38 -29.92
N GLY R 118 16.70 20.14 -29.26
CA GLY R 118 17.90 19.78 -30.00
C GLY R 118 17.73 18.50 -30.78
N THR R 119 17.18 17.47 -30.14
CA THR R 119 17.01 16.20 -30.85
C THR R 119 16.08 16.36 -32.03
N LYS R 120 14.99 17.11 -31.85
CA LYS R 120 14.07 17.33 -32.95
C LYS R 120 14.75 18.05 -34.11
N ALA R 121 15.55 19.06 -33.80
CA ALA R 121 16.23 19.81 -34.85
C ALA R 121 17.21 18.92 -35.60
N VAL R 122 17.99 18.13 -34.87
CA VAL R 122 18.96 17.27 -35.54
C VAL R 122 18.25 16.26 -36.43
N THR R 123 17.19 15.63 -35.91
CA THR R 123 16.50 14.62 -36.73
C THR R 123 15.90 15.24 -37.98
N LYS R 124 15.25 16.40 -37.84
CA LYS R 124 14.66 17.02 -39.02
C LYS R 124 15.72 17.51 -39.99
N TYR R 125 16.90 17.85 -39.48
CA TYR R 125 17.98 18.25 -40.37
C TYR R 125 18.50 17.07 -41.17
N THR R 126 18.73 15.94 -40.51
CA THR R 126 19.34 14.81 -41.19
C THR R 126 18.41 14.09 -42.14
N SER R 127 17.09 14.12 -41.90
CA SER R 127 16.18 13.41 -42.78
C SER R 127 16.15 13.99 -44.19
N ALA R 128 16.44 15.27 -44.32
CA ALA R 128 16.49 15.89 -45.64
C ALA R 128 17.87 15.69 -46.27
N LYS S 41 -1.72 69.34 14.76
CA LYS S 41 -2.29 70.20 13.72
C LYS S 41 -1.44 70.24 12.44
N PRO S 42 -0.12 70.43 12.55
CA PRO S 42 0.71 70.33 11.34
C PRO S 42 0.69 68.92 10.80
N HIS S 43 0.84 68.79 9.49
CA HIS S 43 0.97 67.47 8.88
C HIS S 43 2.40 66.99 9.12
N ARG S 44 2.53 65.84 9.75
CA ARG S 44 3.85 65.29 10.08
C ARG S 44 3.69 63.80 10.27
N TYR S 45 4.15 63.01 9.29
CA TYR S 45 3.95 61.58 9.35
C TYR S 45 4.72 60.97 10.51
N ARG S 46 4.17 59.89 11.05
CA ARG S 46 4.89 59.13 12.04
C ARG S 46 6.20 58.63 11.44
N PRO S 47 7.30 58.67 12.17
CA PRO S 47 8.53 58.08 11.65
C PRO S 47 8.33 56.63 11.24
N GLY S 48 8.50 56.36 9.96
CA GLY S 48 8.29 55.03 9.44
C GLY S 48 7.52 55.00 8.14
N THR S 49 6.58 55.95 7.96
CA THR S 49 5.76 55.95 6.76
C THR S 49 6.50 56.56 5.58
N VAL S 50 7.23 57.65 5.81
CA VAL S 50 8.00 58.25 4.73
C VAL S 50 9.04 57.27 4.22
N ALA S 51 9.60 56.46 5.11
CA ALA S 51 10.55 55.44 4.69
C ALA S 51 9.87 54.45 3.74
N LEU S 52 8.65 54.04 4.05
CA LEU S 52 7.96 53.09 3.17
C LEU S 52 7.60 53.71 1.84
N ARG S 53 7.19 54.97 1.84
CA ARG S 53 6.93 55.64 0.57
C ARG S 53 8.19 55.70 -0.28
N GLU S 54 9.33 56.04 0.34
CA GLU S 54 10.57 56.06 -0.42
C GLU S 54 10.96 54.68 -0.91
N ILE S 55 10.71 53.65 -0.10
CA ILE S 55 11.05 52.30 -0.53
C ILE S 55 10.23 51.92 -1.76
N ARG S 56 8.92 52.19 -1.73
CA ARG S 56 8.12 51.87 -2.91
C ARG S 56 8.60 52.67 -4.12
N ARG S 57 8.85 53.96 -3.94
CA ARG S 57 9.25 54.79 -5.06
C ARG S 57 10.55 54.31 -5.67
N TYR S 58 11.54 54.02 -4.85
CA TYR S 58 12.84 53.64 -5.39
C TYR S 58 12.89 52.18 -5.81
N GLN S 59 11.95 51.35 -5.39
CA GLN S 59 11.87 50.02 -5.99
C GLN S 59 11.06 50.00 -7.26
N LYS S 60 10.31 51.07 -7.55
CA LYS S 60 9.56 51.10 -8.81
C LYS S 60 10.34 51.77 -9.93
N SER S 61 11.31 52.62 -9.63
CA SER S 61 12.08 53.30 -10.67
C SER S 61 13.38 52.56 -10.94
N THR S 62 14.12 53.03 -11.96
CA THR S 62 15.33 52.36 -12.40
C THR S 62 16.51 53.29 -12.64
N GLU S 63 16.33 54.60 -12.46
CA GLU S 63 17.42 55.52 -12.76
C GLU S 63 18.56 55.33 -11.77
N LEU S 64 19.73 55.84 -12.14
CA LEU S 64 20.91 55.72 -11.29
C LEU S 64 20.77 56.60 -10.06
N LEU S 65 21.37 56.17 -8.96
CA LEU S 65 21.15 56.80 -7.68
C LEU S 65 22.35 57.57 -7.16
N ILE S 66 23.50 57.48 -7.81
CA ILE S 66 24.67 58.25 -7.43
C ILE S 66 24.91 59.32 -8.48
N ARG S 67 25.16 60.54 -8.05
CA ARG S 67 25.40 61.62 -8.99
C ARG S 67 26.63 61.32 -9.83
N LYS S 68 26.57 61.69 -11.11
CA LYS S 68 27.55 61.18 -12.07
C LYS S 68 28.94 61.75 -11.82
N LEU S 69 29.05 63.07 -11.65
CA LEU S 69 30.38 63.67 -11.55
C LEU S 69 31.16 63.24 -10.32
N PRO S 70 30.59 63.18 -9.12
CA PRO S 70 31.40 62.70 -7.99
C PRO S 70 31.97 61.32 -8.24
N PHE S 71 31.16 60.43 -8.80
CA PHE S 71 31.61 59.08 -9.09
C PHE S 71 32.70 59.08 -10.14
N GLN S 72 32.56 59.91 -11.18
CA GLN S 72 33.59 59.95 -12.19
C GLN S 72 34.91 60.43 -11.62
N ARG S 73 34.87 61.46 -10.77
CA ARG S 73 36.09 61.92 -10.15
C ARG S 73 36.70 60.86 -9.25
N LEU S 74 35.85 60.11 -8.54
CA LEU S 74 36.36 59.03 -7.70
C LEU S 74 37.05 57.95 -8.54
N VAL S 75 36.43 57.59 -9.68
CA VAL S 75 37.01 56.56 -10.52
C VAL S 75 38.37 57.00 -11.05
N ARG S 76 38.46 58.25 -11.51
CA ARG S 76 39.74 58.72 -12.02
C ARG S 76 40.78 58.77 -10.90
N GLU S 77 40.38 59.19 -9.71
CA GLU S 77 41.31 59.25 -8.59
C GLU S 77 41.89 57.87 -8.30
N ILE S 78 41.02 56.85 -8.25
CA ILE S 78 41.52 55.50 -7.97
C ILE S 78 42.43 55.03 -9.09
N ALA S 79 42.03 55.29 -10.34
CA ALA S 79 42.84 54.80 -11.46
C ALA S 79 44.22 55.44 -11.49
N GLN S 80 44.34 56.67 -10.99
CA GLN S 80 45.64 57.33 -11.05
C GLN S 80 46.65 56.69 -10.12
N ASP S 81 46.20 55.85 -9.18
CA ASP S 81 47.14 55.16 -8.30
C ASP S 81 47.95 54.11 -9.05
N PHE S 82 47.40 53.51 -10.10
CA PHE S 82 48.06 52.41 -10.80
C PHE S 82 48.92 52.88 -11.96
N LYS S 83 48.31 53.48 -12.98
CA LYS S 83 49.05 54.10 -14.07
C LYS S 83 48.49 55.48 -14.31
N THR S 84 49.37 56.46 -14.43
CA THR S 84 48.95 57.84 -14.60
C THR S 84 48.54 58.10 -16.04
N ASP S 85 47.75 59.14 -16.23
CA ASP S 85 47.34 59.61 -17.55
C ASP S 85 46.56 58.53 -18.31
N LEU S 86 45.46 58.08 -17.70
CA LEU S 86 44.53 57.21 -18.38
C LEU S 86 43.28 57.99 -18.76
N ARG S 87 42.68 57.59 -19.87
CA ARG S 87 41.46 58.19 -20.35
C ARG S 87 40.34 57.15 -20.40
N PHE S 88 39.15 57.55 -19.98
CA PHE S 88 38.04 56.64 -19.82
C PHE S 88 36.96 56.96 -20.84
N GLN S 89 36.54 55.97 -21.61
CA GLN S 89 35.35 56.15 -22.41
C GLN S 89 34.16 56.37 -21.50
N SER S 90 33.25 57.24 -21.92
CA SER S 90 32.11 57.56 -21.07
C SER S 90 31.26 56.33 -20.79
N SER S 91 31.08 55.47 -21.80
CA SER S 91 30.34 54.24 -21.56
C SER S 91 31.04 53.37 -20.53
N ALA S 92 32.37 53.39 -20.47
CA ALA S 92 33.08 52.59 -19.47
C ALA S 92 32.75 53.07 -18.07
N VAL S 93 32.79 54.37 -17.84
CA VAL S 93 32.44 54.89 -16.52
C VAL S 93 31.00 54.57 -16.19
N MET S 94 30.12 54.63 -17.18
CA MET S 94 28.72 54.25 -16.92
C MET S 94 28.61 52.80 -16.50
N ALA S 95 29.35 51.91 -17.17
CA ALA S 95 29.32 50.50 -16.80
C ALA S 95 29.84 50.30 -15.39
N LEU S 96 30.92 50.99 -15.04
CA LEU S 96 31.44 50.90 -13.69
C LEU S 96 30.41 51.33 -12.66
N GLN S 97 29.70 52.43 -12.95
CA GLN S 97 28.70 52.90 -12.01
C GLN S 97 27.55 51.92 -11.87
N GLU S 98 27.13 51.32 -12.98
CA GLU S 98 26.07 50.32 -12.89
C GLU S 98 26.49 49.15 -12.03
N ALA S 99 27.73 48.68 -12.21
CA ALA S 99 28.21 47.57 -11.40
C ALA S 99 28.27 47.94 -9.92
N CYS S 100 28.77 49.13 -9.61
CA CYS S 100 28.85 49.55 -8.20
C CYS S 100 27.47 49.63 -7.57
N GLU S 101 26.51 50.24 -8.27
CA GLU S 101 25.18 50.35 -7.69
C GLU S 101 24.55 48.99 -7.47
N ALA S 102 24.68 48.09 -8.44
CA ALA S 102 24.09 46.77 -8.26
C ALA S 102 24.74 46.04 -7.10
N TYR S 103 26.07 46.16 -6.98
CA TYR S 103 26.74 45.51 -5.88
C TYR S 103 26.27 46.04 -4.54
N LEU S 104 26.16 47.37 -4.40
CA LEU S 104 25.73 47.91 -3.13
C LEU S 104 24.28 47.52 -2.82
N VAL S 105 23.42 47.48 -3.83
CA VAL S 105 22.04 47.08 -3.58
C VAL S 105 21.98 45.64 -3.09
N GLY S 106 22.73 44.74 -3.73
CA GLY S 106 22.74 43.37 -3.26
C GLY S 106 23.29 43.28 -1.84
N LEU S 107 24.34 44.04 -1.56
CA LEU S 107 24.93 44.04 -0.23
C LEU S 107 23.92 44.49 0.82
N PHE S 108 23.14 45.52 0.50
CA PHE S 108 22.17 46.02 1.47
C PHE S 108 20.99 45.07 1.62
N GLU S 109 20.58 44.37 0.56
CA GLU S 109 19.55 43.35 0.74
C GLU S 109 20.01 42.27 1.70
N ASP S 110 21.23 41.76 1.51
CA ASP S 110 21.72 40.72 2.41
C ASP S 110 21.95 41.26 3.81
N THR S 111 22.43 42.50 3.93
CA THR S 111 22.62 43.09 5.25
C THR S 111 21.29 43.25 5.97
N ASN S 112 20.24 43.62 5.23
CA ASN S 112 18.93 43.77 5.86
C ASN S 112 18.41 42.43 6.34
N LEU S 113 18.63 41.37 5.57
CA LEU S 113 18.27 40.04 6.06
C LEU S 113 19.01 39.71 7.34
N CYS S 114 20.31 40.02 7.39
CA CYS S 114 21.07 39.78 8.62
C CYS S 114 20.51 40.57 9.79
N ALA S 115 20.16 41.83 9.56
CA ALA S 115 19.67 42.67 10.65
C ALA S 115 18.32 42.17 11.15
N ILE S 116 17.43 41.80 10.25
CA ILE S 116 16.15 41.24 10.67
C ILE S 116 16.36 39.94 11.41
N HIS S 117 17.41 39.21 11.06
CA HIS S 117 17.74 37.98 11.78
C HIS S 117 17.96 38.27 13.27
N ALA S 118 18.64 39.35 13.59
CA ALA S 118 18.90 39.70 14.98
C ALA S 118 17.73 40.40 15.65
N LYS S 119 16.53 40.28 15.08
CA LYS S 119 15.31 40.86 15.66
C LYS S 119 15.46 42.36 15.88
N ARG S 120 16.03 43.04 14.89
CA ARG S 120 16.11 44.48 14.86
C ARG S 120 15.55 44.98 13.54
N VAL S 121 15.58 46.30 13.36
CA VAL S 121 15.14 46.89 12.10
C VAL S 121 16.27 47.77 11.58
N THR S 122 17.11 48.24 12.47
CA THR S 122 18.27 49.02 12.07
C THR S 122 19.36 48.12 11.52
N ILE S 123 20.04 48.58 10.48
CA ILE S 123 21.24 47.90 10.01
C ILE S 123 22.45 48.61 10.60
N MET S 124 23.48 47.86 10.93
CA MET S 124 24.64 48.37 11.65
C MET S 124 25.90 47.88 10.98
N PRO S 125 27.04 48.52 11.24
CA PRO S 125 28.28 48.05 10.62
C PRO S 125 28.59 46.60 10.89
N LYS S 126 28.23 46.06 12.05
CA LYS S 126 28.46 44.63 12.24
C LYS S 126 27.58 43.81 11.31
N ASP S 127 26.39 44.32 10.95
CA ASP S 127 25.56 43.62 9.98
C ASP S 127 26.25 43.54 8.62
N ILE S 128 26.80 44.65 8.15
CA ILE S 128 27.49 44.65 6.86
C ILE S 128 28.70 43.73 6.91
N GLN S 129 29.48 43.81 7.99
CA GLN S 129 30.67 42.97 8.08
C GLN S 129 30.30 41.50 8.10
N LEU S 130 29.22 41.13 8.80
CA LEU S 130 28.79 39.74 8.78
C LEU S 130 28.33 39.31 7.39
N ALA S 131 27.55 40.15 6.71
CA ALA S 131 27.08 39.77 5.38
C ALA S 131 28.25 39.53 4.45
N ARG S 132 29.23 40.43 4.47
CA ARG S 132 30.40 40.22 3.63
C ARG S 132 31.16 38.98 4.04
N ARG S 133 31.33 38.75 5.34
CA ARG S 133 32.15 37.63 5.76
C ARG S 133 31.51 36.30 5.39
N ILE S 134 30.18 36.23 5.42
CA ILE S 134 29.53 35.00 4.97
C ILE S 134 29.63 34.86 3.46
N ARG S 135 29.47 35.95 2.73
CA ARG S 135 29.51 35.85 1.27
C ARG S 135 30.86 35.37 0.79
N GLY S 136 31.89 35.49 1.62
CA GLY S 136 33.22 35.07 1.26
C GLY S 136 34.09 36.14 0.67
N GLU S 137 33.66 37.40 0.72
CA GLU S 137 34.47 38.48 0.15
C GLU S 137 35.59 38.90 1.10
N ARG S 138 35.60 38.39 2.32
CA ARG S 138 36.66 38.75 3.26
C ARG S 138 36.92 37.62 4.26
N LYS T 24 45.00 68.44 -12.78
CA LYS T 24 44.98 68.55 -11.34
C LYS T 24 45.09 67.18 -10.69
N VAL T 25 45.83 67.10 -9.59
CA VAL T 25 45.92 65.86 -8.83
C VAL T 25 44.66 65.73 -7.98
N LEU T 26 43.96 64.61 -8.13
CA LEU T 26 42.66 64.40 -7.52
C LEU T 26 42.83 63.62 -6.23
N ARG T 27 42.35 64.19 -5.13
CA ARG T 27 42.46 63.56 -3.82
C ARG T 27 41.13 63.71 -3.07
N ASP T 28 40.89 62.77 -2.16
CA ASP T 28 39.77 62.85 -1.22
C ASP T 28 38.44 63.11 -1.94
N ASN T 29 38.24 62.42 -3.06
CA ASN T 29 36.95 62.48 -3.74
C ASN T 29 35.99 61.44 -3.22
N ILE T 30 36.44 60.54 -2.34
CA ILE T 30 35.57 59.52 -1.80
C ILE T 30 34.41 60.14 -1.04
N GLN T 31 34.59 61.36 -0.54
CA GLN T 31 33.46 62.08 0.04
C GLN T 31 32.40 62.42 -0.99
N GLY T 32 32.70 62.29 -2.29
CA GLY T 32 31.70 62.54 -3.30
C GLY T 32 30.49 61.65 -3.20
N ILE T 33 30.66 60.42 -2.73
CA ILE T 33 29.53 59.54 -2.46
C ILE T 33 28.83 60.16 -1.25
N THR T 34 27.84 60.99 -1.51
CA THR T 34 27.18 61.73 -0.45
C THR T 34 26.38 60.78 0.44
N LYS T 35 26.13 61.23 1.66
CA LYS T 35 25.31 60.44 2.57
C LYS T 35 23.91 60.16 2.04
N PRO T 36 23.16 61.13 1.49
CA PRO T 36 21.87 60.79 0.91
C PRO T 36 21.96 59.79 -0.23
N ALA T 37 23.08 59.75 -0.95
CA ALA T 37 23.21 58.75 -2.01
C ALA T 37 23.19 57.34 -1.44
N ILE T 38 23.95 57.10 -0.37
CA ILE T 38 23.91 55.79 0.27
C ILE T 38 22.53 55.55 0.87
N ARG T 39 21.89 56.61 1.35
CA ARG T 39 20.53 56.44 1.85
C ARG T 39 19.61 55.94 0.76
N ARG T 40 19.67 56.53 -0.43
CA ARG T 40 18.81 56.09 -1.53
C ARG T 40 19.15 54.67 -1.93
N LEU T 41 20.44 54.34 -2.01
CA LEU T 41 20.84 52.98 -2.34
C LEU T 41 20.21 51.98 -1.39
N ALA T 42 20.33 52.22 -0.08
CA ALA T 42 19.72 51.31 0.87
C ALA T 42 18.21 51.28 0.73
N ARG T 43 17.58 52.43 0.54
CA ARG T 43 16.14 52.46 0.38
C ARG T 43 15.69 51.58 -0.77
N ARG T 44 16.50 51.51 -1.83
CA ARG T 44 16.15 50.59 -2.90
C ARG T 44 16.21 49.15 -2.42
N GLY T 45 17.16 48.83 -1.57
CA GLY T 45 17.33 47.45 -1.22
C GLY T 45 16.31 46.90 -0.25
N GLY T 46 15.41 47.73 0.24
CA GLY T 46 14.44 47.28 1.22
C GLY T 46 14.79 47.58 2.65
N VAL T 47 15.84 48.36 2.89
CA VAL T 47 16.22 48.74 4.25
C VAL T 47 15.33 49.89 4.71
N LYS T 48 14.93 49.85 5.98
CA LYS T 48 14.05 50.89 6.50
C LYS T 48 14.73 51.83 7.48
N ARG T 49 15.58 51.32 8.36
CA ARG T 49 16.24 52.16 9.36
C ARG T 49 17.74 51.98 9.29
N ILE T 50 18.45 53.08 9.08
CA ILE T 50 19.89 53.05 8.80
C ILE T 50 20.62 53.64 9.99
N SER T 51 21.69 52.99 10.41
CA SER T 51 22.50 53.53 11.49
C SER T 51 23.27 54.75 11.02
N GLY T 52 24.08 55.30 11.91
CA GLY T 52 24.84 56.48 11.60
C GLY T 52 26.27 56.18 11.23
N LEU T 53 26.74 54.99 11.58
CA LEU T 53 28.09 54.56 11.23
C LEU T 53 28.12 53.76 9.94
N ILE T 54 26.98 53.56 9.30
CA ILE T 54 26.94 52.80 8.06
C ILE T 54 27.72 53.52 6.98
N TYR T 55 27.78 54.85 7.06
CA TYR T 55 28.27 55.62 5.94
C TYR T 55 29.76 55.41 5.69
N GLU T 56 30.57 55.47 6.75
CA GLU T 56 32.00 55.24 6.57
C GLU T 56 32.26 53.81 6.11
N GLU T 57 31.55 52.85 6.69
CA GLU T 57 31.75 51.46 6.32
C GLU T 57 31.41 51.22 4.85
N THR T 58 30.29 51.77 4.40
CA THR T 58 29.91 51.58 3.01
C THR T 58 30.89 52.28 2.07
N ARG T 59 31.38 53.45 2.44
CA ARG T 59 32.40 54.08 1.61
C ARG T 59 33.64 53.22 1.52
N GLY T 60 34.05 52.59 2.63
CA GLY T 60 35.19 51.70 2.58
C GLY T 60 34.96 50.51 1.66
N VAL T 61 33.78 49.89 1.77
CA VAL T 61 33.48 48.74 0.93
C VAL T 61 33.48 49.12 -0.54
N LEU T 62 32.87 50.26 -0.86
CA LEU T 62 32.83 50.71 -2.24
C LEU T 62 34.22 51.00 -2.77
N LYS T 63 35.06 51.61 -1.96
CA LYS T 63 36.43 51.87 -2.37
C LYS T 63 37.17 50.58 -2.69
N VAL T 64 37.02 49.57 -1.84
CA VAL T 64 37.70 48.31 -2.08
C VAL T 64 37.21 47.66 -3.36
N PHE T 65 35.90 47.65 -3.57
CA PHE T 65 35.36 47.02 -4.78
C PHE T 65 35.83 47.74 -6.03
N LEU T 66 35.83 49.07 -6.00
CA LEU T 66 36.29 49.81 -7.16
C LEU T 66 37.76 49.56 -7.43
N GLU T 67 38.57 49.48 -6.39
CA GLU T 67 39.97 49.13 -6.64
C GLU T 67 40.08 47.78 -7.32
N ASN T 68 39.32 46.79 -6.85
CA ASN T 68 39.40 45.48 -7.46
C ASN T 68 38.99 45.48 -8.92
N VAL T 69 37.91 46.18 -9.28
CA VAL T 69 37.49 46.19 -10.67
C VAL T 69 38.46 46.96 -11.54
N ILE T 70 38.92 48.12 -11.08
CA ILE T 70 39.72 48.98 -11.94
C ILE T 70 41.12 48.41 -12.10
N ARG T 71 41.62 47.65 -11.12
CA ARG T 71 42.92 47.02 -11.34
C ARG T 71 42.89 46.12 -12.55
N ASP T 72 41.88 45.25 -12.65
CA ASP T 72 41.79 44.35 -13.78
C ASP T 72 41.50 45.11 -15.06
N ALA T 73 40.65 46.12 -15.01
CA ALA T 73 40.37 46.89 -16.22
C ALA T 73 41.64 47.54 -16.75
N VAL T 74 42.41 48.16 -15.86
CA VAL T 74 43.65 48.82 -16.27
C VAL T 74 44.64 47.79 -16.78
N THR T 75 44.66 46.60 -16.17
CA THR T 75 45.58 45.58 -16.65
C THR T 75 45.26 45.16 -18.07
N TYR T 76 44.00 44.87 -18.33
CA TYR T 76 43.60 44.54 -19.71
C TYR T 76 43.98 45.67 -20.65
N THR T 77 43.72 46.92 -20.26
CA THR T 77 44.02 48.05 -21.13
C THR T 77 45.51 48.16 -21.42
N GLU T 78 46.35 48.06 -20.38
CA GLU T 78 47.79 48.13 -20.59
C GLU T 78 48.27 47.01 -21.48
N HIS T 79 47.61 45.85 -21.43
CA HIS T 79 48.07 44.75 -22.25
C HIS T 79 47.94 45.06 -23.73
N ALA T 80 46.83 45.64 -24.15
CA ALA T 80 46.64 45.94 -25.56
C ALA T 80 47.42 47.16 -26.01
N LYS T 81 48.24 47.73 -25.14
CA LYS T 81 49.04 48.92 -25.46
C LYS T 81 48.14 50.08 -25.88
N ARG T 82 47.16 50.37 -25.04
CA ARG T 82 46.26 51.50 -25.23
C ARG T 82 46.30 52.38 -23.99
N LYS T 83 45.86 53.63 -24.15
CA LYS T 83 45.72 54.53 -23.02
C LYS T 83 44.26 54.88 -22.74
N THR T 84 43.32 54.09 -23.23
CA THR T 84 41.90 54.34 -23.03
C THR T 84 41.24 53.10 -22.45
N VAL T 85 40.55 53.26 -21.33
CA VAL T 85 39.88 52.15 -20.66
C VAL T 85 38.50 52.00 -21.28
N THR T 86 38.39 51.16 -22.30
CA THR T 86 37.12 51.04 -23.00
C THR T 86 36.08 50.36 -22.10
N ALA T 87 34.84 50.37 -22.57
CA ALA T 87 33.77 49.70 -21.83
C ALA T 87 33.97 48.20 -21.81
N MET T 88 34.51 47.64 -22.89
CA MET T 88 34.73 46.21 -22.93
C MET T 88 35.72 45.75 -21.89
N ASP T 89 36.75 46.56 -21.59
CA ASP T 89 37.67 46.16 -20.55
C ASP T 89 36.96 46.04 -19.21
N VAL T 90 36.09 46.99 -18.89
CA VAL T 90 35.38 46.93 -17.63
C VAL T 90 34.40 45.75 -17.62
N VAL T 91 33.74 45.49 -18.75
CA VAL T 91 32.84 44.35 -18.79
C VAL T 91 33.60 43.05 -18.56
N TYR T 92 34.79 42.94 -19.13
CA TYR T 92 35.60 41.74 -18.93
C TYR T 92 36.09 41.63 -17.50
N ALA T 93 36.51 42.75 -16.91
CA ALA T 93 36.98 42.71 -15.53
C ALA T 93 35.86 42.27 -14.60
N LEU T 94 34.64 42.75 -14.84
CA LEU T 94 33.51 42.25 -14.07
C LEU T 94 33.27 40.77 -14.34
N LYS T 95 33.32 40.35 -15.60
CA LYS T 95 33.08 38.96 -15.96
C LYS T 95 34.03 38.03 -15.26
N ARG T 96 35.24 38.51 -14.94
CA ARG T 96 36.17 37.68 -14.19
C ARG T 96 35.71 37.48 -12.75
N GLN T 97 35.17 38.52 -12.12
CA GLN T 97 34.82 38.43 -10.72
C GLN T 97 33.46 37.81 -10.47
N GLY T 98 32.87 37.16 -11.47
CA GLY T 98 31.63 36.46 -11.25
C GLY T 98 30.39 37.31 -11.26
N ARG T 99 30.49 38.57 -11.65
CA ARG T 99 29.32 39.44 -11.81
C ARG T 99 29.28 39.87 -13.27
N THR T 100 28.66 39.06 -14.12
CA THR T 100 28.54 39.43 -15.51
C THR T 100 27.65 40.65 -15.63
N LEU T 101 27.95 41.50 -16.60
CA LEU T 101 27.16 42.69 -16.84
C LEU T 101 26.61 42.61 -18.26
N TYR T 102 25.29 42.49 -18.37
CA TYR T 102 24.63 42.51 -19.66
C TYR T 102 24.28 43.94 -20.03
N GLY T 103 24.48 44.29 -21.29
CA GLY T 103 23.99 45.54 -21.82
C GLY T 103 25.05 46.47 -22.37
N PHE T 104 26.30 46.33 -21.98
CA PHE T 104 27.35 47.21 -22.47
C PHE T 104 28.27 46.52 -23.47
N GLY T 105 28.10 45.23 -23.69
CA GLY T 105 29.03 44.52 -24.53
C GLY T 105 29.08 44.96 -25.97
N GLY T 106 28.08 45.71 -26.42
CA GLY T 106 28.05 46.19 -27.79
C GLY T 106 27.10 45.43 -28.70
N LYS U 19 71.93 20.27 -21.77
CA LYS U 19 71.57 21.10 -22.92
C LYS U 19 70.05 21.18 -23.10
N THR U 20 69.33 21.23 -21.98
CA THR U 20 67.89 21.31 -21.98
C THR U 20 67.44 22.74 -21.76
N ARG U 21 66.24 23.07 -22.26
CA ARG U 21 65.74 24.43 -22.10
C ARG U 21 65.58 24.79 -20.63
N SER U 22 65.16 23.85 -19.80
CA SER U 22 65.11 24.11 -18.37
C SER U 22 66.50 24.41 -17.82
N SER U 23 67.52 23.73 -18.34
CA SER U 23 68.88 24.05 -17.93
C SER U 23 69.29 25.43 -18.41
N ARG U 24 68.90 25.81 -19.64
CA ARG U 24 69.24 27.14 -20.13
C ARG U 24 68.65 28.21 -19.25
N ALA U 25 67.37 28.09 -18.91
CA ALA U 25 66.71 29.11 -18.12
C ALA U 25 67.00 29.00 -16.62
N GLY U 26 67.79 28.02 -16.22
CA GLY U 26 68.09 27.85 -14.80
C GLY U 26 66.88 27.49 -13.97
N LEU U 27 65.87 26.90 -14.58
CA LEU U 27 64.66 26.50 -13.90
C LEU U 27 64.79 25.07 -13.43
N GLN U 28 63.85 24.65 -12.60
CA GLN U 28 63.79 23.25 -12.18
C GLN U 28 62.66 22.50 -12.86
N PHE U 29 61.55 23.18 -13.15
CA PHE U 29 60.44 22.53 -13.81
C PHE U 29 60.77 22.25 -15.28
N PRO U 30 60.08 21.31 -15.91
CA PRO U 30 60.39 20.96 -17.31
C PRO U 30 59.73 21.94 -18.26
N VAL U 31 60.56 22.69 -18.99
CA VAL U 31 60.01 23.61 -19.97
C VAL U 31 59.38 22.84 -21.12
N GLY U 32 60.00 21.74 -21.52
CA GLY U 32 59.48 20.99 -22.64
C GLY U 32 58.08 20.46 -22.40
N ARG U 33 57.83 19.91 -21.22
CA ARG U 33 56.50 19.36 -20.95
C ARG U 33 55.46 20.45 -20.89
N VAL U 34 55.81 21.62 -20.34
CA VAL U 34 54.87 22.72 -20.30
C VAL U 34 54.53 23.20 -21.71
N HIS U 35 55.53 23.30 -22.58
CA HIS U 35 55.25 23.67 -23.96
C HIS U 35 54.35 22.63 -24.61
N ARG U 36 54.63 21.36 -24.38
CA ARG U 36 53.81 20.31 -24.97
C ARG U 36 52.38 20.42 -24.49
N LEU U 37 52.18 20.72 -23.21
CA LEU U 37 50.83 20.90 -22.69
C LEU U 37 50.13 22.09 -23.32
N LEU U 38 50.85 23.21 -23.48
CA LEU U 38 50.21 24.36 -24.11
C LEU U 38 49.79 24.03 -25.53
N ARG U 39 50.59 23.25 -26.24
CA ARG U 39 50.21 22.88 -27.60
C ARG U 39 49.02 21.92 -27.60
N LYS U 40 49.05 20.90 -26.75
CA LYS U 40 48.04 19.85 -26.80
C LYS U 40 46.70 20.26 -26.21
N GLY U 41 46.65 21.33 -25.43
CA GLY U 41 45.40 21.68 -24.79
C GLY U 41 44.47 22.54 -25.60
N ASN U 42 44.90 22.99 -26.79
CA ASN U 42 44.14 23.95 -27.57
C ASN U 42 43.83 25.20 -26.76
N TYR U 43 44.90 25.88 -26.35
CA TYR U 43 44.79 27.19 -25.72
C TYR U 43 45.01 28.33 -26.68
N SER U 44 45.63 28.07 -27.83
CA SER U 44 45.71 29.04 -28.91
C SER U 44 46.26 28.33 -30.14
N GLU U 45 46.22 29.04 -31.26
CA GLU U 45 46.73 28.44 -32.50
C GLU U 45 48.24 28.23 -32.43
N ARG U 46 48.98 29.23 -31.98
CA ARG U 46 50.43 29.16 -31.96
C ARG U 46 50.95 29.61 -30.61
N VAL U 47 51.98 28.93 -30.12
CA VAL U 47 52.56 29.22 -28.81
C VAL U 47 53.95 29.79 -28.99
N GLY U 48 54.17 30.98 -28.46
CA GLY U 48 55.45 31.65 -28.61
C GLY U 48 56.54 30.91 -27.87
N ALA U 49 57.77 31.29 -28.19
CA ALA U 49 58.92 30.55 -27.69
C ALA U 49 59.17 30.83 -26.22
N GLY U 50 59.00 32.06 -25.78
CA GLY U 50 59.27 32.39 -24.40
C GLY U 50 58.17 32.05 -23.42
N ALA U 51 56.97 31.76 -23.92
CA ALA U 51 55.84 31.47 -23.04
C ALA U 51 56.06 30.24 -22.18
N PRO U 52 56.48 29.10 -22.70
CA PRO U 52 56.68 27.96 -21.79
C PRO U 52 57.73 28.23 -20.74
N VAL U 53 58.79 28.96 -21.08
CA VAL U 53 59.82 29.27 -20.09
C VAL U 53 59.24 30.13 -18.98
N TYR U 54 58.51 31.18 -19.37
CA TYR U 54 57.91 32.04 -18.34
C TYR U 54 56.95 31.25 -17.48
N LEU U 55 56.15 30.40 -18.09
CA LEU U 55 55.15 29.65 -17.34
C LEU U 55 55.81 28.69 -16.37
N ALA U 56 56.87 28.01 -16.80
CA ALA U 56 57.58 27.10 -15.91
C ALA U 56 58.21 27.87 -14.75
N ALA U 57 58.77 29.05 -15.02
CA ALA U 57 59.32 29.85 -13.92
C ALA U 57 58.24 30.21 -12.92
N VAL U 58 57.07 30.63 -13.39
CA VAL U 58 56.01 31.01 -12.47
C VAL U 58 55.57 29.82 -11.64
N LEU U 59 55.39 28.67 -12.26
CA LEU U 59 54.99 27.50 -11.51
C LEU U 59 56.03 27.13 -10.47
N GLU U 60 57.31 27.20 -10.85
CA GLU U 60 58.35 26.89 -9.88
C GLU U 60 58.29 27.84 -8.70
N TYR U 61 58.10 29.13 -8.95
CA TYR U 61 58.07 30.06 -7.83
C TYR U 61 56.89 29.80 -6.92
N LEU U 62 55.71 29.53 -7.48
CA LEU U 62 54.56 29.28 -6.62
C LEU U 62 54.75 28.02 -5.78
N THR U 63 55.26 26.95 -6.40
CA THR U 63 55.51 25.74 -5.64
C THR U 63 56.55 25.98 -4.56
N ALA U 64 57.59 26.75 -4.86
CA ALA U 64 58.60 27.04 -3.85
C ALA U 64 58.00 27.80 -2.69
N GLU U 65 57.12 28.76 -2.98
CA GLU U 65 56.48 29.52 -1.90
C GLU U 65 55.68 28.60 -0.99
N ILE U 66 54.82 27.78 -1.59
CA ILE U 66 53.99 26.90 -0.77
C ILE U 66 54.84 25.94 0.04
N LEU U 67 55.87 25.37 -0.58
CA LEU U 67 56.64 24.36 0.14
C LEU U 67 57.52 24.98 1.22
N GLU U 68 58.01 26.20 1.00
CA GLU U 68 58.74 26.87 2.08
C GLU U 68 57.84 27.12 3.27
N LEU U 69 56.62 27.64 3.03
CA LEU U 69 55.72 27.85 4.14
C LEU U 69 55.38 26.54 4.84
N ALA U 70 55.14 25.48 4.07
CA ALA U 70 54.80 24.20 4.67
C ALA U 70 55.97 23.63 5.46
N GLY U 71 57.19 23.77 4.96
CA GLY U 71 58.34 23.30 5.73
C GLY U 71 58.48 24.04 7.04
N ASN U 72 58.27 25.35 7.03
CA ASN U 72 58.27 26.10 8.28
C ASN U 72 57.22 25.57 9.24
N ALA U 73 56.00 25.39 8.75
CA ALA U 73 54.92 24.93 9.63
C ALA U 73 55.14 23.50 10.10
N ALA U 74 55.90 22.71 9.34
CA ALA U 74 56.21 21.35 9.77
C ALA U 74 57.25 21.35 10.86
N ARG U 75 58.31 22.16 10.72
CA ARG U 75 59.28 22.26 11.79
C ARG U 75 58.70 22.91 13.03
N ASP U 76 57.62 23.69 12.88
CA ASP U 76 57.02 24.32 14.05
C ASP U 76 56.22 23.35 14.92
N ASN U 77 56.05 22.09 14.51
CA ASN U 77 55.44 21.10 15.38
C ASN U 77 56.25 19.81 15.42
N LYS U 78 57.56 19.91 15.18
CA LYS U 78 58.53 18.86 15.51
C LYS U 78 58.35 17.60 14.66
N LYS U 79 58.25 17.77 13.35
CA LYS U 79 58.28 16.65 12.42
C LYS U 79 59.09 17.02 11.19
N THR U 80 59.65 16.01 10.52
CA THR U 80 60.52 16.22 9.36
C THR U 80 59.87 15.79 8.05
N ARG U 81 58.55 15.62 8.01
CA ARG U 81 57.87 15.25 6.77
C ARG U 81 56.59 16.06 6.62
N ILE U 82 56.21 16.33 5.38
CA ILE U 82 55.06 17.17 5.11
C ILE U 82 53.87 16.29 4.77
N ILE U 83 52.76 16.49 5.49
CA ILE U 83 51.52 15.78 5.23
C ILE U 83 50.40 16.81 5.02
N PRO U 84 49.32 16.45 4.34
CA PRO U 84 48.34 17.46 3.91
C PRO U 84 47.87 18.41 4.99
N ARG U 85 47.88 18.00 6.25
CA ARG U 85 47.57 18.94 7.31
C ARG U 85 48.53 20.12 7.30
N HIS U 86 49.81 19.85 7.06
CA HIS U 86 50.79 20.93 6.98
C HIS U 86 50.49 21.87 5.83
N LEU U 87 50.13 21.32 4.66
CA LEU U 87 49.80 22.18 3.54
C LEU U 87 48.58 23.03 3.85
N GLN U 88 47.58 22.45 4.51
CA GLN U 88 46.42 23.23 4.91
C GLN U 88 46.81 24.37 5.83
N LEU U 89 47.68 24.09 6.81
CA LEU U 89 48.10 25.17 7.72
C LEU U 89 48.85 26.26 6.98
N ALA U 90 49.80 25.88 6.12
CA ALA U 90 50.58 26.87 5.41
C ALA U 90 49.71 27.69 4.48
N ILE U 91 48.73 27.06 3.84
CA ILE U 91 47.87 27.77 2.90
C ILE U 91 46.95 28.72 3.65
N ARG U 92 46.30 28.25 4.71
CA ARG U 92 45.31 29.11 5.36
C ARG U 92 45.95 30.14 6.27
N ASN U 93 47.22 30.00 6.59
CA ASN U 93 47.84 30.96 7.50
C ASN U 93 48.52 32.12 6.79
N ASP U 94 48.46 32.20 5.47
CA ASP U 94 49.03 33.30 4.72
C ASP U 94 47.94 33.99 3.91
N GLU U 95 47.88 35.32 3.98
CA GLU U 95 46.76 36.04 3.39
C GLU U 95 46.70 35.85 1.89
N GLU U 96 47.83 36.09 1.20
CA GLU U 96 47.81 36.05 -0.26
C GLU U 96 47.49 34.66 -0.78
N LEU U 97 48.17 33.63 -0.27
CA LEU U 97 47.90 32.29 -0.74
C LEU U 97 46.48 31.87 -0.42
N ASN U 98 45.96 32.26 0.74
CA ASN U 98 44.58 31.94 1.05
C ASN U 98 43.63 32.58 0.05
N LYS U 99 43.91 33.82 -0.34
CA LYS U 99 43.07 34.45 -1.36
C LYS U 99 43.16 33.70 -2.67
N LEU U 100 44.35 33.22 -3.03
CA LEU U 100 44.51 32.52 -4.31
C LEU U 100 43.75 31.21 -4.32
N LEU U 101 43.71 30.51 -3.18
CA LEU U 101 43.09 29.19 -3.11
C LEU U 101 41.84 29.25 -2.24
N GLY U 102 40.99 30.24 -2.47
CA GLY U 102 39.86 30.47 -1.59
C GLY U 102 38.78 29.43 -1.65
N ARG U 103 38.62 28.75 -2.78
CA ARG U 103 37.51 27.82 -2.97
C ARG U 103 37.95 26.37 -2.94
N VAL U 104 39.23 26.10 -2.71
CA VAL U 104 39.80 24.78 -2.91
C VAL U 104 39.72 24.00 -1.61
N THR U 105 39.17 22.80 -1.68
CA THR U 105 39.11 21.89 -0.55
C THR U 105 40.27 20.91 -0.65
N ILE U 106 41.05 20.80 0.42
CA ILE U 106 42.21 19.93 0.46
C ILE U 106 41.84 18.67 1.21
N ALA U 107 42.03 17.52 0.56
CA ALA U 107 41.71 16.26 1.21
C ALA U 107 42.57 16.07 2.44
N GLN U 108 42.00 15.50 3.49
CA GLN U 108 42.68 15.29 4.77
C GLN U 108 43.22 16.58 5.35
N GLY U 109 42.42 17.64 5.37
CA GLY U 109 42.95 18.92 5.78
C GLY U 109 42.55 19.38 7.16
N GLY U 110 41.33 19.07 7.57
CA GLY U 110 40.89 19.68 8.80
C GLY U 110 40.66 21.16 8.59
N VAL U 111 40.73 21.91 9.68
CA VAL U 111 40.57 23.36 9.62
C VAL U 111 41.63 24.02 10.49
N LEU U 112 41.76 25.33 10.31
CA LEU U 112 42.62 26.12 11.17
C LEU U 112 42.04 26.14 12.58
N PRO U 113 42.85 25.90 13.61
CA PRO U 113 42.34 25.98 14.98
C PRO U 113 41.91 27.40 15.31
N ASN U 114 40.60 27.58 15.49
CA ASN U 114 40.04 28.90 15.73
C ASN U 114 38.70 28.76 16.43
N ILE U 115 38.58 29.35 17.61
CA ILE U 115 37.34 29.38 18.38
C ILE U 115 36.97 30.82 18.61
N GLN U 116 35.68 31.13 18.44
CA GLN U 116 35.21 32.49 18.64
C GLN U 116 35.45 32.92 20.09
N ALA U 117 35.77 34.20 20.26
CA ALA U 117 36.10 34.70 21.60
C ALA U 117 34.92 34.60 22.55
N VAL U 118 33.70 34.79 22.05
CA VAL U 118 32.53 34.78 22.92
C VAL U 118 32.31 33.40 23.51
N LEU U 119 32.60 32.34 22.74
CA LEU U 119 32.43 30.99 23.26
C LEU U 119 33.37 30.68 24.42
N LEU U 120 34.56 31.27 24.43
CA LEU U 120 35.50 31.00 25.51
C LEU U 120 34.91 31.47 26.84
N PRO U 121 35.05 30.67 27.90
CA PRO U 121 34.51 31.08 29.20
C PRO U 121 35.18 32.34 29.73
N LYS U 122 34.39 33.14 30.45
CA LYS U 122 34.86 34.38 31.07
C LYS U 122 35.47 35.34 30.04
N LYS V 38 50.47 7.95 -15.30
CA LYS V 38 50.94 8.49 -16.58
C LYS V 38 52.15 9.38 -16.36
N GLU V 39 51.95 10.69 -16.48
CA GLU V 39 52.99 11.68 -16.29
C GLU V 39 52.56 12.74 -15.30
N SER V 40 53.47 13.09 -14.39
CA SER V 40 53.17 14.02 -13.31
C SER V 40 54.41 14.83 -13.02
N TYR V 41 54.33 15.65 -11.97
CA TYR V 41 55.40 16.55 -11.59
C TYR V 41 56.06 16.13 -10.28
N SER V 42 56.08 14.83 -10.00
CA SER V 42 56.58 14.35 -8.71
C SER V 42 58.05 14.69 -8.53
N ILE V 43 58.89 14.32 -9.49
CA ILE V 43 60.32 14.51 -9.31
C ILE V 43 60.67 15.99 -9.28
N TYR V 44 59.95 16.81 -10.05
CA TYR V 44 60.25 18.24 -10.05
C TYR V 44 59.90 18.87 -8.71
N VAL V 45 58.75 18.52 -8.16
CA VAL V 45 58.38 19.01 -6.83
C VAL V 45 59.42 18.56 -5.82
N TYR V 46 59.89 17.32 -5.95
CA TYR V 46 60.88 16.82 -5.01
C TYR V 46 62.19 17.60 -5.11
N LYS V 47 62.63 17.89 -6.34
CA LYS V 47 63.86 18.66 -6.51
C LYS V 47 63.73 20.04 -5.89
N VAL V 48 62.60 20.71 -6.12
CA VAL V 48 62.41 22.03 -5.55
C VAL V 48 62.42 21.96 -4.02
N LEU V 49 61.76 20.94 -3.47
CA LEU V 49 61.72 20.79 -2.02
C LEU V 49 63.12 20.61 -1.47
N LYS V 50 63.95 19.80 -2.13
CA LYS V 50 65.34 19.69 -1.71
C LYS V 50 66.09 21.01 -1.85
N GLN V 51 65.70 21.83 -2.82
CA GLN V 51 66.40 23.10 -3.01
C GLN V 51 66.08 24.08 -1.89
N VAL V 52 64.87 24.06 -1.36
CA VAL V 52 64.52 25.03 -0.32
C VAL V 52 64.73 24.47 1.08
N HIS V 53 64.33 23.21 1.33
CA HIS V 53 64.52 22.58 2.64
C HIS V 53 65.38 21.34 2.46
N PRO V 54 66.69 21.43 2.66
CA PRO V 54 67.56 20.31 2.29
C PRO V 54 67.33 19.04 3.07
N ASP V 55 66.68 19.10 4.24
CA ASP V 55 66.56 17.94 5.10
C ASP V 55 65.11 17.58 5.42
N THR V 56 64.19 17.80 4.50
CA THR V 56 62.78 17.49 4.72
C THR V 56 62.28 16.52 3.67
N GLY V 57 61.43 15.58 4.08
CA GLY V 57 60.78 14.67 3.17
C GLY V 57 59.31 15.00 3.01
N ILE V 58 58.71 14.41 1.99
CA ILE V 58 57.33 14.69 1.64
C ILE V 58 56.61 13.37 1.35
N SER V 59 55.48 13.16 2.02
CA SER V 59 54.80 11.87 1.90
C SER V 59 54.15 11.75 0.53
N SER V 60 53.48 10.61 0.32
CA SER V 60 52.88 10.36 -0.98
C SER V 60 51.65 11.22 -1.21
N LYS V 61 50.77 11.32 -0.22
CA LYS V 61 49.55 12.08 -0.41
C LYS V 61 49.82 13.56 -0.59
N ALA V 62 50.79 14.11 0.14
CA ALA V 62 51.17 15.50 -0.09
C ALA V 62 51.72 15.68 -1.50
N MET V 63 52.46 14.71 -2.01
CA MET V 63 52.93 14.80 -3.39
C MET V 63 51.77 14.81 -4.35
N GLY V 64 50.75 13.99 -4.10
CA GLY V 64 49.57 14.03 -4.94
C GLY V 64 48.88 15.38 -4.90
N ILE V 65 48.79 15.98 -3.71
CA ILE V 65 48.18 17.28 -3.60
C ILE V 65 48.97 18.32 -4.38
N MET V 66 50.30 18.28 -4.29
CA MET V 66 51.10 19.26 -5.02
C MET V 66 51.00 19.04 -6.53
N ASN V 67 50.91 17.79 -6.97
CA ASN V 67 50.66 17.55 -8.39
C ASN V 67 49.36 18.20 -8.82
N SER V 68 48.29 18.00 -8.05
CA SER V 68 47.02 18.59 -8.41
C SER V 68 47.10 20.11 -8.38
N PHE V 69 47.82 20.67 -7.43
CA PHE V 69 47.93 22.12 -7.34
C PHE V 69 48.67 22.70 -8.54
N VAL V 70 49.76 22.06 -8.95
CA VAL V 70 50.49 22.56 -10.11
C VAL V 70 49.62 22.49 -11.35
N ASN V 71 48.90 21.37 -11.53
CA ASN V 71 48.01 21.29 -12.67
C ASN V 71 46.94 22.36 -12.62
N ASP V 72 46.40 22.61 -11.43
CA ASP V 72 45.33 23.61 -11.29
C ASP V 72 45.82 24.99 -11.68
N ILE V 73 46.96 25.40 -11.15
CA ILE V 73 47.45 26.73 -11.46
C ILE V 73 47.82 26.84 -12.93
N PHE V 74 48.38 25.77 -13.49
CA PHE V 74 48.70 25.80 -14.91
C PHE V 74 47.44 25.98 -15.74
N GLU V 75 46.36 25.29 -15.40
CA GLU V 75 45.13 25.43 -16.16
C GLU V 75 44.56 26.84 -16.03
N ARG V 76 44.60 27.42 -14.82
CA ARG V 76 44.11 28.78 -14.67
C ARG V 76 44.91 29.75 -15.54
N ILE V 77 46.24 29.66 -15.48
CA ILE V 77 47.07 30.61 -16.22
C ILE V 77 46.91 30.42 -17.71
N ALA V 78 46.90 29.18 -18.19
CA ALA V 78 46.72 28.96 -19.61
C ALA V 78 45.37 29.45 -20.08
N GLY V 79 44.32 29.20 -19.29
CA GLY V 79 43.00 29.66 -19.68
C GLY V 79 42.94 31.16 -19.79
N GLU V 80 43.56 31.86 -18.83
CA GLU V 80 43.58 33.31 -18.92
C GLU V 80 44.38 33.78 -20.12
N ALA V 81 45.49 33.12 -20.42
CA ALA V 81 46.25 33.49 -21.61
C ALA V 81 45.42 33.29 -22.87
N SER V 82 44.66 32.20 -22.93
CA SER V 82 43.81 31.96 -24.09
C SER V 82 42.79 33.07 -24.25
N ARG V 83 42.04 33.36 -23.19
CA ARG V 83 41.04 34.40 -23.27
C ARG V 83 41.67 35.73 -23.67
N LEU V 84 42.84 36.03 -23.12
CA LEU V 84 43.43 37.33 -23.36
C LEU V 84 43.95 37.47 -24.78
N ALA V 85 44.61 36.44 -25.30
CA ALA V 85 45.06 36.51 -26.68
C ALA V 85 43.87 36.54 -27.62
N HIS V 86 42.75 35.97 -27.20
CA HIS V 86 41.57 36.00 -28.06
C HIS V 86 40.88 37.37 -28.05
N TYR V 87 40.93 38.10 -26.92
CA TYR V 87 40.29 39.42 -26.92
C TYR V 87 40.95 40.35 -27.91
N ASN V 88 42.28 40.36 -27.96
CA ASN V 88 42.98 41.27 -28.84
C ASN V 88 43.04 40.78 -30.28
N LYS V 89 42.25 39.77 -30.62
CA LYS V 89 42.18 39.22 -31.97
C LYS V 89 43.54 38.71 -32.43
N ARG V 90 44.46 38.55 -31.50
CA ARG V 90 45.74 37.94 -31.78
C ARG V 90 45.56 36.44 -31.87
N SER V 91 46.66 35.72 -32.03
CA SER V 91 46.60 34.27 -32.13
C SER V 91 47.74 33.57 -31.42
N THR V 92 48.69 34.30 -30.83
CA THR V 92 49.91 33.70 -30.34
C THR V 92 50.11 34.05 -28.87
N ILE V 93 50.27 33.03 -28.04
CA ILE V 93 50.50 33.22 -26.61
C ILE V 93 51.99 33.48 -26.43
N THR V 94 52.40 34.72 -26.57
CA THR V 94 53.79 35.07 -26.32
C THR V 94 54.01 35.11 -24.82
N SER V 95 55.19 35.58 -24.40
CA SER V 95 55.40 35.75 -22.97
C SER V 95 54.53 36.86 -22.41
N ARG V 96 54.18 37.84 -23.23
CA ARG V 96 53.41 38.98 -22.73
C ARG V 96 52.06 38.54 -22.21
N GLU V 97 51.37 37.67 -22.93
CA GLU V 97 50.07 37.21 -22.48
C GLU V 97 50.19 36.47 -21.16
N ILE V 98 51.21 35.64 -21.01
CA ILE V 98 51.40 34.94 -19.75
C ILE V 98 51.67 35.93 -18.64
N GLN V 99 52.44 36.98 -18.93
CA GLN V 99 52.72 37.97 -17.91
C GLN V 99 51.44 38.65 -17.44
N THR V 100 50.58 39.02 -18.38
CA THR V 100 49.35 39.69 -17.98
C THR V 100 48.40 38.74 -17.27
N ALA V 101 48.35 37.48 -17.70
CA ALA V 101 47.50 36.52 -17.02
C ALA V 101 47.97 36.30 -15.59
N VAL V 102 49.27 36.22 -15.38
CA VAL V 102 49.80 36.12 -14.04
C VAL V 102 49.44 37.34 -13.22
N ARG V 103 49.58 38.53 -13.82
CA ARG V 103 49.19 39.75 -13.11
C ARG V 103 47.74 39.69 -12.69
N LEU V 104 46.89 39.08 -13.50
CA LEU V 104 45.47 39.03 -13.17
C LEU V 104 45.18 38.03 -12.06
N LEU V 105 45.60 36.78 -12.22
CA LEU V 105 45.19 35.76 -11.27
C LEU V 105 45.86 35.94 -9.91
N LEU V 106 47.15 36.16 -9.89
CA LEU V 106 47.83 36.16 -8.60
C LEU V 106 47.58 37.47 -7.86
N PRO V 107 47.23 37.40 -6.60
CA PRO V 107 46.92 38.62 -5.84
C PRO V 107 48.11 39.16 -5.07
N GLY V 108 48.21 40.49 -4.99
CA GLY V 108 49.17 41.12 -4.12
C GLY V 108 50.62 40.92 -4.49
N GLU V 109 51.49 40.86 -3.48
CA GLU V 109 52.93 40.85 -3.75
C GLU V 109 53.36 39.57 -4.47
N LEU V 110 52.53 38.53 -4.42
CA LEU V 110 52.82 37.33 -5.20
C LEU V 110 52.91 37.67 -6.68
N ALA V 111 52.05 38.57 -7.15
CA ALA V 111 52.12 38.99 -8.56
C ALA V 111 53.47 39.60 -8.87
N LYS V 112 53.93 40.54 -8.05
CA LYS V 112 55.19 41.21 -8.32
C LYS V 112 56.36 40.23 -8.29
N HIS V 113 56.38 39.36 -7.29
CA HIS V 113 57.48 38.39 -7.22
C HIS V 113 57.47 37.45 -8.41
N ALA V 114 56.31 36.92 -8.77
CA ALA V 114 56.25 35.98 -9.89
C ALA V 114 56.62 36.66 -11.19
N VAL V 115 56.18 37.90 -11.40
CA VAL V 115 56.54 38.62 -12.61
C VAL V 115 58.05 38.83 -12.68
N SER V 116 58.66 39.18 -11.55
CA SER V 116 60.12 39.33 -11.52
C SER V 116 60.79 38.02 -11.91
N GLU V 117 60.31 36.91 -11.35
CA GLU V 117 60.91 35.62 -11.67
C GLU V 117 60.78 35.31 -13.15
N GLY V 118 59.60 35.54 -13.71
CA GLY V 118 59.40 35.22 -15.12
C GLY V 118 60.29 36.04 -16.02
N THR V 119 60.37 37.35 -15.77
CA THR V 119 61.19 38.20 -16.63
C THR V 119 62.66 37.82 -16.52
N LYS V 120 63.14 37.56 -15.30
CA LYS V 120 64.53 37.16 -15.15
C LYS V 120 64.81 35.85 -15.87
N ALA V 121 63.91 34.87 -15.74
CA ALA V 121 64.13 33.58 -16.37
C ALA V 121 64.14 33.71 -17.89
N VAL V 122 63.20 34.46 -18.45
CA VAL V 122 63.17 34.63 -19.90
C VAL V 122 64.43 35.34 -20.38
N THR V 123 64.88 36.36 -19.63
CA THR V 123 66.09 37.05 -20.04
C THR V 123 67.29 36.13 -20.03
N LYS V 124 67.43 35.32 -18.98
CA LYS V 124 68.57 34.42 -18.89
C LYS V 124 68.53 33.38 -20.01
N TYR V 125 67.33 32.89 -20.33
CA TYR V 125 67.21 31.94 -21.44
C TYR V 125 67.56 32.59 -22.77
N THR V 126 67.10 33.81 -23.00
CA THR V 126 67.30 34.44 -24.31
C THR V 126 68.76 34.82 -24.53
N SER V 127 69.38 35.46 -23.53
CA SER V 127 70.77 35.85 -23.68
C SER V 127 71.72 34.66 -23.67
N ALA V 128 71.26 33.49 -23.24
CA ALA V 128 72.09 32.30 -23.22
C ALA V 128 71.32 31.09 -23.72
N THR Y 6 -36.12 8.95 48.08
CA THR Y 6 -36.68 10.09 47.38
C THR Y 6 -35.77 10.55 46.25
N THR Y 7 -34.47 10.32 46.43
CA THR Y 7 -33.47 10.75 45.46
C THR Y 7 -32.64 9.55 45.02
N SER Y 8 -32.45 9.44 43.70
CA SER Y 8 -31.61 8.38 43.16
C SER Y 8 -30.15 8.67 43.48
N GLN Y 9 -29.34 7.61 43.43
CA GLN Y 9 -27.92 7.76 43.74
C GLN Y 9 -27.23 8.64 42.70
N LYS Y 10 -27.67 8.58 41.45
CA LYS Y 10 -27.11 9.43 40.41
C LYS Y 10 -27.37 10.90 40.72
N HIS Y 11 -28.54 11.18 41.28
CA HIS Y 11 -28.90 12.53 41.71
C HIS Y 11 -27.90 13.07 42.72
N ARG Y 12 -27.64 12.31 43.78
CA ARG Y 12 -26.69 12.74 44.80
C ARG Y 12 -25.29 12.87 44.22
N ASP Y 13 -24.89 11.92 43.37
CA ASP Y 13 -23.55 11.97 42.77
C ASP Y 13 -23.36 13.23 41.94
N PHE Y 14 -24.39 13.64 41.19
CA PHE Y 14 -24.29 14.87 40.44
C PHE Y 14 -24.31 16.10 41.35
N VAL Y 15 -25.15 16.07 42.39
CA VAL Y 15 -25.26 17.24 43.28
C VAL Y 15 -24.01 17.51 44.09
N ALA Y 16 -23.31 16.47 44.52
CA ALA Y 16 -22.26 16.65 45.52
C ALA Y 16 -21.14 17.56 45.04
N GLU Y 17 -20.72 17.43 43.79
CA GLU Y 17 -19.53 18.10 43.30
C GLU Y 17 -19.88 18.93 42.07
N PRO Y 18 -19.09 19.96 41.78
CA PRO Y 18 -19.39 20.81 40.61
C PRO Y 18 -19.33 20.01 39.31
N MET Y 19 -20.16 20.42 38.36
CA MET Y 19 -20.31 19.65 37.12
C MET Y 19 -19.02 19.59 36.32
N GLY Y 20 -18.31 20.71 36.20
CA GLY Y 20 -17.07 20.73 35.44
C GLY Y 20 -17.27 20.33 33.99
N GLU Y 21 -16.77 19.15 33.63
CA GLU Y 21 -16.88 18.63 32.27
C GLU Y 21 -17.68 17.34 32.19
N LYS Y 22 -18.69 17.17 33.04
CA LYS Y 22 -19.46 15.94 33.01
C LYS Y 22 -20.24 15.84 31.71
N PRO Y 23 -20.38 14.65 31.14
CA PRO Y 23 -21.25 14.47 29.98
C PRO Y 23 -22.71 14.60 30.36
N VAL Y 24 -23.53 14.93 29.36
CA VAL Y 24 -24.95 15.16 29.60
C VAL Y 24 -25.61 13.91 30.16
N GLY Y 25 -25.05 12.74 29.88
CA GLY Y 25 -25.58 11.50 30.42
C GLY Y 25 -25.48 11.38 31.92
N SER Y 26 -24.74 12.26 32.58
CA SER Y 26 -24.59 12.19 34.02
C SER Y 26 -25.74 12.84 34.78
N LEU Y 27 -26.57 13.65 34.11
CA LEU Y 27 -27.67 14.31 34.78
C LEU Y 27 -28.65 13.28 35.33
N ALA Y 28 -29.26 13.59 36.46
CA ALA Y 28 -30.31 12.73 36.98
C ALA Y 28 -31.49 12.75 36.03
N GLY Y 29 -32.00 11.56 35.69
CA GLY Y 29 -33.14 11.44 34.81
C GLY Y 29 -32.81 11.43 33.33
N ILE Y 30 -31.53 11.46 32.96
CA ILE Y 30 -31.11 11.35 31.58
C ILE Y 30 -30.24 10.13 31.41
N GLY Y 31 -30.75 9.13 30.69
CA GLY Y 31 -30.06 7.88 30.48
C GLY Y 31 -29.32 7.85 29.15
N GLU Y 32 -29.19 6.65 28.61
CA GLU Y 32 -28.45 6.50 27.36
C GLU Y 32 -29.22 7.03 26.17
N VAL Y 33 -30.50 6.68 26.07
CA VAL Y 33 -31.28 7.06 24.88
C VAL Y 33 -31.51 8.56 24.86
N LEU Y 34 -31.96 9.11 25.98
CA LEU Y 34 -32.20 10.55 26.03
C LEU Y 34 -30.90 11.32 25.89
N GLY Y 35 -29.82 10.79 26.46
CA GLY Y 35 -28.53 11.40 26.31
C GLY Y 35 -28.11 11.48 24.86
N LYS Y 36 -28.29 10.38 24.12
CA LYS Y 36 -27.92 10.37 22.71
C LYS Y 36 -28.77 11.34 21.91
N LYS Y 37 -30.07 11.38 22.21
CA LYS Y 37 -30.94 12.33 21.51
C LYS Y 37 -30.50 13.76 21.78
N LEU Y 38 -30.16 14.09 23.03
CA LEU Y 38 -29.70 15.43 23.34
C LEU Y 38 -28.40 15.75 22.63
N GLU Y 39 -27.48 14.78 22.58
CA GLU Y 39 -26.21 15.00 21.90
C GLU Y 39 -26.44 15.29 20.42
N GLU Y 40 -27.38 14.58 19.79
CA GLU Y 40 -27.72 14.90 18.42
C GLU Y 40 -28.31 16.30 18.31
N ARG Y 41 -29.20 16.66 19.24
CA ARG Y 41 -29.83 17.98 19.21
C ARG Y 41 -28.89 19.11 19.54
N GLY Y 42 -27.70 18.82 20.07
CA GLY Y 42 -26.71 19.86 20.30
C GLY Y 42 -26.21 19.96 21.72
N PHE Y 43 -27.07 19.75 22.70
CA PHE Y 43 -26.68 19.87 24.09
C PHE Y 43 -25.83 18.67 24.50
N ASP Y 44 -24.55 18.69 24.15
CA ASP Y 44 -23.67 17.54 24.31
C ASP Y 44 -22.77 17.65 25.53
N LYS Y 45 -23.08 18.55 26.45
CA LYS Y 45 -22.34 18.65 27.71
C LYS Y 45 -23.33 19.01 28.81
N ALA Y 46 -23.03 18.59 30.04
CA ALA Y 46 -23.95 18.84 31.15
C ALA Y 46 -24.14 20.33 31.39
N TYR Y 47 -23.05 21.10 31.34
CA TYR Y 47 -23.16 22.54 31.58
C TYR Y 47 -23.99 23.22 30.50
N VAL Y 48 -24.08 22.63 29.32
CA VAL Y 48 -24.96 23.17 28.29
C VAL Y 48 -26.41 23.08 28.74
N VAL Y 49 -26.81 21.92 29.28
CA VAL Y 49 -28.16 21.80 29.82
C VAL Y 49 -28.34 22.73 31.02
N LEU Y 50 -27.27 22.91 31.81
CA LEU Y 50 -27.36 23.87 32.90
C LEU Y 50 -27.66 25.27 32.39
N GLY Y 51 -26.95 25.70 31.36
CA GLY Y 51 -27.19 27.02 30.79
C GLY Y 51 -28.59 27.14 30.23
N GLN Y 52 -29.06 26.09 29.56
CA GLN Y 52 -30.43 26.11 29.05
C GLN Y 52 -31.44 26.19 30.20
N PHE Y 53 -31.13 25.59 31.33
CA PHE Y 53 -31.97 25.74 32.51
C PHE Y 53 -31.97 27.18 33.01
N LEU Y 54 -30.78 27.78 33.07
CA LEU Y 54 -30.66 29.13 33.63
C LEU Y 54 -31.37 30.15 32.76
N VAL Y 55 -31.24 30.04 31.44
CA VAL Y 55 -31.85 31.01 30.53
C VAL Y 55 -33.35 31.06 30.72
N LEU Y 56 -33.96 29.94 31.10
CA LEU Y 56 -35.39 29.90 31.33
C LEU Y 56 -35.74 30.43 32.72
N LYS Y 57 -34.80 31.15 33.34
CA LYS Y 57 -35.00 31.79 34.63
C LYS Y 57 -35.41 30.80 35.71
N LYS Y 58 -34.79 29.62 35.71
CA LYS Y 58 -35.01 28.59 36.71
C LYS Y 58 -36.46 28.15 36.83
N ASP Y 59 -37.30 28.48 35.84
CA ASP Y 59 -38.71 28.11 35.91
C ASP Y 59 -38.87 26.61 35.76
N GLU Y 60 -39.89 26.05 36.42
CA GLU Y 60 -40.10 24.61 36.40
C GLU Y 60 -40.80 24.18 35.12
N ASP Y 61 -42.03 24.66 34.91
CA ASP Y 61 -42.85 24.15 33.82
C ASP Y 61 -42.21 24.39 32.46
N LEU Y 62 -41.62 25.58 32.29
CA LEU Y 62 -40.97 25.88 31.02
C LEU Y 62 -39.84 24.91 30.72
N PHE Y 63 -39.00 24.63 31.72
CA PHE Y 63 -37.89 23.72 31.49
C PHE Y 63 -38.39 22.31 31.23
N ARG Y 64 -39.40 21.86 31.97
CA ARG Y 64 -39.93 20.51 31.75
C ARG Y 64 -40.50 20.38 30.35
N GLU Y 65 -41.27 21.38 29.90
CA GLU Y 65 -41.81 21.34 28.55
C GLU Y 65 -40.70 21.38 27.51
N TRP Y 66 -39.66 22.18 27.73
CA TRP Y 66 -38.55 22.21 26.78
C TRP Y 66 -37.86 20.86 26.69
N LEU Y 67 -37.62 20.22 27.82
CA LEU Y 67 -36.96 18.92 27.81
C LEU Y 67 -37.82 17.89 27.09
N LYS Y 68 -39.13 17.91 27.34
CA LYS Y 68 -40.02 16.99 26.65
C LYS Y 68 -40.03 17.25 25.15
N ASP Y 69 -39.94 18.51 24.74
CA ASP Y 69 -39.98 18.84 23.33
C ASP Y 69 -38.64 18.64 22.63
N THR Y 70 -37.54 18.53 23.36
CA THR Y 70 -36.25 18.34 22.71
C THR Y 70 -35.91 16.86 22.54
N CYS Y 71 -35.95 16.11 23.63
CA CYS Y 71 -35.61 14.69 23.60
C CYS Y 71 -36.81 13.78 23.74
N GLY Y 72 -37.93 14.27 24.25
CA GLY Y 72 -39.12 13.45 24.38
C GLY Y 72 -39.25 12.72 25.69
N ALA Y 73 -38.57 13.16 26.74
CA ALA Y 73 -38.67 12.47 28.01
C ALA Y 73 -40.08 12.63 28.57
N ASN Y 74 -40.43 11.74 29.48
CA ASN Y 74 -41.75 11.71 30.08
C ASN Y 74 -41.74 12.60 31.33
N ALA Y 75 -42.80 12.50 32.13
CA ALA Y 75 -42.90 13.33 33.32
C ALA Y 75 -41.76 13.07 34.29
N LYS Y 76 -41.49 11.80 34.58
CA LYS Y 76 -40.57 11.49 35.67
C LYS Y 76 -39.14 11.88 35.34
N GLN Y 77 -38.69 11.59 34.12
CA GLN Y 77 -37.30 11.91 33.76
C GLN Y 77 -37.08 13.41 33.79
N SER Y 78 -38.01 14.18 33.22
CA SER Y 78 -37.88 15.64 33.25
C SER Y 78 -37.90 16.16 34.67
N ARG Y 79 -38.79 15.62 35.52
CA ARG Y 79 -38.85 16.06 36.91
C ARG Y 79 -37.54 15.82 37.62
N ASP Y 80 -36.96 14.63 37.42
CA ASP Y 80 -35.69 14.33 38.07
C ASP Y 80 -34.58 15.25 37.59
N CYS Y 81 -34.52 15.51 36.27
CA CYS Y 81 -33.49 16.40 35.75
C CYS Y 81 -33.63 17.79 36.32
N PHE Y 82 -34.86 18.32 36.33
CA PHE Y 82 -35.10 19.65 36.85
C PHE Y 82 -34.73 19.74 38.32
N GLY Y 83 -35.13 18.75 39.11
CA GLY Y 83 -34.81 18.77 40.52
C GLY Y 83 -33.32 18.74 40.78
N CYS Y 84 -32.59 17.88 40.07
CA CYS Y 84 -31.15 17.81 40.26
C CYS Y 84 -30.48 19.12 39.87
N LEU Y 85 -30.93 19.72 38.77
CA LEU Y 85 -30.35 20.99 38.34
C LEU Y 85 -30.61 22.09 39.35
N ARG Y 86 -31.83 22.15 39.88
CA ARG Y 86 -32.14 23.17 40.87
C ARG Y 86 -31.30 23.00 42.13
N GLU Y 87 -31.14 21.76 42.59
CA GLU Y 87 -30.29 21.55 43.75
C GLU Y 87 -28.85 21.94 43.48
N TRP Y 88 -28.33 21.59 42.30
CA TRP Y 88 -26.96 21.96 41.98
C TRP Y 88 -26.79 23.48 41.95
N CYS Y 89 -27.77 24.19 41.40
CA CYS Y 89 -27.71 25.65 41.41
C CYS Y 89 -27.73 26.19 42.84
N ASP Y 90 -28.62 25.68 43.68
CA ASP Y 90 -28.66 26.16 45.06
C ASP Y 90 -27.38 25.83 45.81
N ALA Y 91 -26.67 24.78 45.43
CA ALA Y 91 -25.48 24.37 46.15
C ALA Y 91 -24.20 25.02 45.64
N PHE Y 92 -24.14 25.46 44.39
CA PHE Y 92 -22.89 26.01 43.90
C PHE Y 92 -23.04 27.39 43.26
N LEU Y 93 -24.21 27.69 42.71
CA LEU Y 93 -24.43 29.01 42.14
C LEU Y 93 -24.54 30.01 43.26
N THR Z 6 -4.53 45.80 33.23
CA THR Z 6 -4.90 44.50 32.69
C THR Z 6 -6.37 44.22 32.93
N THR Z 7 -6.73 44.12 34.20
CA THR Z 7 -8.08 43.75 34.62
C THR Z 7 -8.67 44.85 35.48
N SER Z 8 -9.93 45.17 35.24
CA SER Z 8 -10.62 46.17 36.04
C SER Z 8 -10.95 45.63 37.42
N GLN Z 9 -11.10 46.57 38.37
CA GLN Z 9 -11.42 46.16 39.73
C GLN Z 9 -12.78 45.50 39.83
N LYS Z 10 -13.75 46.01 39.07
CA LYS Z 10 -15.09 45.43 39.06
C LYS Z 10 -15.02 43.98 38.56
N HIS Z 11 -14.18 43.72 37.57
CA HIS Z 11 -13.95 42.38 37.08
C HIS Z 11 -13.44 41.47 38.19
N ARG Z 12 -12.45 41.94 38.95
CA ARG Z 12 -11.92 41.13 40.04
C ARG Z 12 -12.98 40.86 41.10
N ASP Z 13 -13.77 41.88 41.43
CA ASP Z 13 -14.82 41.71 42.43
C ASP Z 13 -15.85 40.69 41.98
N PHE Z 14 -16.23 40.72 40.70
CA PHE Z 14 -17.20 39.76 40.21
C PHE Z 14 -16.63 38.34 40.18
N VAL Z 15 -15.39 38.18 39.71
CA VAL Z 15 -14.79 36.85 39.60
C VAL Z 15 -14.42 36.26 40.95
N ALA Z 16 -14.22 37.08 41.98
CA ALA Z 16 -13.75 36.56 43.27
C ALA Z 16 -14.76 35.61 43.89
N GLU Z 17 -16.04 35.93 43.84
CA GLU Z 17 -17.06 35.22 44.60
C GLU Z 17 -18.14 34.72 43.65
N PRO Z 18 -18.91 33.71 44.05
CA PRO Z 18 -20.01 33.22 43.21
C PRO Z 18 -21.01 34.34 42.94
N MET Z 19 -21.54 34.36 41.72
CA MET Z 19 -22.42 35.46 41.32
C MET Z 19 -23.68 35.51 42.18
N GLY Z 20 -24.31 34.36 42.43
CA GLY Z 20 -25.52 34.34 43.23
C GLY Z 20 -26.62 35.18 42.62
N GLU Z 21 -26.93 36.31 43.24
CA GLU Z 21 -28.00 37.20 42.80
C GLU Z 21 -27.51 38.59 42.41
N LYS Z 22 -26.27 38.70 41.92
CA LYS Z 22 -25.77 40.00 41.51
C LYS Z 22 -26.61 40.53 40.34
N PRO Z 23 -26.94 41.82 40.33
CA PRO Z 23 -27.63 42.39 39.16
C PRO Z 23 -26.70 42.41 37.96
N VAL Z 24 -27.33 42.39 36.78
CA VAL Z 24 -26.57 42.29 35.54
C VAL Z 24 -25.59 43.44 35.40
N GLY Z 25 -25.91 44.59 35.97
CA GLY Z 25 -25.03 45.75 35.95
C GLY Z 25 -23.73 45.54 36.70
N SER Z 26 -23.63 44.49 37.52
CA SER Z 26 -22.39 44.21 38.22
C SER Z 26 -21.33 43.56 37.33
N LEU Z 27 -21.71 43.15 36.12
CA LEU Z 27 -20.78 42.48 35.22
C LEU Z 27 -19.71 43.44 34.72
N ALA Z 28 -18.48 42.94 34.61
CA ALA Z 28 -17.41 43.74 34.03
C ALA Z 28 -17.69 44.04 32.57
N GLY Z 29 -17.45 45.29 32.16
CA GLY Z 29 -17.72 45.73 30.82
C GLY Z 29 -19.16 46.11 30.56
N ILE Z 30 -20.03 46.07 31.58
CA ILE Z 30 -21.42 46.46 31.43
C ILE Z 30 -21.68 47.64 32.35
N GLY Z 31 -22.13 48.76 31.76
CA GLY Z 31 -22.47 49.94 32.49
C GLY Z 31 -23.96 50.03 32.79
N GLU Z 32 -24.40 51.26 33.10
CA GLU Z 32 -25.81 51.46 33.40
C GLU Z 32 -26.67 51.36 32.15
N VAL Z 33 -26.21 51.94 31.04
CA VAL Z 33 -26.98 51.93 29.81
C VAL Z 33 -27.13 50.53 29.25
N LEU Z 34 -26.01 49.81 29.14
CA LEU Z 34 -26.05 48.45 28.62
C LEU Z 34 -26.80 47.52 29.55
N GLY Z 35 -26.62 47.70 30.86
CA GLY Z 35 -27.35 46.89 31.83
C GLY Z 35 -28.84 47.10 31.69
N LYS Z 36 -29.24 48.35 31.53
CA LYS Z 36 -30.66 48.66 31.34
C LYS Z 36 -31.18 48.03 30.06
N LYS Z 37 -30.40 48.10 28.98
CA LYS Z 37 -30.82 47.51 27.72
C LYS Z 37 -31.00 46.01 27.83
N LEU Z 38 -30.06 45.32 28.49
CA LEU Z 38 -30.15 43.88 28.62
C LEU Z 38 -31.30 43.49 29.54
N GLU Z 39 -31.58 44.29 30.56
CA GLU Z 39 -32.77 44.09 31.36
C GLU Z 39 -34.03 44.21 30.51
N GLU Z 40 -34.07 45.23 29.65
CA GLU Z 40 -35.22 45.44 28.80
C GLU Z 40 -35.44 44.27 27.85
N ARG Z 41 -34.36 43.73 27.30
CA ARG Z 41 -34.47 42.55 26.46
C ARG Z 41 -34.99 41.33 27.22
N GLY Z 42 -34.86 41.30 28.55
CA GLY Z 42 -35.30 40.17 29.34
C GLY Z 42 -34.25 39.61 30.27
N PHE Z 43 -32.98 39.75 29.89
CA PHE Z 43 -31.88 39.26 30.71
C PHE Z 43 -31.67 40.18 31.91
N ASP Z 44 -32.34 39.91 33.03
CA ASP Z 44 -32.33 40.82 34.17
C ASP Z 44 -31.43 40.35 35.31
N LYS Z 45 -30.67 39.28 35.11
CA LYS Z 45 -29.85 38.73 36.18
C LYS Z 45 -28.54 38.23 35.62
N ALA Z 46 -27.50 38.20 36.45
CA ALA Z 46 -26.18 37.80 35.99
C ALA Z 46 -26.15 36.35 35.52
N TYR Z 47 -26.82 35.47 36.26
CA TYR Z 47 -26.78 34.06 35.90
C TYR Z 47 -27.49 33.80 34.57
N VAL Z 48 -28.42 34.66 34.19
CA VAL Z 48 -29.06 34.52 32.88
C VAL Z 48 -28.04 34.73 31.78
N VAL Z 49 -27.21 35.77 31.90
CA VAL Z 49 -26.13 35.98 30.94
C VAL Z 49 -25.13 34.84 31.01
N LEU Z 50 -24.87 34.31 32.20
CA LEU Z 50 -23.99 33.16 32.31
C LEU Z 50 -24.52 31.96 31.54
N GLY Z 51 -25.81 31.68 31.68
CA GLY Z 51 -26.41 30.57 30.94
C GLY Z 51 -26.39 30.79 29.46
N GLN Z 52 -26.65 32.03 29.02
CA GLN Z 52 -26.57 32.32 27.60
C GLN Z 52 -25.14 32.12 27.08
N PHE Z 53 -24.15 32.49 27.89
CA PHE Z 53 -22.76 32.23 27.52
C PHE Z 53 -22.50 30.73 27.41
N LEU Z 54 -23.03 29.96 28.35
CA LEU Z 54 -22.80 28.51 28.35
C LEU Z 54 -23.46 27.86 27.13
N VAL Z 55 -24.64 28.33 26.75
CA VAL Z 55 -25.34 27.76 25.60
C VAL Z 55 -24.46 27.83 24.36
N LEU Z 56 -23.73 28.94 24.19
CA LEU Z 56 -22.86 29.11 23.04
C LEU Z 56 -21.56 28.34 23.21
N LYS Z 57 -21.50 27.47 24.22
CA LYS Z 57 -20.35 26.59 24.45
C LYS Z 57 -19.05 27.37 24.53
N LYS Z 58 -19.06 28.51 25.22
CA LYS Z 58 -17.89 29.32 25.52
C LYS Z 58 -17.19 29.87 24.28
N ASP Z 59 -17.90 29.99 23.16
CA ASP Z 59 -17.31 30.56 21.95
C ASP Z 59 -17.20 32.07 22.10
N GLU Z 60 -15.99 32.61 21.91
CA GLU Z 60 -15.76 34.04 22.10
C GLU Z 60 -16.52 34.86 21.06
N ASP Z 61 -16.35 34.51 19.78
CA ASP Z 61 -16.93 35.32 18.72
C ASP Z 61 -18.45 35.32 18.79
N LEU Z 62 -19.05 34.15 19.01
CA LEU Z 62 -20.50 34.08 19.07
C LEU Z 62 -21.04 34.87 20.26
N PHE Z 63 -20.39 34.74 21.41
CA PHE Z 63 -20.84 35.48 22.59
C PHE Z 63 -20.76 36.98 22.36
N ARG Z 64 -19.63 37.45 21.83
CA ARG Z 64 -19.47 38.88 21.60
C ARG Z 64 -20.46 39.38 20.55
N GLU Z 65 -20.68 38.61 19.50
CA GLU Z 65 -21.63 39.02 18.47
C GLU Z 65 -23.05 39.08 19.00
N TRP Z 66 -23.46 38.08 19.79
CA TRP Z 66 -24.78 38.13 20.40
C TRP Z 66 -24.92 39.34 21.32
N LEU Z 67 -23.90 39.62 22.13
CA LEU Z 67 -23.95 40.76 23.03
C LEU Z 67 -24.08 42.05 22.23
N LYS Z 68 -23.32 42.17 21.14
CA LYS Z 68 -23.37 43.36 20.31
C LYS Z 68 -24.75 43.54 19.70
N ASP Z 69 -25.33 42.45 19.19
CA ASP Z 69 -26.64 42.56 18.55
C ASP Z 69 -27.78 42.71 19.56
N THR Z 70 -27.54 42.41 20.83
CA THR Z 70 -28.62 42.46 21.81
C THR Z 70 -28.76 43.84 22.43
N CYS Z 71 -27.65 44.54 22.69
CA CYS Z 71 -27.70 45.85 23.30
C CYS Z 71 -26.82 46.89 22.63
N GLY Z 72 -25.92 46.50 21.74
CA GLY Z 72 -25.02 47.44 21.12
C GLY Z 72 -23.68 47.59 21.78
N ALA Z 73 -23.21 46.57 22.50
CA ALA Z 73 -21.89 46.64 23.10
C ALA Z 73 -20.82 46.64 22.01
N ASN Z 74 -19.69 47.28 22.31
CA ASN Z 74 -18.59 47.38 21.38
C ASN Z 74 -17.47 46.44 21.83
N ALA Z 75 -16.33 46.51 21.14
CA ALA Z 75 -15.28 45.52 21.30
C ALA Z 75 -14.78 45.45 22.74
N LYS Z 76 -14.51 46.60 23.36
CA LYS Z 76 -13.94 46.59 24.70
C LYS Z 76 -14.92 46.03 25.72
N GLN Z 77 -16.17 46.48 25.68
CA GLN Z 77 -17.15 46.03 26.66
C GLN Z 77 -17.39 44.53 26.55
N SER Z 78 -17.54 44.04 25.31
CA SER Z 78 -17.75 42.62 25.11
C SER Z 78 -16.53 41.81 25.54
N ARG Z 79 -15.33 42.31 25.25
CA ARG Z 79 -14.12 41.61 25.65
C ARG Z 79 -14.04 41.49 27.16
N ASP Z 80 -14.34 42.59 27.88
CA ASP Z 80 -14.31 42.55 29.33
C ASP Z 80 -15.35 41.59 29.89
N CYS Z 81 -16.57 41.64 29.38
CA CYS Z 81 -17.61 40.75 29.88
C CYS Z 81 -17.26 39.29 29.63
N PHE Z 82 -16.76 38.99 28.43
CA PHE Z 82 -16.39 37.62 28.10
C PHE Z 82 -15.27 37.13 28.99
N GLY Z 83 -14.25 37.97 29.21
CA GLY Z 83 -13.16 37.58 30.09
C GLY Z 83 -13.63 37.31 31.50
N CYS Z 84 -14.48 38.18 32.03
CA CYS Z 84 -14.99 37.98 33.39
C CYS Z 84 -15.79 36.68 33.48
N LEU Z 85 -16.66 36.43 32.51
CA LEU Z 85 -17.48 35.23 32.56
C LEU Z 85 -16.64 33.97 32.41
N ARG Z 86 -15.65 33.99 31.51
CA ARG Z 86 -14.79 32.84 31.35
C ARG Z 86 -14.01 32.56 32.63
N GLU Z 87 -13.48 33.62 33.26
CA GLU Z 87 -12.75 33.41 34.51
C GLU Z 87 -13.67 32.91 35.62
N TRP Z 88 -14.90 33.42 35.67
CA TRP Z 88 -15.85 32.92 36.67
C TRP Z 88 -16.11 31.45 36.47
N CYS Z 89 -16.29 31.02 35.21
CA CYS Z 89 -16.48 29.60 34.95
C CYS Z 89 -15.25 28.80 35.36
N ASP Z 90 -14.06 29.30 35.05
CA ASP Z 90 -12.85 28.58 35.43
C ASP Z 90 -12.66 28.53 36.93
N ALA Z 91 -13.25 29.45 37.68
CA ALA Z 91 -13.08 29.49 39.12
C ALA Z 91 -14.19 28.78 39.90
N PHE Z 92 -15.39 28.65 39.34
CA PHE Z 92 -16.48 28.04 40.08
C PHE Z 92 -17.12 26.88 39.33
N LEU Z 93 -17.23 27.00 38.01
CA LEU Z 93 -17.91 26.01 37.20
C LEU Z 93 -17.13 24.70 37.16
N SER AA 20 -26.41 10.84 58.88
CA SER AA 20 -26.16 12.04 59.67
C SER AA 20 -27.10 13.17 59.27
N SER AA 21 -27.96 12.90 58.29
CA SER AA 21 -28.99 13.82 57.83
C SER AA 21 -28.39 15.10 57.24
N PHE AA 22 -27.09 15.08 56.98
CA PHE AA 22 -26.40 16.23 56.40
C PHE AA 22 -25.82 15.89 55.05
N SER AA 23 -26.23 16.61 54.03
CA SER AA 23 -25.70 16.48 52.68
C SER AA 23 -24.50 17.41 52.50
N GLN AA 24 -23.42 16.85 51.96
CA GLN AA 24 -22.16 17.56 51.81
C GLN AA 24 -21.97 17.99 50.35
N HIS AA 25 -21.45 19.20 50.16
CA HIS AA 25 -21.10 19.70 48.85
C HIS AA 25 -19.72 20.31 48.93
N ALA AA 26 -18.79 19.86 48.09
CA ALA AA 26 -17.40 20.23 48.22
C ALA AA 26 -16.89 20.85 46.92
N ARG AA 27 -15.93 21.76 47.04
CA ARG AA 27 -15.29 22.40 45.89
C ARG AA 27 -13.89 22.83 46.30
N THR AA 28 -12.90 22.47 45.48
CA THR AA 28 -11.50 22.78 45.75
C THR AA 28 -10.85 23.29 44.47
N SER AA 29 -10.45 24.56 44.47
CA SER AA 29 -9.79 25.16 43.31
C SER AA 29 -8.31 25.43 43.54
N GLY AA 30 -7.82 25.25 44.77
CA GLY AA 30 -6.41 25.42 45.08
C GLY AA 30 -5.82 24.09 45.50
N ARG AA 31 -4.74 24.17 46.28
CA ARG AA 31 -4.13 22.96 46.82
C ARG AA 31 -4.67 22.60 48.20
N VAL AA 32 -5.54 23.44 48.77
CA VAL AA 32 -6.09 23.23 50.10
C VAL AA 32 -7.59 23.00 49.96
N ALA AA 33 -8.11 22.02 50.69
CA ALA AA 33 -9.53 21.70 50.69
C ALA AA 33 -10.10 21.73 52.09
N VAL AA 34 -11.37 22.11 52.20
CA VAL AA 34 -12.11 22.05 53.45
C VAL AA 34 -12.59 20.61 53.61
N GLU AA 35 -11.78 19.77 54.26
CA GLU AA 35 -12.05 18.34 54.32
C GLU AA 35 -13.23 18.00 55.22
N GLU AA 36 -13.30 18.56 56.42
CA GLU AA 36 -14.30 18.16 57.39
C GLU AA 36 -14.89 19.39 58.08
N VAL AA 37 -16.20 19.38 58.27
CA VAL AA 37 -16.91 20.44 58.96
C VAL AA 37 -17.69 19.80 60.10
N ASP AA 38 -17.40 20.23 61.33
CA ASP AA 38 -18.10 19.69 62.50
C ASP AA 38 -19.54 20.19 62.53
N GLU AA 39 -20.48 19.26 62.67
CA GLU AA 39 -21.90 19.62 62.67
C GLU AA 39 -22.29 20.39 63.92
N GLU AA 40 -21.52 20.24 65.02
CA GLU AA 40 -21.83 20.90 66.27
C GLU AA 40 -21.09 22.21 66.46
N GLY AA 41 -20.38 22.68 65.43
CA GLY AA 41 -19.62 23.91 65.57
C GLY AA 41 -18.38 23.79 66.41
N LYS AA 42 -17.79 22.60 66.53
CA LYS AA 42 -16.60 22.42 67.35
C LYS AA 42 -15.31 22.74 66.61
N PHE AA 43 -15.20 22.35 65.33
CA PHE AA 43 -13.95 22.57 64.63
C PHE AA 43 -14.19 22.55 63.13
N VAL AA 44 -13.19 23.03 62.39
CA VAL AA 44 -13.13 22.96 60.94
C VAL AA 44 -11.78 22.39 60.54
N ARG AA 45 -11.77 21.37 59.70
CA ARG AA 45 -10.55 20.64 59.38
C ARG AA 45 -10.26 20.73 57.89
N LEU AA 46 -9.08 21.25 57.56
CA LEU AA 46 -8.63 21.40 56.17
C LEU AA 46 -7.43 20.50 55.94
N ARG AA 47 -7.25 20.07 54.68
CA ARG AA 47 -6.12 19.24 54.31
C ARG AA 47 -5.51 19.74 53.01
N ASN AA 48 -4.18 19.73 52.94
CA ASN AA 48 -3.46 20.03 51.72
C ASN AA 48 -3.31 18.73 50.95
N LYS AA 49 -4.21 18.48 50.00
CA LYS AA 49 -4.22 17.23 49.25
C LYS AA 49 -3.10 17.13 48.23
N SER AA 50 -2.42 18.23 47.95
CA SER AA 50 -1.36 18.25 46.95
C SER AA 50 -0.06 17.77 47.58
N ASN AA 51 0.90 17.45 46.72
CA ASN AA 51 2.22 17.01 47.15
C ASN AA 51 3.20 18.15 47.29
N GLU AA 52 2.70 19.38 47.39
CA GLU AA 52 3.54 20.56 47.57
C GLU AA 52 2.97 21.43 48.69
N ASP AA 53 3.86 22.16 49.35
CA ASP AA 53 3.46 23.02 50.45
C ASP AA 53 2.63 24.20 49.94
N GLN AA 54 1.82 24.75 50.84
CA GLN AA 54 1.01 25.93 50.53
C GLN AA 54 1.26 27.00 51.58
N SER AA 55 1.51 28.22 51.13
CA SER AA 55 1.62 29.35 52.04
C SER AA 55 0.24 29.88 52.38
N MET AA 56 -0.09 29.92 53.67
CA MET AA 56 -1.41 30.34 54.13
C MET AA 56 -1.37 31.64 54.92
N GLY AA 57 -0.40 32.51 54.64
CA GLY AA 57 -0.30 33.78 55.34
C GLY AA 57 -1.50 34.67 55.11
N ASN AA 58 -2.13 35.10 56.21
CA ASN AA 58 -3.26 36.02 56.19
C ASN AA 58 -4.47 35.45 55.45
N TRP AA 59 -4.50 34.14 55.23
CA TRP AA 59 -5.69 33.52 54.68
C TRP AA 59 -6.79 33.51 55.73
N GLN AA 60 -8.03 33.53 55.25
CA GLN AA 60 -9.19 33.67 56.13
C GLN AA 60 -10.18 32.56 55.89
N ILE AA 61 -10.98 32.26 56.92
CA ILE AA 61 -12.07 31.30 56.83
C ILE AA 61 -13.36 32.02 57.16
N LYS AA 62 -14.35 31.88 56.29
CA LYS AA 62 -15.67 32.49 56.47
C LYS AA 62 -16.68 31.38 56.76
N ARG AA 63 -17.38 31.50 57.88
CA ARG AA 63 -18.39 30.53 58.31
C ARG AA 63 -19.73 31.25 58.39
N GLN AA 64 -20.70 30.75 57.64
CA GLN AA 64 -22.06 31.30 57.62
C GLN AA 64 -23.01 30.22 58.12
N ASN AA 65 -23.79 30.55 59.14
CA ASN AA 65 -24.76 29.63 59.74
C ASN AA 65 -26.15 30.24 59.60
N GLY AA 66 -26.87 29.84 58.56
CA GLY AA 66 -28.17 30.43 58.30
C GLY AA 66 -28.05 31.90 57.99
N ASP AA 67 -28.87 32.71 58.66
CA ASP AA 67 -28.88 34.16 58.48
C ASP AA 67 -28.11 34.89 59.58
N ASP AA 68 -27.37 34.15 60.41
CA ASP AA 68 -26.58 34.75 61.46
C ASP AA 68 -25.40 35.51 60.86
N PRO AA 69 -24.83 36.46 61.60
CA PRO AA 69 -23.69 37.21 61.07
C PRO AA 69 -22.52 36.31 60.71
N LEU AA 70 -21.82 36.67 59.63
CA LEU AA 70 -20.69 35.88 59.17
C LEU AA 70 -19.58 35.88 60.20
N LEU AA 71 -18.97 34.72 60.41
CA LEU AA 71 -17.84 34.59 61.32
C LEU AA 71 -16.57 34.45 60.52
N THR AA 72 -15.57 35.27 60.82
CA THR AA 72 -14.33 35.30 60.05
C THR AA 72 -13.17 34.98 60.98
N TYR AA 73 -12.34 34.02 60.58
CA TYR AA 73 -11.12 33.69 61.30
C TYR AA 73 -9.92 33.99 60.42
N ARG AA 74 -8.97 34.74 60.96
CA ARG AA 74 -7.77 35.15 60.23
C ARG AA 74 -6.57 34.34 60.67
N PHE AA 75 -5.83 33.80 59.71
CA PHE AA 75 -4.59 33.10 60.00
C PHE AA 75 -3.48 34.10 60.30
N PRO AA 76 -2.42 33.65 60.98
CA PRO AA 76 -1.25 34.52 61.20
C PRO AA 76 -0.62 34.94 59.89
N PRO AA 77 0.05 36.09 59.85
CA PRO AA 77 0.61 36.58 58.58
C PRO AA 77 1.65 35.64 57.97
N LYS AA 78 2.27 34.78 58.77
CA LYS AA 78 3.13 33.73 58.24
C LYS AA 78 2.61 32.39 58.71
N PHE AA 79 2.14 31.57 57.77
CA PHE AA 79 1.60 30.26 58.09
C PHE AA 79 1.65 29.40 56.84
N THR AA 80 2.18 28.20 56.97
CA THR AA 80 2.37 27.29 55.83
C THR AA 80 1.77 25.93 56.15
N LEU AA 81 0.88 25.46 55.28
CA LEU AA 81 0.32 24.12 55.38
C LEU AA 81 1.08 23.22 54.43
N LYS AA 82 1.91 22.34 54.98
CA LYS AA 82 2.76 21.49 54.15
C LYS AA 82 1.92 20.41 53.46
N ALA AA 83 2.54 19.77 52.47
CA ALA AA 83 1.87 18.76 51.68
C ALA AA 83 1.40 17.59 52.54
N GLY AA 84 0.15 17.18 52.32
CA GLY AA 84 -0.41 16.06 53.05
C GLY AA 84 -0.66 16.31 54.52
N GLN AA 85 -0.48 17.54 55.00
CA GLN AA 85 -0.70 17.85 56.39
C GLN AA 85 -2.13 18.36 56.60
N VAL AA 86 -2.61 18.21 57.82
CA VAL AA 86 -3.99 18.52 58.17
C VAL AA 86 -3.99 19.60 59.24
N VAL AA 87 -4.78 20.65 59.01
CA VAL AA 87 -4.88 21.76 59.94
C VAL AA 87 -6.30 21.83 60.47
N THR AA 88 -6.43 21.85 61.79
CA THR AA 88 -7.72 21.90 62.45
C THR AA 88 -7.85 23.21 63.21
N ILE AA 89 -8.97 23.90 63.00
CA ILE AA 89 -9.28 25.15 63.67
C ILE AA 89 -10.37 24.86 64.68
N TRP AA 90 -10.09 25.14 65.95
CA TRP AA 90 -10.97 24.79 67.07
C TRP AA 90 -11.67 26.03 67.59
N ALA AA 91 -12.92 25.87 68.03
CA ALA AA 91 -13.61 26.93 68.74
C ALA AA 91 -13.06 27.06 70.16
N ALA AA 92 -13.39 28.17 70.82
CA ALA AA 92 -12.97 28.33 72.20
C ALA AA 92 -13.66 27.33 73.12
N GLY AA 93 -14.93 27.03 72.88
CA GLY AA 93 -15.68 26.13 73.71
C GLY AA 93 -15.42 24.66 73.48
N ALA AA 94 -14.66 24.30 72.44
CA ALA AA 94 -14.37 22.89 72.19
C ALA AA 94 -13.38 22.33 73.21
N GLY AA 95 -12.53 23.17 73.79
CA GLY AA 95 -11.60 22.71 74.80
C GLY AA 95 -10.42 21.91 74.27
N ALA AA 96 -10.06 22.09 73.01
CA ALA AA 96 -8.95 21.35 72.44
C ALA AA 96 -7.62 22.02 72.79
N THR AA 97 -6.54 21.40 72.33
CA THR AA 97 -5.18 21.84 72.66
C THR AA 97 -4.68 22.79 71.58
N HIS AA 98 -4.22 23.96 72.01
CA HIS AA 98 -3.58 24.90 71.09
C HIS AA 98 -2.18 24.41 70.77
N SER AA 99 -1.98 23.94 69.54
CA SER AA 99 -0.70 23.35 69.18
C SER AA 99 -0.33 23.73 67.75
N PRO AA 100 0.32 24.88 67.55
CA PRO AA 100 0.72 25.26 66.20
C PRO AA 100 1.83 24.35 65.72
N PRO AA 101 1.89 24.09 64.40
CA PRO AA 101 0.98 24.57 63.36
C PRO AA 101 -0.14 23.58 63.10
N THR AA 102 -0.27 22.54 63.93
CA THR AA 102 -1.20 21.46 63.66
C THR AA 102 -2.59 21.71 64.23
N ASP AA 103 -2.70 22.33 65.40
CA ASP AA 103 -3.98 22.59 66.04
C ASP AA 103 -4.03 24.05 66.48
N LEU AA 104 -4.97 24.80 65.91
CA LEU AA 104 -5.17 26.21 66.26
C LEU AA 104 -6.55 26.39 66.85
N VAL AA 105 -6.61 27.12 67.97
CA VAL AA 105 -7.85 27.34 68.70
C VAL AA 105 -8.29 28.78 68.50
N TRP AA 106 -9.55 28.97 68.14
CA TRP AA 106 -10.14 30.30 68.04
C TRP AA 106 -10.64 30.69 69.43
N LYS AA 107 -9.76 31.33 70.19
CA LYS AA 107 -10.04 31.68 71.57
C LYS AA 107 -11.19 32.69 71.69
N ALA AA 108 -11.44 33.49 70.66
CA ALA AA 108 -12.43 34.55 70.74
C ALA AA 108 -13.82 34.13 70.29
N GLN AA 109 -14.01 32.87 69.89
CA GLN AA 109 -15.29 32.41 69.37
C GLN AA 109 -15.76 31.19 70.15
N ASN AA 110 -16.95 31.29 70.73
CA ASN AA 110 -17.48 30.19 71.54
C ASN AA 110 -17.71 28.93 70.73
N THR AA 111 -18.31 29.05 69.54
CA THR AA 111 -18.55 27.90 68.69
C THR AA 111 -18.72 28.39 67.26
N TRP AA 112 -18.55 27.47 66.31
CA TRP AA 112 -18.74 27.81 64.90
C TRP AA 112 -20.20 28.08 64.59
N GLY AA 113 -21.11 27.75 65.48
CA GLY AA 113 -22.53 28.01 65.29
C GLY AA 113 -23.23 26.81 64.66
N CYS AA 114 -24.48 26.61 65.05
CA CYS AA 114 -25.27 25.49 64.59
C CYS AA 114 -26.51 25.99 63.86
N GLY AA 115 -27.06 25.14 63.02
CA GLY AA 115 -28.22 25.49 62.22
C GLY AA 115 -28.37 24.52 61.05
N ASN AA 116 -29.33 24.82 60.18
CA ASN AA 116 -29.68 23.93 59.09
C ASN AA 116 -28.89 24.21 57.81
N SER AA 117 -28.02 25.22 57.81
CA SER AA 117 -27.25 25.57 56.62
C SER AA 117 -25.91 26.14 57.06
N LEU AA 118 -24.86 25.33 56.95
CA LEU AA 118 -23.52 25.75 57.33
C LEU AA 118 -22.67 25.82 56.07
N ARG AA 119 -22.14 27.02 55.79
CA ARG AA 119 -21.28 27.23 54.63
C ARG AA 119 -19.91 27.67 55.10
N THR AA 120 -18.89 26.89 54.73
CA THR AA 120 -17.50 27.16 55.08
C THR AA 120 -16.74 27.51 53.82
N ALA AA 121 -16.04 28.64 53.83
CA ALA AA 121 -15.26 29.08 52.68
C ALA AA 121 -13.85 29.43 53.12
N LEU AA 122 -12.88 29.04 52.30
CA LEU AA 122 -11.48 29.40 52.50
C LEU AA 122 -11.10 30.47 51.48
N ILE AA 123 -10.49 31.56 51.95
CA ILE AA 123 -10.11 32.68 51.13
C ILE AA 123 -8.61 32.92 51.31
N ASN AA 124 -7.91 33.14 50.20
CA ASN AA 124 -6.49 33.44 50.27
C ASN AA 124 -6.28 34.89 50.70
N SER AA 125 -5.03 35.34 50.64
CA SER AA 125 -4.70 36.70 51.05
C SER AA 125 -5.24 37.74 50.09
N THR AA 126 -5.65 37.35 48.89
CA THR AA 126 -6.06 38.29 47.85
C THR AA 126 -7.57 38.50 47.81
N GLY AA 127 -8.31 37.93 48.75
CA GLY AA 127 -9.76 38.06 48.74
C GLY AA 127 -10.49 37.12 47.80
N GLU AA 128 -9.82 36.09 47.29
CA GLU AA 128 -10.43 35.13 46.39
C GLU AA 128 -10.78 33.86 47.15
N GLU AA 129 -11.98 33.33 46.90
CA GLU AA 129 -12.40 32.09 47.51
C GLU AA 129 -11.84 30.91 46.72
N VAL AA 130 -11.09 30.04 47.39
CA VAL AA 130 -10.39 28.96 46.71
C VAL AA 130 -10.88 27.58 47.09
N ALA AA 131 -11.66 27.45 48.17
CA ALA AA 131 -12.24 26.17 48.53
C ALA AA 131 -13.49 26.42 49.35
N MET AA 132 -14.39 25.43 49.35
CA MET AA 132 -15.66 25.58 50.03
C MET AA 132 -16.26 24.21 50.30
N ARG AA 133 -16.95 24.11 51.43
CA ARG AA 133 -17.78 22.94 51.74
C ARG AA 133 -19.04 23.43 52.43
N LYS AA 134 -20.18 22.97 51.94
CA LYS AA 134 -21.48 23.34 52.49
C LYS AA 134 -22.22 22.09 52.92
N LEU AA 135 -22.69 22.07 54.16
CA LEU AA 135 -23.47 20.96 54.69
C LEU AA 135 -24.89 21.44 54.94
N VAL AA 136 -25.86 20.69 54.43
CA VAL AA 136 -27.27 21.07 54.51
C VAL AA 136 -28.05 19.96 55.20
N ARG AA 137 -28.87 20.33 56.18
CA ARG AA 137 -29.76 19.41 56.87
C ARG AA 137 -31.18 19.61 56.36
N SER AA 138 -31.92 18.50 56.29
CA SER AA 138 -33.30 18.53 55.81
C SER AA 138 -34.18 19.45 56.66
N PRO BA 41 23.50 50.86 56.45
CA PRO BA 41 22.03 50.84 56.36
C PRO BA 41 21.50 49.68 55.54
N SER BA 42 20.44 49.04 56.01
CA SER BA 42 19.84 47.93 55.29
C SER BA 42 19.24 48.42 53.98
N VAL BA 43 19.13 47.51 53.01
CA VAL BA 43 18.57 47.87 51.71
C VAL BA 43 17.12 48.31 51.85
N SER BA 44 16.33 47.58 52.65
CA SER BA 44 14.94 47.98 52.87
C SER BA 44 14.84 49.34 53.55
N GLU BA 45 15.72 49.59 54.52
CA GLU BA 45 15.71 50.88 55.21
C GLU BA 45 16.07 52.01 54.25
N LEU BA 46 17.06 51.79 53.38
CA LEU BA 46 17.40 52.81 52.38
C LEU BA 46 16.25 53.05 51.41
N ILE BA 47 15.58 51.97 50.99
CA ILE BA 47 14.45 52.11 50.06
C ILE BA 47 13.32 52.89 50.72
N VAL BA 48 13.02 52.58 51.99
CA VAL BA 48 11.98 53.30 52.72
C VAL BA 48 12.37 54.76 52.87
N GLN BA 49 13.64 55.03 53.16
CA GLN BA 49 14.10 56.41 53.29
C GLN BA 49 13.92 57.18 51.98
N ALA BA 50 14.28 56.56 50.86
CA ALA BA 50 14.12 57.21 49.57
C ALA BA 50 12.66 57.44 49.24
N ALA BA 51 11.81 56.45 49.56
CA ALA BA 51 10.37 56.59 49.30
C ALA BA 51 9.76 57.71 50.13
N SER BA 52 10.17 57.82 51.40
CA SER BA 52 9.72 58.94 52.23
C SER BA 52 10.24 60.27 51.69
N SER BA 53 11.47 60.29 51.21
CA SER BA 53 12.04 61.51 50.66
C SER BA 53 11.43 61.87 49.31
N SER BA 54 10.89 60.88 48.59
CA SER BA 54 10.32 61.12 47.28
C SER BA 54 8.92 61.69 47.42
N LYS BA 55 8.59 62.69 46.61
CA LYS BA 55 7.28 63.33 46.60
C LYS BA 55 6.44 62.90 45.40
N GLU BA 56 6.66 61.68 44.91
CA GLU BA 56 5.96 61.20 43.74
C GLU BA 56 4.49 60.97 44.07
N ARG BA 57 3.59 61.52 43.25
CA ARG BA 57 2.17 61.28 43.45
C ARG BA 57 1.79 59.86 43.10
N GLY BA 58 2.37 59.32 42.02
CA GLY BA 58 2.13 57.94 41.64
C GLY BA 58 2.97 56.90 42.34
N GLY BA 59 3.95 57.34 43.14
CA GLY BA 59 4.83 56.42 43.84
C GLY BA 59 6.22 56.36 43.25
N VAL BA 60 7.08 55.62 43.94
CA VAL BA 60 8.49 55.48 43.58
C VAL BA 60 8.64 54.24 42.71
N SER BA 61 9.09 54.43 41.47
CA SER BA 61 9.24 53.33 40.54
C SER BA 61 10.56 52.60 40.78
N LEU BA 62 10.73 51.48 40.07
CA LEU BA 62 11.96 50.71 40.20
C LEU BA 62 13.16 51.51 39.71
N ALA BA 63 13.00 52.20 38.59
CA ALA BA 63 14.07 53.07 38.10
C ALA BA 63 14.35 54.20 39.09
N ALA BA 64 13.30 54.76 39.68
CA ALA BA 64 13.49 55.82 40.67
C ALA BA 64 14.23 55.29 41.89
N LEU BA 65 13.90 54.09 42.36
CA LEU BA 65 14.63 53.50 43.47
C LEU BA 65 16.09 53.23 43.11
N LYS BA 66 16.33 52.74 41.89
CA LYS BA 66 17.71 52.50 41.47
C LYS BA 66 18.50 53.79 41.45
N LYS BA 67 17.92 54.86 40.90
CA LYS BA 67 18.62 56.15 40.87
C LYS BA 67 18.83 56.70 42.27
N ALA BA 68 17.84 56.53 43.15
CA ALA BA 68 17.97 57.03 44.52
C ALA BA 68 19.08 56.31 45.27
N LEU BA 69 19.18 54.99 45.10
CA LEU BA 69 20.25 54.25 45.76
C LEU BA 69 21.61 54.57 45.16
N ALA BA 70 21.66 54.76 43.83
CA ALA BA 70 22.92 55.15 43.20
C ALA BA 70 23.39 56.51 43.70
N ALA BA 71 22.46 57.46 43.85
CA ALA BA 71 22.79 58.73 44.47
C ALA BA 71 23.11 58.56 45.95
N ALA BA 72 22.59 57.50 46.56
CA ALA BA 72 22.88 57.19 47.97
C ALA BA 72 24.21 56.46 48.13
N GLY BA 73 24.87 56.08 47.04
CA GLY BA 73 26.16 55.43 47.13
C GLY BA 73 26.14 53.93 47.23
N TYR BA 74 25.01 53.30 46.92
CA TYR BA 74 24.91 51.85 47.00
C TYR BA 74 24.97 51.25 45.59
N ASP BA 75 25.64 50.10 45.47
CA ASP BA 75 25.80 49.45 44.17
C ASP BA 75 24.51 48.78 43.73
N VAL BA 76 23.72 49.48 42.91
CA VAL BA 76 22.45 48.93 42.45
C VAL BA 76 22.64 47.77 41.49
N GLU BA 77 23.58 47.87 40.55
CA GLU BA 77 23.71 46.85 39.51
C GLU BA 77 24.19 45.52 40.08
N LYS BA 78 25.13 45.56 41.02
CA LYS BA 78 25.65 44.31 41.59
C LYS BA 78 24.67 43.67 42.56
N ASN BA 79 23.91 44.49 43.29
CA ASN BA 79 23.00 43.99 44.31
C ASN BA 79 21.54 44.25 43.95
N ASN BA 80 21.20 44.21 42.66
CA ASN BA 80 19.84 44.49 42.22
C ASN BA 80 18.86 43.43 42.69
N SER BA 81 19.28 42.16 42.70
CA SER BA 81 18.42 41.12 43.23
C SER BA 81 18.17 41.32 44.71
N ARG BA 82 19.18 41.78 45.45
CA ARG BA 82 18.99 42.12 46.86
C ARG BA 82 17.98 43.24 47.03
N ILE BA 83 18.06 44.27 46.18
CA ILE BA 83 17.11 45.38 46.26
C ILE BA 83 15.70 44.90 45.96
N LYS BA 84 15.56 44.06 44.93
CA LYS BA 84 14.24 43.52 44.59
C LYS BA 84 13.68 42.66 45.71
N LEU BA 85 14.54 41.86 46.34
CA LEU BA 85 14.10 41.04 47.46
C LEU BA 85 13.63 41.92 48.62
N GLY BA 86 14.37 42.99 48.89
CA GLY BA 86 13.95 43.92 49.93
C GLY BA 86 12.61 44.58 49.60
N ILE BA 87 12.43 44.95 48.33
CA ILE BA 87 11.17 45.56 47.89
C ILE BA 87 10.01 44.60 48.11
N LYS BA 88 10.20 43.34 47.69
CA LYS BA 88 9.14 42.35 47.84
C LYS BA 88 8.86 42.07 49.31
N SER BA 89 9.90 42.04 50.14
CA SER BA 89 9.70 41.85 51.57
C SER BA 89 8.90 42.99 52.17
N LEU BA 90 9.21 44.23 51.77
CA LEU BA 90 8.47 45.38 52.27
C LEU BA 90 7.02 45.35 51.80
N VAL BA 91 6.78 44.92 50.56
CA VAL BA 91 5.40 44.79 50.07
C VAL BA 91 4.64 43.73 50.85
N SER BA 92 5.28 42.58 51.09
CA SER BA 92 4.62 41.51 51.85
C SER BA 92 4.37 41.93 53.30
N LYS BA 93 5.32 42.63 53.91
CA LYS BA 93 5.17 43.10 55.28
C LYS BA 93 4.11 44.19 55.41
N GLY BA 94 3.62 44.75 54.30
CA GLY BA 94 2.74 45.88 54.35
C GLY BA 94 3.43 47.21 54.50
N THR BA 95 4.77 47.23 54.55
CA THR BA 95 5.49 48.49 54.67
C THR BA 95 5.28 49.37 53.44
N LEU BA 96 5.32 48.78 52.25
CA LEU BA 96 5.15 49.51 51.00
C LEU BA 96 3.89 49.07 50.29
N VAL BA 97 3.08 50.04 49.90
CA VAL BA 97 1.85 49.81 49.15
C VAL BA 97 2.15 49.93 47.67
N GLN BA 98 1.84 48.89 46.91
CA GLN BA 98 2.05 48.93 45.47
C GLN BA 98 0.89 49.67 44.80
N THR BA 99 1.21 50.78 44.14
CA THR BA 99 0.19 51.58 43.47
C THR BA 99 0.13 51.33 41.97
N LYS BA 100 1.22 50.86 41.37
CA LYS BA 100 1.26 50.54 39.96
C LYS BA 100 2.05 49.26 39.75
N GLY BA 101 1.76 48.58 38.64
CA GLY BA 101 2.48 47.39 38.26
C GLY BA 101 2.14 46.18 39.11
N THR BA 102 2.83 45.08 38.78
CA THR BA 102 2.73 43.83 39.51
C THR BA 102 4.14 43.33 39.82
N GLY BA 103 4.33 42.83 41.04
CA GLY BA 103 5.68 42.50 41.44
C GLY BA 103 6.46 43.76 41.82
N ALA BA 104 7.79 43.63 41.79
CA ALA BA 104 8.64 44.74 42.19
C ALA BA 104 8.84 45.77 41.09
N SER BA 105 8.48 45.46 39.84
CA SER BA 105 8.74 46.37 38.73
C SER BA 105 7.84 47.60 38.73
N GLY BA 106 6.79 47.62 39.55
CA GLY BA 106 5.88 48.74 39.58
C GLY BA 106 6.36 49.84 40.52
N SER BA 107 5.41 50.67 40.93
CA SER BA 107 5.68 51.79 41.81
C SER BA 107 5.07 51.54 43.19
N PHE BA 108 5.74 52.02 44.22
CA PHE BA 108 5.32 51.78 45.60
C PHE BA 108 5.38 53.08 46.39
N LYS BA 109 4.59 53.13 47.47
CA LYS BA 109 4.56 54.25 48.38
C LYS BA 109 4.69 53.74 49.80
N LEU BA 110 5.12 54.61 50.72
CA LEU BA 110 5.18 54.25 52.12
C LEU BA 110 3.76 54.11 52.67
N ASN BA 111 3.49 52.99 53.34
CA ASN BA 111 2.18 52.74 53.94
C ASN BA 111 2.17 53.34 55.34
N LYS BA 112 1.69 54.58 55.44
CA LYS BA 112 1.65 55.26 56.71
C LYS BA 112 0.68 54.63 57.69
N LYS BA 113 -0.24 53.79 57.23
CA LYS BA 113 -1.20 53.12 58.10
C LYS BA 113 -0.61 51.93 58.84
N ALA BA 114 0.15 51.06 58.15
CA ALA BA 114 0.70 49.87 58.77
C ALA BA 114 1.77 50.17 59.81
N SER BA 115 2.24 51.41 59.87
CA SER BA 115 3.20 51.81 60.89
C SER BA 115 2.57 51.94 62.27
N SER BA 116 1.23 51.87 62.37
CA SER BA 116 0.54 52.04 63.63
C SER BA 116 -0.44 50.92 63.95
N VAL BA 117 -0.41 49.81 63.21
CA VAL BA 117 -1.32 48.70 63.47
C VAL BA 117 -0.49 47.48 63.87
N GLU BA 118 0.66 47.72 64.50
CA GLU BA 118 1.50 46.61 64.94
C GLU BA 118 0.84 45.85 66.08
#